data_2CQJ
#
_entry.id   2CQJ
#
_cell.length_a   1.000
_cell.length_b   1.000
_cell.length_c   1.000
_cell.angle_alpha   90.00
_cell.angle_beta   90.00
_cell.angle_gamma   90.00
#
_symmetry.space_group_name_H-M   'P 1'
#
_entity_poly.entity_id   1
_entity_poly.type   'polypeptide(L)'
_entity_poly.pdbx_seq_one_letter_code
;GSSGSSGRRLPTVLLKLRMAQHLQAAVAFVEQGHVRVGPDVVTDPAFLVTRSMEDFVTWVDSSKISGPSSG
;
_entity_poly.pdbx_strand_id   A
#
# COMPACT_ATOMS: atom_id res chain seq x y z
N GLY A 1 17.50 -18.02 -0.16
CA GLY A 1 18.19 -17.61 -1.36
C GLY A 1 17.85 -18.47 -2.55
N SER A 2 16.56 -18.65 -2.82
CA SER A 2 16.10 -19.47 -3.93
C SER A 2 15.24 -18.65 -4.88
N SER A 3 14.93 -19.23 -6.03
CA SER A 3 14.11 -18.56 -7.03
C SER A 3 12.62 -18.78 -6.77
N GLY A 4 11.90 -17.69 -6.53
CA GLY A 4 10.47 -17.80 -6.26
C GLY A 4 9.78 -16.44 -6.28
N SER A 5 9.06 -16.14 -5.20
CA SER A 5 8.35 -14.86 -5.11
C SER A 5 8.46 -14.29 -3.70
N SER A 6 9.00 -13.08 -3.61
CA SER A 6 9.17 -12.42 -2.32
C SER A 6 8.16 -11.28 -2.15
N GLY A 7 7.02 -11.60 -1.55
CA GLY A 7 5.99 -10.60 -1.34
C GLY A 7 5.92 -10.12 0.09
N ARG A 8 5.35 -8.94 0.29
CA ARG A 8 5.23 -8.37 1.63
C ARG A 8 3.84 -7.77 1.85
N ARG A 9 3.46 -7.61 3.11
CA ARG A 9 2.15 -7.05 3.45
C ARG A 9 2.02 -5.63 2.93
N LEU A 10 0.83 -5.30 2.42
CA LEU A 10 0.57 -3.97 1.89
C LEU A 10 0.88 -2.89 2.93
N PRO A 11 0.48 -3.16 4.19
CA PRO A 11 0.71 -2.23 5.30
C PRO A 11 2.17 -1.83 5.43
N THR A 12 3.07 -2.81 5.30
CA THR A 12 4.50 -2.56 5.41
C THR A 12 5.00 -1.74 4.22
N VAL A 13 4.56 -2.10 3.02
CA VAL A 13 4.97 -1.39 1.82
C VAL A 13 4.50 0.06 1.84
N LEU A 14 3.34 0.29 2.42
CA LEU A 14 2.77 1.63 2.52
C LEU A 14 3.59 2.50 3.48
N LEU A 15 3.92 1.93 4.63
CA LEU A 15 4.71 2.65 5.63
C LEU A 15 6.07 3.04 5.07
N LYS A 16 6.69 2.14 4.33
CA LYS A 16 7.99 2.38 3.73
C LYS A 16 7.91 3.48 2.67
N LEU A 17 6.84 3.45 1.90
CA LEU A 17 6.64 4.44 0.84
C LEU A 17 6.03 5.72 1.41
N ARG A 18 6.16 5.91 2.72
CA ARG A 18 5.62 7.08 3.38
C ARG A 18 4.18 7.34 2.96
N MET A 19 3.47 6.27 2.62
CA MET A 19 2.07 6.38 2.20
C MET A 19 1.15 6.48 3.41
N ALA A 20 1.55 5.87 4.52
CA ALA A 20 0.75 5.91 5.73
C ALA A 20 1.57 6.47 6.90
N GLN A 21 0.89 6.69 8.02
CA GLN A 21 1.54 7.23 9.21
C GLN A 21 2.13 6.11 10.07
N HIS A 22 1.27 5.27 10.62
CA HIS A 22 1.72 4.17 11.46
C HIS A 22 1.13 2.85 10.96
N LEU A 23 1.62 1.75 11.52
CA LEU A 23 1.15 0.42 11.12
C LEU A 23 -0.37 0.33 11.20
N GLN A 24 -0.93 0.83 12.30
CA GLN A 24 -2.37 0.81 12.50
C GLN A 24 -3.09 1.63 11.42
N ALA A 25 -2.45 2.73 11.02
CA ALA A 25 -3.03 3.60 10.00
C ALA A 25 -3.07 2.90 8.64
N ALA A 26 -1.96 2.26 8.27
CA ALA A 26 -1.86 1.57 7.01
C ALA A 26 -2.83 0.39 6.95
N VAL A 27 -2.92 -0.36 8.06
CA VAL A 27 -3.81 -1.50 8.14
C VAL A 27 -5.27 -1.07 8.03
N ALA A 28 -5.63 -0.04 8.77
CA ALA A 28 -7.00 0.48 8.76
C ALA A 28 -7.39 0.92 7.36
N PHE A 29 -6.49 1.65 6.69
CA PHE A 29 -6.75 2.15 5.35
C PHE A 29 -7.05 1.00 4.39
N VAL A 30 -6.26 -0.06 4.48
CA VAL A 30 -6.45 -1.24 3.63
C VAL A 30 -7.81 -1.87 3.86
N GLU A 31 -8.24 -1.92 5.12
CA GLU A 31 -9.52 -2.51 5.47
C GLU A 31 -10.67 -1.65 4.95
N GLN A 32 -10.46 -0.33 4.91
CA GLN A 32 -11.48 0.58 4.43
C GLN A 32 -11.40 0.76 2.92
N GLY A 33 -10.64 -0.12 2.27
CA GLY A 33 -10.50 -0.05 0.83
C GLY A 33 -10.01 1.31 0.36
N HIS A 34 -8.99 1.83 1.03
CA HIS A 34 -8.44 3.14 0.68
C HIS A 34 -7.24 2.99 -0.25
N VAL A 35 -6.55 1.85 -0.14
CA VAL A 35 -5.38 1.58 -0.97
C VAL A 35 -5.62 0.38 -1.88
N ARG A 36 -5.14 0.48 -3.11
CA ARG A 36 -5.30 -0.60 -4.08
C ARG A 36 -3.97 -0.91 -4.78
N VAL A 37 -3.87 -2.11 -5.32
CA VAL A 37 -2.66 -2.53 -6.01
C VAL A 37 -2.95 -2.87 -7.48
N GLY A 38 -2.44 -2.04 -8.39
CA GLY A 38 -2.65 -2.29 -9.80
C GLY A 38 -4.12 -2.40 -10.15
N PRO A 39 -4.43 -3.21 -11.18
CA PRO A 39 -5.81 -3.42 -11.65
C PRO A 39 -6.63 -4.22 -10.64
N ASP A 40 -6.03 -4.54 -9.50
CA ASP A 40 -6.71 -5.29 -8.45
C ASP A 40 -6.75 -4.51 -7.15
N VAL A 41 -7.96 -4.33 -6.60
CA VAL A 41 -8.13 -3.61 -5.36
C VAL A 41 -8.06 -4.55 -4.16
N VAL A 42 -7.16 -4.25 -3.23
CA VAL A 42 -6.98 -5.07 -2.04
C VAL A 42 -7.71 -4.45 -0.85
N THR A 43 -8.37 -5.30 -0.07
CA THR A 43 -9.11 -4.84 1.10
C THR A 43 -8.46 -5.33 2.39
N ASP A 44 -7.69 -6.40 2.28
CA ASP A 44 -7.00 -6.96 3.45
C ASP A 44 -5.53 -6.56 3.46
N PRO A 45 -5.03 -6.22 4.65
CA PRO A 45 -3.63 -5.80 4.83
C PRO A 45 -2.66 -6.95 4.64
N ALA A 46 -3.09 -8.16 4.99
CA ALA A 46 -2.26 -9.35 4.85
C ALA A 46 -1.88 -9.58 3.39
N PHE A 47 -2.48 -8.82 2.49
CA PHE A 47 -2.21 -8.95 1.07
C PHE A 47 -0.72 -8.78 0.78
N LEU A 48 -0.14 -9.76 0.11
CA LEU A 48 1.28 -9.72 -0.23
C LEU A 48 1.51 -9.00 -1.56
N VAL A 49 2.54 -8.18 -1.60
CA VAL A 49 2.88 -7.43 -2.82
C VAL A 49 4.33 -7.64 -3.21
N THR A 50 4.58 -7.72 -4.52
CA THR A 50 5.93 -7.91 -5.03
C THR A 50 6.54 -6.59 -5.49
N ARG A 51 7.86 -6.48 -5.39
CA ARG A 51 8.57 -5.28 -5.80
C ARG A 51 7.95 -4.69 -7.07
N SER A 52 7.58 -5.57 -8.01
CA SER A 52 6.97 -5.13 -9.26
C SER A 52 5.64 -4.42 -9.00
N MET A 53 4.82 -5.00 -8.14
CA MET A 53 3.53 -4.43 -7.80
C MET A 53 3.69 -3.20 -6.91
N GLU A 54 4.73 -3.20 -6.10
CA GLU A 54 5.00 -2.08 -5.20
C GLU A 54 4.88 -0.75 -5.95
N ASP A 55 5.42 -0.70 -7.15
CA ASP A 55 5.38 0.51 -7.96
C ASP A 55 3.97 0.75 -8.51
N PHE A 56 3.18 -0.31 -8.58
CA PHE A 56 1.81 -0.22 -9.07
C PHE A 56 0.83 0.00 -7.92
N VAL A 57 1.28 0.71 -6.89
CA VAL A 57 0.44 0.98 -5.73
C VAL A 57 -0.16 2.38 -5.81
N THR A 58 -1.49 2.46 -5.79
CA THR A 58 -2.19 3.73 -5.85
C THR A 58 -3.39 3.75 -4.90
N TRP A 59 -3.82 4.95 -4.54
CA TRP A 59 -4.95 5.11 -3.63
C TRP A 59 -6.27 5.04 -4.40
N VAL A 60 -7.20 4.26 -3.89
CA VAL A 60 -8.50 4.10 -4.53
C VAL A 60 -9.03 5.44 -5.01
N ASP A 61 -9.05 6.43 -4.13
CA ASP A 61 -9.53 7.76 -4.47
C ASP A 61 -8.55 8.83 -4.00
N SER A 62 -7.71 9.31 -4.93
CA SER A 62 -6.73 10.33 -4.61
C SER A 62 -7.18 11.70 -5.11
N SER A 63 -8.49 11.93 -5.06
CA SER A 63 -9.05 13.21 -5.51
C SER A 63 -8.49 14.36 -4.69
N LYS A 64 -8.56 14.24 -3.36
CA LYS A 64 -8.06 15.28 -2.47
C LYS A 64 -6.55 15.36 -2.53
N ILE A 65 -5.89 14.21 -2.47
CA ILE A 65 -4.44 14.15 -2.53
C ILE A 65 -3.87 15.17 -3.52
N SER A 66 -2.90 15.95 -3.08
CA SER A 66 -2.29 16.96 -3.93
C SER A 66 -1.20 16.34 -4.81
N GLY A 67 -0.74 17.11 -5.80
CA GLY A 67 0.29 16.62 -6.70
C GLY A 67 0.10 17.13 -8.11
N PRO A 68 0.57 18.36 -8.37
CA PRO A 68 0.45 18.99 -9.69
C PRO A 68 1.36 18.33 -10.72
N SER A 69 2.26 17.47 -10.25
CA SER A 69 3.20 16.79 -11.12
C SER A 69 2.56 15.53 -11.73
N SER A 70 3.01 15.16 -12.92
CA SER A 70 2.47 13.98 -13.60
C SER A 70 3.59 13.18 -14.25
N GLY A 71 3.54 11.87 -14.09
CA GLY A 71 4.55 11.00 -14.66
C GLY A 71 4.91 9.83 -13.76
N GLY A 1 16.88 -25.48 1.28
CA GLY A 1 17.39 -24.66 0.19
C GLY A 1 17.02 -23.20 0.36
N SER A 2 17.40 -22.38 -0.62
CA SER A 2 17.11 -20.95 -0.57
C SER A 2 15.74 -20.66 -1.19
N SER A 3 15.03 -19.70 -0.61
CA SER A 3 13.71 -19.32 -1.10
C SER A 3 13.57 -17.80 -1.14
N GLY A 4 12.73 -17.33 -2.07
CA GLY A 4 12.52 -15.89 -2.20
C GLY A 4 11.08 -15.49 -1.90
N SER A 5 10.85 -15.04 -0.67
CA SER A 5 9.51 -14.63 -0.25
C SER A 5 8.84 -13.79 -1.34
N SER A 6 9.52 -12.75 -1.78
CA SER A 6 8.99 -11.87 -2.82
C SER A 6 7.54 -11.51 -2.52
N GLY A 7 7.23 -11.27 -1.25
CA GLY A 7 5.89 -10.92 -0.85
C GLY A 7 5.84 -10.20 0.47
N ARG A 8 5.49 -8.91 0.44
CA ARG A 8 5.40 -8.11 1.65
C ARG A 8 4.00 -7.55 1.84
N ARG A 9 3.57 -7.47 3.10
CA ARG A 9 2.24 -6.96 3.42
C ARG A 9 2.09 -5.51 2.94
N LEU A 10 0.90 -5.18 2.45
CA LEU A 10 0.62 -3.83 1.97
C LEU A 10 0.94 -2.79 3.04
N PRO A 11 0.57 -3.09 4.30
CA PRO A 11 0.80 -2.20 5.43
C PRO A 11 2.27 -1.80 5.56
N THR A 12 3.16 -2.77 5.37
CA THR A 12 4.59 -2.51 5.46
C THR A 12 5.07 -1.65 4.31
N VAL A 13 4.61 -1.97 3.09
CA VAL A 13 5.00 -1.23 1.91
C VAL A 13 4.54 0.23 2.00
N LEU A 14 3.39 0.44 2.61
CA LEU A 14 2.84 1.78 2.78
C LEU A 14 3.69 2.61 3.74
N LEU A 15 4.01 2.01 4.89
CA LEU A 15 4.81 2.68 5.90
C LEU A 15 6.20 3.03 5.36
N LYS A 16 6.76 2.13 4.56
CA LYS A 16 8.08 2.33 3.97
C LYS A 16 8.03 3.39 2.89
N LEU A 17 6.97 3.35 2.08
CA LEU A 17 6.81 4.32 1.00
C LEU A 17 6.28 5.66 1.53
N ARG A 18 6.27 5.80 2.85
CA ARG A 18 5.80 7.01 3.49
C ARG A 18 4.38 7.35 3.03
N MET A 19 3.64 6.33 2.62
CA MET A 19 2.27 6.51 2.17
C MET A 19 1.30 6.55 3.34
N ALA A 20 1.59 5.76 4.37
CA ALA A 20 0.75 5.71 5.56
C ALA A 20 1.48 6.28 6.77
N GLN A 21 0.73 6.55 7.84
CA GLN A 21 1.31 7.09 9.06
C GLN A 21 1.94 5.99 9.89
N HIS A 22 1.10 5.14 10.48
CA HIS A 22 1.59 4.03 11.31
C HIS A 22 0.93 2.71 10.90
N LEU A 23 1.36 1.63 11.53
CA LEU A 23 0.82 0.31 11.22
C LEU A 23 -0.70 0.30 11.33
N GLN A 24 -1.21 0.92 12.39
CA GLN A 24 -2.65 0.98 12.61
C GLN A 24 -3.33 1.76 11.50
N ALA A 25 -2.68 2.83 11.04
CA ALA A 25 -3.22 3.66 9.98
C ALA A 25 -3.23 2.93 8.65
N ALA A 26 -2.09 2.33 8.30
CA ALA A 26 -1.96 1.59 7.05
C ALA A 26 -2.90 0.39 7.02
N VAL A 27 -2.97 -0.33 8.14
CA VAL A 27 -3.84 -1.49 8.24
C VAL A 27 -5.30 -1.12 8.09
N ALA A 28 -5.70 -0.05 8.77
CA ALA A 28 -7.08 0.43 8.70
C ALA A 28 -7.44 0.88 7.28
N PHE A 29 -6.55 1.64 6.66
CA PHE A 29 -6.77 2.13 5.31
C PHE A 29 -6.99 0.97 4.34
N VAL A 30 -6.20 -0.08 4.50
CA VAL A 30 -6.31 -1.25 3.64
C VAL A 30 -7.67 -1.92 3.77
N GLU A 31 -8.07 -2.18 5.00
CA GLU A 31 -9.36 -2.82 5.27
C GLU A 31 -10.50 -1.88 4.90
N GLN A 32 -10.20 -0.59 4.79
CA GLN A 32 -11.21 0.40 4.44
C GLN A 32 -11.24 0.65 2.94
N GLY A 33 -10.64 -0.27 2.18
CA GLY A 33 -10.61 -0.14 0.73
C GLY A 33 -10.17 1.25 0.30
N HIS A 34 -9.37 1.91 1.13
CA HIS A 34 -8.88 3.24 0.81
C HIS A 34 -7.68 3.18 -0.14
N VAL A 35 -7.11 1.98 -0.28
CA VAL A 35 -5.96 1.78 -1.15
C VAL A 35 -6.16 0.57 -2.06
N ARG A 36 -5.74 0.69 -3.31
CA ARG A 36 -5.87 -0.38 -4.27
C ARG A 36 -4.52 -0.70 -4.93
N VAL A 37 -4.38 -1.93 -5.40
CA VAL A 37 -3.14 -2.36 -6.04
C VAL A 37 -3.39 -2.78 -7.49
N GLY A 38 -2.86 -2.01 -8.43
CA GLY A 38 -3.05 -2.32 -9.83
C GLY A 38 -4.50 -2.46 -10.22
N PRO A 39 -4.78 -3.32 -11.21
CA PRO A 39 -6.15 -3.56 -11.68
C PRO A 39 -6.99 -4.32 -10.66
N ASP A 40 -6.41 -4.57 -9.49
CA ASP A 40 -7.12 -5.28 -8.43
C ASP A 40 -7.21 -4.42 -7.17
N VAL A 41 -8.40 -4.38 -6.58
CA VAL A 41 -8.63 -3.60 -5.37
C VAL A 41 -8.38 -4.43 -4.12
N VAL A 42 -7.31 -4.10 -3.39
CA VAL A 42 -6.97 -4.82 -2.18
C VAL A 42 -7.76 -4.29 -0.98
N THR A 43 -8.36 -5.21 -0.22
CA THR A 43 -9.15 -4.84 0.95
C THR A 43 -8.63 -5.53 2.19
N ASP A 44 -7.38 -5.97 2.15
CA ASP A 44 -6.76 -6.64 3.29
C ASP A 44 -5.28 -6.31 3.39
N PRO A 45 -4.79 -6.11 4.62
CA PRO A 45 -3.39 -5.78 4.87
C PRO A 45 -2.46 -6.96 4.60
N ALA A 46 -2.97 -8.17 4.82
CA ALA A 46 -2.18 -9.38 4.59
C ALA A 46 -1.78 -9.50 3.13
N PHE A 47 -2.31 -8.63 2.29
CA PHE A 47 -2.01 -8.64 0.87
C PHE A 47 -0.50 -8.54 0.63
N LEU A 48 0.06 -9.53 -0.05
CA LEU A 48 1.49 -9.56 -0.34
C LEU A 48 1.79 -8.75 -1.60
N VAL A 49 2.89 -8.00 -1.56
CA VAL A 49 3.31 -7.18 -2.69
C VAL A 49 4.79 -7.37 -2.99
N THR A 50 5.10 -7.54 -4.27
CA THR A 50 6.49 -7.73 -4.70
C THR A 50 7.05 -6.48 -5.36
N ARG A 51 8.32 -6.51 -5.71
CA ARG A 51 8.97 -5.38 -6.36
C ARG A 51 8.17 -4.90 -7.57
N SER A 52 7.83 -5.84 -8.45
CA SER A 52 7.08 -5.52 -9.65
C SER A 52 5.69 -5.02 -9.29
N MET A 53 5.24 -5.31 -8.07
CA MET A 53 3.93 -4.88 -7.61
C MET A 53 4.04 -3.65 -6.72
N GLU A 54 5.25 -3.38 -6.24
CA GLU A 54 5.49 -2.22 -5.38
C GLU A 54 5.16 -0.93 -6.12
N ASP A 55 5.26 -0.96 -7.44
CA ASP A 55 4.98 0.22 -8.26
C ASP A 55 3.50 0.26 -8.65
N PHE A 56 2.81 -0.87 -8.48
CA PHE A 56 1.40 -0.95 -8.81
C PHE A 56 0.53 -0.54 -7.63
N VAL A 57 1.13 0.21 -6.71
CA VAL A 57 0.41 0.68 -5.52
C VAL A 57 -0.09 2.10 -5.69
N THR A 58 -1.40 2.29 -5.59
CA THR A 58 -2.01 3.60 -5.75
C THR A 58 -3.15 3.80 -4.75
N TRP A 59 -3.47 5.06 -4.47
CA TRP A 59 -4.54 5.38 -3.54
C TRP A 59 -5.89 5.37 -4.23
N VAL A 60 -6.88 4.75 -3.60
CA VAL A 60 -8.22 4.66 -4.16
C VAL A 60 -8.85 6.04 -4.27
N ASP A 61 -8.65 6.88 -3.27
CA ASP A 61 -9.20 8.22 -3.26
C ASP A 61 -8.15 9.24 -2.81
N SER A 62 -7.32 9.68 -3.75
CA SER A 62 -6.27 10.64 -3.45
C SER A 62 -6.81 12.07 -3.51
N SER A 63 -7.25 12.57 -2.36
CA SER A 63 -7.80 13.92 -2.27
C SER A 63 -6.82 14.86 -1.58
N LYS A 64 -5.88 15.40 -2.36
CA LYS A 64 -4.87 16.32 -1.82
C LYS A 64 -4.08 15.67 -0.70
N ILE A 65 -3.74 14.39 -0.89
CA ILE A 65 -2.98 13.65 0.10
C ILE A 65 -1.51 14.09 0.12
N SER A 66 -1.00 14.40 1.31
CA SER A 66 0.38 14.84 1.45
C SER A 66 1.33 13.92 0.67
N GLY A 67 1.13 12.62 0.83
CA GLY A 67 1.97 11.66 0.14
C GLY A 67 3.42 12.07 0.10
N PRO A 68 4.19 11.50 -0.84
CA PRO A 68 5.61 11.80 -1.00
C PRO A 68 5.85 13.20 -1.53
N SER A 69 6.98 13.80 -1.17
CA SER A 69 7.33 15.15 -1.61
C SER A 69 8.82 15.40 -1.48
N SER A 70 9.34 16.32 -2.27
CA SER A 70 10.75 16.66 -2.24
C SER A 70 11.61 15.40 -2.30
N GLY A 71 11.21 14.46 -3.14
CA GLY A 71 11.95 13.22 -3.28
C GLY A 71 11.46 12.37 -4.43
N GLY A 1 23.13 -16.25 4.57
CA GLY A 1 21.76 -16.25 5.06
C GLY A 1 20.84 -17.04 4.15
N SER A 2 19.83 -17.67 4.74
CA SER A 2 18.87 -18.47 3.98
C SER A 2 17.48 -17.86 4.05
N SER A 3 17.21 -16.89 3.19
CA SER A 3 15.91 -16.22 3.16
C SER A 3 15.14 -16.60 1.90
N GLY A 4 13.84 -16.34 1.92
CA GLY A 4 13.00 -16.65 0.77
C GLY A 4 11.64 -15.98 0.83
N SER A 5 11.65 -14.65 0.84
CA SER A 5 10.41 -13.88 0.90
C SER A 5 10.47 -12.67 -0.03
N SER A 6 9.67 -12.71 -1.09
CA SER A 6 9.63 -11.63 -2.06
C SER A 6 8.46 -10.68 -1.77
N GLY A 7 7.26 -11.26 -1.65
CA GLY A 7 6.08 -10.47 -1.38
C GLY A 7 5.99 -10.02 0.07
N ARG A 8 5.40 -8.86 0.30
CA ARG A 8 5.26 -8.33 1.65
C ARG A 8 3.86 -7.74 1.85
N ARG A 9 3.45 -7.63 3.11
CA ARG A 9 2.14 -7.10 3.45
C ARG A 9 2.00 -5.66 2.96
N LEU A 10 0.82 -5.32 2.46
CA LEU A 10 0.56 -3.98 1.95
C LEU A 10 0.86 -2.93 3.02
N PRO A 11 0.46 -3.22 4.27
CA PRO A 11 0.67 -2.32 5.40
C PRO A 11 2.13 -1.91 5.54
N THR A 12 3.03 -2.87 5.38
CA THR A 12 4.47 -2.61 5.50
C THR A 12 4.96 -1.76 4.34
N VAL A 13 4.51 -2.09 3.13
CA VAL A 13 4.92 -1.36 1.93
C VAL A 13 4.46 0.09 2.00
N LEU A 14 3.28 0.31 2.57
CA LEU A 14 2.74 1.66 2.70
C LEU A 14 3.56 2.48 3.69
N LEU A 15 3.88 1.90 4.84
CA LEU A 15 4.66 2.59 5.85
C LEU A 15 6.04 2.94 5.32
N LYS A 16 6.63 2.05 4.54
CA LYS A 16 7.94 2.26 3.96
C LYS A 16 7.88 3.30 2.84
N LEU A 17 6.80 3.27 2.08
CA LEU A 17 6.61 4.21 0.98
C LEU A 17 6.06 5.54 1.48
N ARG A 18 6.21 5.79 2.78
CA ARG A 18 5.74 7.02 3.38
C ARG A 18 4.30 7.32 2.94
N MET A 19 3.55 6.27 2.63
CA MET A 19 2.17 6.43 2.19
C MET A 19 1.22 6.39 3.39
N ALA A 20 1.70 5.83 4.50
CA ALA A 20 0.88 5.74 5.70
C ALA A 20 1.60 6.38 6.90
N GLN A 21 0.82 6.78 7.90
CA GLN A 21 1.38 7.41 9.09
C GLN A 21 1.99 6.38 10.02
N HIS A 22 1.17 5.42 10.45
CA HIS A 22 1.62 4.36 11.35
C HIS A 22 1.04 3.01 10.93
N LEU A 23 1.54 1.95 11.55
CA LEU A 23 1.08 0.60 11.24
C LEU A 23 -0.43 0.51 11.34
N GLN A 24 -0.98 1.01 12.44
CA GLN A 24 -2.42 0.99 12.66
C GLN A 24 -3.16 1.73 11.54
N ALA A 25 -2.55 2.82 11.07
CA ALA A 25 -3.15 3.63 10.01
C ALA A 25 -3.15 2.86 8.69
N ALA A 26 -2.01 2.27 8.34
CA ALA A 26 -1.89 1.51 7.11
C ALA A 26 -2.85 0.33 7.09
N VAL A 27 -2.95 -0.36 8.21
CA VAL A 27 -3.84 -1.51 8.33
C VAL A 27 -5.30 -1.11 8.16
N ALA A 28 -5.69 -0.04 8.86
CA ALA A 28 -7.06 0.46 8.79
C ALA A 28 -7.40 0.93 7.39
N PHE A 29 -6.46 1.60 6.74
CA PHE A 29 -6.66 2.10 5.38
C PHE A 29 -6.97 0.95 4.43
N VAL A 30 -6.22 -0.13 4.55
CA VAL A 30 -6.42 -1.30 3.69
C VAL A 30 -7.82 -1.87 3.86
N GLU A 31 -8.19 -2.13 5.12
CA GLU A 31 -9.50 -2.69 5.41
C GLU A 31 -10.62 -1.74 4.97
N GLN A 32 -10.33 -0.44 5.03
CA GLN A 32 -11.31 0.57 4.64
C GLN A 32 -11.28 0.79 3.13
N GLY A 33 -10.73 -0.17 2.41
CA GLY A 33 -10.64 -0.06 0.96
C GLY A 33 -10.23 1.33 0.51
N HIS A 34 -9.13 1.83 1.08
CA HIS A 34 -8.63 3.15 0.73
C HIS A 34 -7.45 3.05 -0.23
N VAL A 35 -6.75 1.92 -0.19
CA VAL A 35 -5.60 1.69 -1.06
C VAL A 35 -5.83 0.49 -1.97
N ARG A 36 -5.39 0.62 -3.22
CA ARG A 36 -5.55 -0.46 -4.20
C ARG A 36 -4.23 -0.74 -4.90
N VAL A 37 -4.09 -1.97 -5.41
CA VAL A 37 -2.87 -2.37 -6.11
C VAL A 37 -3.18 -2.76 -7.56
N GLY A 38 -2.70 -1.95 -8.49
CA GLY A 38 -2.93 -2.24 -9.90
C GLY A 38 -4.40 -2.39 -10.22
N PRO A 39 -4.71 -3.23 -11.23
CA PRO A 39 -6.09 -3.47 -11.66
C PRO A 39 -6.88 -4.26 -10.63
N ASP A 40 -6.26 -4.54 -9.49
CA ASP A 40 -6.91 -5.28 -8.41
C ASP A 40 -6.96 -4.46 -7.13
N VAL A 41 -8.15 -4.32 -6.56
CA VAL A 41 -8.33 -3.57 -5.33
C VAL A 41 -8.18 -4.47 -4.10
N VAL A 42 -7.17 -4.18 -3.29
CA VAL A 42 -6.91 -4.96 -2.08
C VAL A 42 -7.68 -4.39 -0.89
N THR A 43 -8.32 -5.27 -0.14
CA THR A 43 -9.09 -4.86 1.03
C THR A 43 -8.52 -5.47 2.31
N ASP A 44 -7.50 -6.31 2.16
CA ASP A 44 -6.86 -6.95 3.29
C ASP A 44 -5.39 -6.57 3.39
N PRO A 45 -4.93 -6.28 4.62
CA PRO A 45 -3.54 -5.89 4.87
C PRO A 45 -2.58 -7.05 4.68
N ALA A 46 -3.09 -8.27 4.83
CA ALA A 46 -2.26 -9.47 4.68
C ALA A 46 -1.84 -9.66 3.22
N PHE A 47 -2.39 -8.82 2.34
CA PHE A 47 -2.07 -8.90 0.92
C PHE A 47 -0.58 -8.75 0.69
N LEU A 48 0.01 -9.70 -0.04
CA LEU A 48 1.44 -9.66 -0.34
C LEU A 48 1.70 -8.88 -1.62
N VAL A 49 2.77 -8.08 -1.60
CA VAL A 49 3.14 -7.27 -2.76
C VAL A 49 4.62 -7.45 -3.10
N THR A 50 4.91 -7.56 -4.39
CA THR A 50 6.29 -7.73 -4.85
C THR A 50 6.84 -6.43 -5.40
N ARG A 51 8.16 -6.25 -5.29
CA ARG A 51 8.82 -5.05 -5.79
C ARG A 51 8.16 -4.57 -7.08
N SER A 52 7.91 -5.50 -7.98
CA SER A 52 7.28 -5.18 -9.27
C SER A 52 5.88 -4.65 -9.07
N MET A 53 5.13 -5.28 -8.17
CA MET A 53 3.76 -4.87 -7.88
C MET A 53 3.74 -3.62 -7.02
N GLU A 54 4.86 -3.34 -6.35
CA GLU A 54 4.97 -2.17 -5.49
C GLU A 54 4.81 -0.88 -6.29
N ASP A 55 5.37 -0.86 -7.48
CA ASP A 55 5.30 0.31 -8.36
C ASP A 55 3.86 0.53 -8.84
N PHE A 56 3.08 -0.56 -8.89
CA PHE A 56 1.70 -0.48 -9.33
C PHE A 56 0.76 -0.26 -8.15
N VAL A 57 1.23 0.49 -7.16
CA VAL A 57 0.44 0.78 -5.97
C VAL A 57 -0.10 2.21 -6.00
N THR A 58 -1.42 2.35 -5.94
CA THR A 58 -2.05 3.66 -5.95
C THR A 58 -3.25 3.71 -5.00
N TRP A 59 -3.61 4.91 -4.58
CA TRP A 59 -4.73 5.09 -3.67
C TRP A 59 -6.05 5.13 -4.44
N VAL A 60 -7.13 4.73 -3.77
CA VAL A 60 -8.45 4.72 -4.40
C VAL A 60 -8.93 6.14 -4.68
N ASP A 61 -9.11 6.92 -3.62
CA ASP A 61 -9.56 8.29 -3.77
C ASP A 61 -8.58 9.26 -3.11
N SER A 62 -7.83 9.98 -3.95
CA SER A 62 -6.84 10.94 -3.46
C SER A 62 -7.31 12.38 -3.70
N SER A 63 -8.56 12.64 -3.34
CA SER A 63 -9.13 13.98 -3.52
C SER A 63 -9.21 14.72 -2.19
N LYS A 64 -9.80 14.08 -1.20
CA LYS A 64 -9.95 14.67 0.13
C LYS A 64 -8.83 14.19 1.06
N ILE A 65 -8.62 12.88 1.10
CA ILE A 65 -7.59 12.31 1.95
C ILE A 65 -6.36 13.22 2.02
N SER A 66 -5.71 13.24 3.18
CA SER A 66 -4.52 14.08 3.36
C SER A 66 -3.35 13.52 2.57
N GLY A 67 -2.32 14.35 2.37
CA GLY A 67 -1.15 13.93 1.62
C GLY A 67 -0.38 15.11 1.06
N PRO A 68 0.37 15.80 1.94
CA PRO A 68 1.18 16.96 1.55
C PRO A 68 2.38 16.57 0.69
N SER A 69 2.92 15.38 0.95
CA SER A 69 4.07 14.89 0.21
C SER A 69 3.63 13.98 -0.93
N SER A 70 4.42 13.97 -2.01
CA SER A 70 4.10 13.14 -3.17
C SER A 70 2.69 13.41 -3.67
N GLY A 71 2.31 14.68 -3.73
CA GLY A 71 0.99 15.06 -4.18
C GLY A 71 0.89 16.52 -4.56
N GLY A 1 17.48 -16.46 -5.35
CA GLY A 1 16.77 -17.24 -6.34
C GLY A 1 15.42 -16.66 -6.68
N SER A 2 15.35 -15.93 -7.79
CA SER A 2 14.10 -15.31 -8.21
C SER A 2 12.93 -16.23 -7.98
N SER A 3 13.04 -17.47 -8.44
CA SER A 3 11.98 -18.45 -8.28
C SER A 3 11.35 -18.36 -6.89
N GLY A 4 10.07 -17.98 -6.86
CA GLY A 4 9.38 -17.85 -5.59
C GLY A 4 9.37 -16.43 -5.08
N SER A 5 8.20 -15.80 -5.10
CA SER A 5 8.06 -14.42 -4.63
C SER A 5 7.53 -14.39 -3.21
N SER A 6 8.39 -14.03 -2.26
CA SER A 6 8.01 -13.95 -0.86
C SER A 6 6.85 -12.99 -0.67
N GLY A 7 6.92 -11.83 -1.31
CA GLY A 7 5.86 -10.85 -1.19
C GLY A 7 5.83 -10.18 0.17
N ARG A 8 5.40 -8.93 0.20
CA ARG A 8 5.33 -8.17 1.45
C ARG A 8 3.93 -7.63 1.68
N ARG A 9 3.53 -7.54 2.95
CA ARG A 9 2.21 -7.04 3.30
C ARG A 9 2.03 -5.60 2.81
N LEU A 10 0.81 -5.28 2.39
CA LEU A 10 0.50 -3.93 1.91
C LEU A 10 0.80 -2.89 2.97
N PRO A 11 0.44 -3.20 4.23
CA PRO A 11 0.65 -2.30 5.37
C PRO A 11 2.11 -1.86 5.48
N THR A 12 3.02 -2.81 5.30
CA THR A 12 4.44 -2.52 5.38
C THR A 12 4.91 -1.66 4.22
N VAL A 13 4.46 -2.00 3.02
CA VAL A 13 4.82 -1.25 1.82
C VAL A 13 4.37 0.20 1.92
N LEU A 14 3.22 0.41 2.56
CA LEU A 14 2.68 1.76 2.72
C LEU A 14 3.52 2.57 3.70
N LEU A 15 3.84 1.97 4.85
CA LEU A 15 4.64 2.63 5.86
C LEU A 15 6.03 2.98 5.33
N LYS A 16 6.60 2.09 4.52
CA LYS A 16 7.91 2.31 3.94
C LYS A 16 7.84 3.35 2.81
N LEU A 17 6.75 3.31 2.06
CA LEU A 17 6.56 4.25 0.96
C LEU A 17 6.06 5.59 1.47
N ARG A 18 6.14 5.79 2.78
CA ARG A 18 5.69 7.03 3.39
C ARG A 18 4.27 7.39 2.93
N MET A 19 3.47 6.37 2.67
CA MET A 19 2.10 6.57 2.22
C MET A 19 1.13 6.55 3.41
N ALA A 20 1.57 5.95 4.50
CA ALA A 20 0.74 5.86 5.70
C ALA A 20 1.44 6.51 6.90
N GLN A 21 0.69 6.74 7.98
CA GLN A 21 1.24 7.35 9.18
C GLN A 21 1.89 6.30 10.07
N HIS A 22 1.09 5.33 10.52
CA HIS A 22 1.59 4.27 11.38
C HIS A 22 1.01 2.92 10.97
N LEU A 23 1.48 1.86 11.62
CA LEU A 23 1.00 0.51 11.33
C LEU A 23 -0.52 0.44 11.41
N GLN A 24 -1.07 0.99 12.48
CA GLN A 24 -2.52 0.99 12.68
C GLN A 24 -3.21 1.74 11.55
N ALA A 25 -2.62 2.85 11.12
CA ALA A 25 -3.19 3.65 10.05
C ALA A 25 -3.15 2.91 8.72
N ALA A 26 -1.99 2.33 8.40
CA ALA A 26 -1.82 1.59 7.16
C ALA A 26 -2.76 0.39 7.10
N VAL A 27 -2.88 -0.31 8.23
CA VAL A 27 -3.75 -1.49 8.30
C VAL A 27 -5.22 -1.09 8.12
N ALA A 28 -5.64 -0.08 8.86
CA ALA A 28 -7.02 0.40 8.78
C ALA A 28 -7.35 0.89 7.38
N PHE A 29 -6.43 1.65 6.79
CA PHE A 29 -6.62 2.19 5.45
C PHE A 29 -6.82 1.07 4.43
N VAL A 30 -5.99 0.03 4.54
CA VAL A 30 -6.07 -1.12 3.64
C VAL A 30 -7.44 -1.79 3.73
N GLU A 31 -7.85 -2.13 4.95
CA GLU A 31 -9.14 -2.77 5.17
C GLU A 31 -10.29 -1.85 4.79
N GLN A 32 -10.04 -0.54 4.85
CA GLN A 32 -11.05 0.45 4.51
C GLN A 32 -11.12 0.68 3.01
N GLY A 33 -10.53 -0.25 2.25
CA GLY A 33 -10.53 -0.13 0.81
C GLY A 33 -10.07 1.24 0.34
N HIS A 34 -9.21 1.88 1.12
CA HIS A 34 -8.69 3.20 0.78
C HIS A 34 -7.50 3.08 -0.16
N VAL A 35 -6.89 1.89 -0.20
CA VAL A 35 -5.74 1.66 -1.06
C VAL A 35 -5.98 0.46 -1.98
N ARG A 36 -5.57 0.60 -3.24
CA ARG A 36 -5.74 -0.47 -4.22
C ARG A 36 -4.42 -0.77 -4.93
N VAL A 37 -4.31 -1.98 -5.48
CA VAL A 37 -3.10 -2.39 -6.19
C VAL A 37 -3.41 -2.73 -7.64
N GLY A 38 -2.92 -1.91 -8.56
CA GLY A 38 -3.15 -2.14 -9.98
C GLY A 38 -4.62 -2.27 -10.30
N PRO A 39 -4.94 -3.09 -11.32
CA PRO A 39 -6.32 -3.31 -11.76
C PRO A 39 -7.13 -4.12 -10.75
N ASP A 40 -6.50 -4.43 -9.63
CA ASP A 40 -7.16 -5.20 -8.58
C ASP A 40 -7.21 -4.41 -7.27
N VAL A 41 -8.40 -4.31 -6.69
CA VAL A 41 -8.59 -3.58 -5.44
C VAL A 41 -8.42 -4.51 -4.24
N VAL A 42 -7.39 -4.25 -3.44
CA VAL A 42 -7.12 -5.06 -2.26
C VAL A 42 -7.71 -4.41 -1.01
N THR A 43 -8.38 -5.22 -0.19
CA THR A 43 -8.99 -4.73 1.04
C THR A 43 -8.52 -5.52 2.25
N ASP A 44 -7.26 -5.97 2.20
CA ASP A 44 -6.68 -6.74 3.29
C ASP A 44 -5.20 -6.42 3.45
N PRO A 45 -4.77 -6.24 4.71
CA PRO A 45 -3.37 -5.92 5.03
C PRO A 45 -2.44 -7.09 4.78
N ALA A 46 -2.99 -8.31 4.85
CA ALA A 46 -2.21 -9.51 4.63
C ALA A 46 -1.87 -9.68 3.15
N PHE A 47 -2.25 -8.70 2.34
CA PHE A 47 -1.98 -8.74 0.90
C PHE A 47 -0.48 -8.64 0.63
N LEU A 48 0.05 -9.63 -0.07
CA LEU A 48 1.48 -9.65 -0.41
C LEU A 48 1.75 -8.89 -1.70
N VAL A 49 2.81 -8.11 -1.72
CA VAL A 49 3.18 -7.34 -2.90
C VAL A 49 4.66 -7.50 -3.22
N THR A 50 4.94 -7.82 -4.48
CA THR A 50 6.32 -8.01 -4.92
C THR A 50 6.97 -6.69 -5.29
N ARG A 51 8.29 -6.62 -5.16
CA ARG A 51 9.04 -5.41 -5.48
C ARG A 51 8.53 -4.78 -6.78
N SER A 52 8.21 -5.64 -7.74
CA SER A 52 7.72 -5.17 -9.04
C SER A 52 6.26 -4.74 -8.95
N MET A 53 5.53 -5.36 -8.03
CA MET A 53 4.11 -5.03 -7.84
C MET A 53 3.95 -3.76 -7.02
N GLU A 54 4.93 -3.47 -6.16
CA GLU A 54 4.90 -2.29 -5.32
C GLU A 54 4.72 -1.03 -6.17
N ASP A 55 5.17 -1.09 -7.41
CA ASP A 55 5.06 0.04 -8.32
C ASP A 55 3.61 0.26 -8.75
N PHE A 56 2.82 -0.82 -8.71
CA PHE A 56 1.42 -0.74 -9.11
C PHE A 56 0.54 -0.46 -7.89
N VAL A 57 1.06 0.34 -6.96
CA VAL A 57 0.32 0.69 -5.75
C VAL A 57 -0.14 2.14 -5.80
N THR A 58 -1.45 2.34 -5.72
CA THR A 58 -2.03 3.68 -5.75
C THR A 58 -3.21 3.80 -4.79
N TRP A 59 -3.51 5.03 -4.39
CA TRP A 59 -4.63 5.28 -3.47
C TRP A 59 -5.94 5.39 -4.22
N VAL A 60 -6.97 4.72 -3.72
CA VAL A 60 -8.29 4.74 -4.34
C VAL A 60 -8.79 6.17 -4.51
N ASP A 61 -8.78 6.93 -3.42
CA ASP A 61 -9.24 8.31 -3.45
C ASP A 61 -8.09 9.27 -3.11
N SER A 62 -7.42 9.76 -4.15
CA SER A 62 -6.31 10.68 -3.97
C SER A 62 -6.64 12.06 -4.53
N SER A 63 -7.64 12.71 -3.93
CA SER A 63 -8.06 14.03 -4.38
C SER A 63 -7.63 15.09 -3.37
N LYS A 64 -7.81 14.80 -2.08
CA LYS A 64 -7.45 15.73 -1.02
C LYS A 64 -6.60 15.04 0.04
N ILE A 65 -5.40 14.61 -0.37
CA ILE A 65 -4.49 13.93 0.55
C ILE A 65 -3.50 14.92 1.17
N SER A 66 -2.80 15.65 0.31
CA SER A 66 -1.82 16.63 0.78
C SER A 66 -2.11 18.01 0.18
N GLY A 67 -1.82 19.05 0.95
CA GLY A 67 -2.05 20.41 0.49
C GLY A 67 -1.21 20.76 -0.72
N PRO A 68 -1.74 21.65 -1.58
CA PRO A 68 -1.05 22.08 -2.79
C PRO A 68 0.16 22.95 -2.48
N SER A 69 0.21 23.48 -1.26
CA SER A 69 1.32 24.34 -0.84
C SER A 69 1.70 24.06 0.61
N SER A 70 3.00 24.10 0.89
CA SER A 70 3.50 23.85 2.23
C SER A 70 2.58 24.48 3.28
N GLY A 71 2.33 23.73 4.36
CA GLY A 71 1.46 24.23 5.41
C GLY A 71 0.49 23.17 5.91
N GLY A 1 -4.06 -16.63 -7.83
CA GLY A 1 -3.74 -16.84 -6.43
C GLY A 1 -2.43 -16.18 -6.03
N SER A 2 -2.08 -16.29 -4.75
CA SER A 2 -0.84 -15.70 -4.25
C SER A 2 0.33 -16.66 -4.43
N SER A 3 1.01 -16.55 -5.56
CA SER A 3 2.15 -17.41 -5.85
C SER A 3 3.38 -16.58 -6.19
N GLY A 4 4.48 -16.81 -5.46
CA GLY A 4 5.70 -16.07 -5.70
C GLY A 4 6.87 -16.63 -4.91
N SER A 5 7.82 -15.76 -4.59
CA SER A 5 9.00 -16.17 -3.83
C SER A 5 9.09 -15.42 -2.51
N SER A 6 9.10 -14.09 -2.59
CA SER A 6 9.18 -13.25 -1.40
C SER A 6 8.20 -12.09 -1.48
N GLY A 7 7.17 -12.12 -0.64
CA GLY A 7 6.19 -11.06 -0.63
C GLY A 7 6.12 -10.32 0.70
N ARG A 8 5.61 -9.10 0.66
CA ARG A 8 5.50 -8.28 1.87
C ARG A 8 4.10 -7.72 2.03
N ARG A 9 3.64 -7.62 3.26
CA ARG A 9 2.30 -7.09 3.55
C ARG A 9 2.17 -5.66 3.06
N LEU A 10 0.99 -5.33 2.54
CA LEU A 10 0.74 -3.98 2.03
C LEU A 10 1.01 -2.93 3.11
N PRO A 11 0.59 -3.23 4.35
CA PRO A 11 0.78 -2.32 5.49
C PRO A 11 2.24 -1.92 5.67
N THR A 12 3.13 -2.90 5.54
CA THR A 12 4.56 -2.65 5.69
C THR A 12 5.10 -1.80 4.54
N VAL A 13 4.69 -2.14 3.32
CA VAL A 13 5.13 -1.40 2.14
C VAL A 13 4.64 0.04 2.17
N LEU A 14 3.41 0.23 2.66
CA LEU A 14 2.83 1.56 2.75
C LEU A 14 3.58 2.43 3.76
N LEU A 15 3.91 1.84 4.89
CA LEU A 15 4.64 2.56 5.95
C LEU A 15 6.04 2.94 5.48
N LYS A 16 6.65 2.07 4.68
CA LYS A 16 7.99 2.32 4.15
C LYS A 16 7.93 3.24 2.94
N LEU A 17 6.86 3.12 2.15
CA LEU A 17 6.69 3.93 0.96
C LEU A 17 6.16 5.32 1.33
N ARG A 18 6.21 5.64 2.61
CA ARG A 18 5.73 6.94 3.09
C ARG A 18 4.29 7.18 2.66
N MET A 19 3.55 6.10 2.46
CA MET A 19 2.15 6.20 2.05
C MET A 19 1.23 6.33 3.26
N ALA A 20 1.57 5.62 4.34
CA ALA A 20 0.79 5.67 5.56
C ALA A 20 1.58 6.28 6.71
N GLN A 21 0.90 6.54 7.83
CA GLN A 21 1.55 7.12 8.99
C GLN A 21 2.07 6.03 9.92
N HIS A 22 1.16 5.29 10.54
CA HIS A 22 1.53 4.22 11.46
C HIS A 22 0.92 2.90 11.01
N LEU A 23 1.36 1.81 11.64
CA LEU A 23 0.86 0.48 11.31
C LEU A 23 -0.66 0.44 11.37
N GLN A 24 -1.22 1.06 12.41
CA GLN A 24 -2.67 1.10 12.58
C GLN A 24 -3.33 1.86 11.43
N ALA A 25 -2.68 2.91 10.95
CA ALA A 25 -3.20 3.71 9.86
C ALA A 25 -3.16 2.94 8.55
N ALA A 26 -2.02 2.35 8.25
CA ALA A 26 -1.85 1.57 7.02
C ALA A 26 -2.80 0.37 6.99
N VAL A 27 -2.90 -0.32 8.13
CA VAL A 27 -3.76 -1.48 8.24
C VAL A 27 -5.24 -1.09 8.12
N ALA A 28 -5.62 -0.03 8.82
CA ALA A 28 -7.00 0.45 8.79
C ALA A 28 -7.39 0.90 7.39
N PHE A 29 -6.50 1.66 6.75
CA PHE A 29 -6.75 2.17 5.41
C PHE A 29 -7.00 1.02 4.43
N VAL A 30 -6.19 -0.03 4.53
CA VAL A 30 -6.32 -1.20 3.66
C VAL A 30 -7.70 -1.83 3.80
N GLU A 31 -8.09 -2.11 5.04
CA GLU A 31 -9.39 -2.72 5.31
C GLU A 31 -10.52 -1.76 4.96
N GLN A 32 -10.24 -0.46 5.04
CA GLN A 32 -11.23 0.55 4.73
C GLN A 32 -11.25 0.87 3.24
N GLY A 33 -10.79 -0.08 2.44
CA GLY A 33 -10.75 0.12 1.00
C GLY A 33 -10.28 1.51 0.62
N HIS A 34 -9.12 1.90 1.13
CA HIS A 34 -8.56 3.22 0.84
C HIS A 34 -7.41 3.11 -0.15
N VAL A 35 -6.76 1.95 -0.18
CA VAL A 35 -5.64 1.72 -1.08
C VAL A 35 -5.90 0.52 -1.99
N ARG A 36 -5.51 0.65 -3.26
CA ARG A 36 -5.71 -0.42 -4.23
C ARG A 36 -4.39 -0.76 -4.93
N VAL A 37 -4.31 -1.97 -5.45
CA VAL A 37 -3.11 -2.43 -6.15
C VAL A 37 -3.42 -2.79 -7.60
N GLY A 38 -2.89 -2.00 -8.53
CA GLY A 38 -3.12 -2.25 -9.94
C GLY A 38 -4.60 -2.31 -10.28
N PRO A 39 -4.94 -3.12 -11.29
CA PRO A 39 -6.33 -3.28 -11.74
C PRO A 39 -7.18 -4.04 -10.72
N ASP A 40 -6.58 -4.35 -9.58
CA ASP A 40 -7.30 -5.08 -8.53
C ASP A 40 -7.30 -4.26 -7.23
N VAL A 41 -8.48 -4.16 -6.62
CA VAL A 41 -8.63 -3.41 -5.38
C VAL A 41 -8.42 -4.31 -4.17
N VAL A 42 -7.33 -4.09 -3.45
CA VAL A 42 -7.01 -4.88 -2.27
C VAL A 42 -7.76 -4.35 -1.04
N THR A 43 -8.41 -5.26 -0.32
CA THR A 43 -9.16 -4.90 0.87
C THR A 43 -8.66 -5.66 2.10
N ASP A 44 -7.37 -6.02 2.08
CA ASP A 44 -6.78 -6.75 3.19
C ASP A 44 -5.29 -6.42 3.31
N PRO A 45 -4.84 -6.19 4.55
CA PRO A 45 -3.44 -5.86 4.84
C PRO A 45 -2.51 -7.05 4.61
N ALA A 46 -2.98 -8.25 4.92
CA ALA A 46 -2.19 -9.45 4.74
C ALA A 46 -1.77 -9.62 3.27
N PHE A 47 -2.35 -8.81 2.40
CA PHE A 47 -2.03 -8.87 0.98
C PHE A 47 -0.53 -8.74 0.76
N LEU A 48 0.04 -9.71 0.04
CA LEU A 48 1.47 -9.70 -0.26
C LEU A 48 1.77 -8.92 -1.53
N VAL A 49 2.80 -8.08 -1.48
CA VAL A 49 3.19 -7.28 -2.63
C VAL A 49 4.69 -7.35 -2.87
N THR A 50 5.08 -7.39 -4.14
CA THR A 50 6.49 -7.47 -4.51
C THR A 50 6.94 -6.20 -5.22
N ARG A 51 8.26 -6.05 -5.36
CA ARG A 51 8.82 -4.88 -6.02
C ARG A 51 8.02 -4.52 -7.27
N SER A 52 7.99 -5.44 -8.24
CA SER A 52 7.27 -5.22 -9.48
C SER A 52 5.84 -4.78 -9.21
N MET A 53 5.32 -5.16 -8.05
CA MET A 53 3.96 -4.81 -7.66
C MET A 53 3.94 -3.49 -6.88
N GLU A 54 5.07 -3.16 -6.27
CA GLU A 54 5.18 -1.92 -5.50
C GLU A 54 4.97 -0.70 -6.38
N ASP A 55 5.45 -0.80 -7.62
CA ASP A 55 5.31 0.30 -8.57
C ASP A 55 3.88 0.44 -9.05
N PHE A 56 3.07 -0.57 -8.78
CA PHE A 56 1.67 -0.56 -9.18
C PHE A 56 0.75 -0.31 -7.98
N VAL A 57 1.25 0.49 -7.04
CA VAL A 57 0.48 0.82 -5.84
C VAL A 57 -0.11 2.21 -5.94
N THR A 58 -1.44 2.31 -5.84
CA THR A 58 -2.13 3.59 -5.92
C THR A 58 -3.31 3.63 -4.95
N TRP A 59 -3.72 4.85 -4.60
CA TRP A 59 -4.85 5.03 -3.68
C TRP A 59 -6.17 4.95 -4.42
N VAL A 60 -7.19 4.40 -3.77
CA VAL A 60 -8.51 4.28 -4.36
C VAL A 60 -8.89 5.54 -5.13
N ASP A 61 -8.59 6.69 -4.55
CA ASP A 61 -8.89 7.98 -5.19
C ASP A 61 -7.61 8.71 -5.58
N SER A 62 -6.64 8.71 -4.66
CA SER A 62 -5.37 9.38 -4.91
C SER A 62 -5.58 10.87 -5.16
N SER A 63 -6.49 11.47 -4.40
CA SER A 63 -6.78 12.90 -4.55
C SER A 63 -6.19 13.69 -3.40
N LYS A 64 -6.52 13.30 -2.17
CA LYS A 64 -6.02 13.97 -0.98
C LYS A 64 -4.56 13.62 -0.72
N ILE A 65 -4.30 12.31 -0.60
CA ILE A 65 -2.93 11.84 -0.35
C ILE A 65 -1.90 12.72 -1.03
N SER A 66 -0.79 12.96 -0.35
CA SER A 66 0.27 13.80 -0.89
C SER A 66 1.62 13.07 -0.83
N GLY A 67 2.64 13.70 -1.41
CA GLY A 67 3.96 13.10 -1.40
C GLY A 67 5.01 14.01 -0.80
N PRO A 68 6.28 13.77 -1.15
CA PRO A 68 7.40 14.57 -0.64
C PRO A 68 7.41 15.98 -1.22
N SER A 69 7.03 16.95 -0.40
CA SER A 69 6.99 18.35 -0.82
C SER A 69 8.31 18.75 -1.47
N SER A 70 9.40 18.64 -0.71
CA SER A 70 10.72 19.00 -1.21
C SER A 70 10.90 18.53 -2.65
N GLY A 71 11.35 19.45 -3.51
CA GLY A 71 11.56 19.12 -4.90
C GLY A 71 10.36 19.46 -5.76
N GLY A 1 21.24 -4.21 4.77
CA GLY A 1 21.28 -5.59 4.32
C GLY A 1 20.41 -5.82 3.10
N SER A 2 19.97 -7.06 2.91
CA SER A 2 19.12 -7.41 1.78
C SER A 2 18.42 -8.74 2.02
N SER A 3 17.13 -8.80 1.69
CA SER A 3 16.34 -10.01 1.88
C SER A 3 15.48 -10.28 0.64
N GLY A 4 15.68 -11.44 0.03
CA GLY A 4 14.92 -11.80 -1.15
C GLY A 4 13.58 -12.43 -0.80
N SER A 5 12.69 -11.63 -0.23
CA SER A 5 11.37 -12.12 0.16
C SER A 5 10.48 -12.31 -1.06
N SER A 6 9.48 -13.17 -0.92
CA SER A 6 8.55 -13.46 -2.02
C SER A 6 7.22 -12.76 -1.79
N GLY A 7 7.27 -11.50 -1.39
CA GLY A 7 6.06 -10.74 -1.13
C GLY A 7 6.03 -10.14 0.26
N ARG A 8 5.41 -8.96 0.37
CA ARG A 8 5.31 -8.28 1.66
C ARG A 8 3.91 -7.70 1.86
N ARG A 9 3.50 -7.60 3.12
CA ARG A 9 2.19 -7.06 3.45
C ARG A 9 2.04 -5.63 2.95
N LEU A 10 0.86 -5.32 2.43
CA LEU A 10 0.58 -3.98 1.92
C LEU A 10 0.86 -2.91 2.98
N PRO A 11 0.45 -3.21 4.22
CA PRO A 11 0.65 -2.29 5.36
C PRO A 11 2.11 -1.87 5.51
N THR A 12 3.02 -2.82 5.35
CA THR A 12 4.45 -2.55 5.48
C THR A 12 4.94 -1.69 4.31
N VAL A 13 4.51 -2.04 3.10
CA VAL A 13 4.91 -1.31 1.91
C VAL A 13 4.39 0.12 1.94
N LEU A 14 3.20 0.30 2.51
CA LEU A 14 2.58 1.62 2.60
C LEU A 14 3.37 2.51 3.55
N LEU A 15 3.71 1.97 4.72
CA LEU A 15 4.47 2.72 5.71
C LEU A 15 5.86 3.05 5.21
N LYS A 16 6.49 2.08 4.54
CA LYS A 16 7.83 2.27 4.00
C LYS A 16 7.81 3.23 2.81
N LEU A 17 6.74 3.16 2.02
CA LEU A 17 6.60 4.02 0.85
C LEU A 17 6.04 5.39 1.25
N ARG A 18 6.20 5.74 2.52
CA ARG A 18 5.71 7.01 3.01
C ARG A 18 4.26 7.25 2.60
N MET A 19 3.55 6.16 2.34
CA MET A 19 2.15 6.26 1.92
C MET A 19 1.22 6.38 3.13
N ALA A 20 1.65 5.81 4.26
CA ALA A 20 0.86 5.85 5.48
C ALA A 20 1.69 6.39 6.64
N GLN A 21 1.10 6.40 7.83
CA GLN A 21 1.77 6.90 9.02
C GLN A 21 2.31 5.75 9.86
N HIS A 22 1.41 5.05 10.56
CA HIS A 22 1.80 3.93 11.40
C HIS A 22 1.11 2.65 10.94
N LEU A 23 1.50 1.53 11.52
CA LEU A 23 0.93 0.23 11.18
C LEU A 23 -0.60 0.27 11.28
N GLN A 24 -1.09 0.81 12.39
CA GLN A 24 -2.53 0.90 12.60
C GLN A 24 -3.19 1.75 11.51
N ALA A 25 -2.50 2.80 11.09
CA ALA A 25 -3.03 3.68 10.05
C ALA A 25 -3.04 2.99 8.69
N ALA A 26 -1.94 2.32 8.36
CA ALA A 26 -1.82 1.60 7.09
C ALA A 26 -2.81 0.44 7.03
N VAL A 27 -2.90 -0.30 8.14
CA VAL A 27 -3.79 -1.45 8.21
C VAL A 27 -5.25 -1.02 8.09
N ALA A 28 -5.61 0.04 8.80
CA ALA A 28 -6.97 0.56 8.77
C ALA A 28 -7.34 1.06 7.37
N PHE A 29 -6.36 1.65 6.69
CA PHE A 29 -6.58 2.18 5.35
C PHE A 29 -6.91 1.06 4.37
N VAL A 30 -6.15 -0.03 4.46
CA VAL A 30 -6.37 -1.18 3.59
C VAL A 30 -7.74 -1.80 3.79
N GLU A 31 -8.12 -1.97 5.05
CA GLU A 31 -9.41 -2.55 5.40
C GLU A 31 -10.55 -1.58 5.03
N GLN A 32 -10.24 -0.30 5.00
CA GLN A 32 -11.23 0.72 4.65
C GLN A 32 -11.26 0.98 3.15
N GLY A 33 -10.82 -0.01 2.38
CA GLY A 33 -10.81 0.13 0.94
C GLY A 33 -10.33 1.50 0.49
N HIS A 34 -9.17 1.91 0.98
CA HIS A 34 -8.61 3.21 0.63
C HIS A 34 -7.42 3.05 -0.31
N VAL A 35 -6.72 1.93 -0.19
CA VAL A 35 -5.57 1.65 -1.04
C VAL A 35 -5.81 0.45 -1.93
N ARG A 36 -5.51 0.61 -3.22
CA ARG A 36 -5.70 -0.46 -4.19
C ARG A 36 -4.38 -0.85 -4.83
N VAL A 37 -4.27 -2.12 -5.23
CA VAL A 37 -3.05 -2.61 -5.87
C VAL A 37 -3.30 -2.96 -7.34
N GLY A 38 -2.70 -2.16 -8.23
CA GLY A 38 -2.87 -2.40 -9.64
C GLY A 38 -4.32 -2.40 -10.07
N PRO A 39 -4.64 -3.21 -11.09
CA PRO A 39 -6.00 -3.31 -11.62
C PRO A 39 -6.94 -4.02 -10.64
N ASP A 40 -6.42 -4.34 -9.46
CA ASP A 40 -7.22 -5.02 -8.45
C ASP A 40 -7.23 -4.22 -7.14
N VAL A 41 -8.41 -4.08 -6.54
CA VAL A 41 -8.54 -3.34 -5.30
C VAL A 41 -8.39 -4.26 -4.09
N VAL A 42 -7.28 -4.09 -3.37
CA VAL A 42 -7.01 -4.91 -2.19
C VAL A 42 -7.63 -4.30 -0.94
N THR A 43 -8.34 -5.11 -0.18
CA THR A 43 -8.98 -4.65 1.05
C THR A 43 -8.35 -5.29 2.28
N ASP A 44 -7.53 -6.31 2.06
CA ASP A 44 -6.87 -7.01 3.15
C ASP A 44 -5.39 -6.60 3.24
N PRO A 45 -4.93 -6.32 4.47
CA PRO A 45 -3.55 -5.92 4.72
C PRO A 45 -2.56 -7.05 4.49
N ALA A 46 -2.93 -8.24 4.97
CA ALA A 46 -2.07 -9.42 4.81
C ALA A 46 -1.62 -9.59 3.36
N PHE A 47 -2.35 -8.96 2.45
CA PHE A 47 -2.04 -9.05 1.04
C PHE A 47 -0.55 -8.86 0.80
N LEU A 48 0.07 -9.81 0.10
CA LEU A 48 1.49 -9.75 -0.21
C LEU A 48 1.74 -9.08 -1.56
N VAL A 49 2.72 -8.19 -1.60
CA VAL A 49 3.07 -7.49 -2.83
C VAL A 49 4.57 -7.52 -3.08
N THR A 50 4.95 -7.73 -4.35
CA THR A 50 6.35 -7.78 -4.72
C THR A 50 6.86 -6.42 -5.16
N ARG A 51 8.12 -6.14 -4.87
CA ARG A 51 8.73 -4.87 -5.23
C ARG A 51 8.16 -4.36 -6.55
N SER A 52 8.51 -5.02 -7.64
CA SER A 52 8.05 -4.63 -8.97
C SER A 52 6.57 -4.29 -8.93
N MET A 53 5.81 -5.03 -8.13
CA MET A 53 4.37 -4.82 -8.02
C MET A 53 4.08 -3.55 -7.22
N GLU A 54 4.90 -3.30 -6.20
CA GLU A 54 4.73 -2.12 -5.36
C GLU A 54 4.52 -0.87 -6.21
N ASP A 55 5.26 -0.78 -7.30
CA ASP A 55 5.15 0.37 -8.20
C ASP A 55 3.71 0.56 -8.66
N PHE A 56 2.98 -0.54 -8.81
CA PHE A 56 1.58 -0.48 -9.24
C PHE A 56 0.65 -0.27 -8.05
N VAL A 57 1.12 0.47 -7.06
CA VAL A 57 0.33 0.75 -5.87
C VAL A 57 -0.22 2.17 -5.90
N THR A 58 -1.55 2.29 -5.84
CA THR A 58 -2.21 3.59 -5.87
C THR A 58 -3.41 3.61 -4.94
N TRP A 59 -3.82 4.80 -4.53
CA TRP A 59 -4.97 4.95 -3.64
C TRP A 59 -6.27 4.97 -4.43
N VAL A 60 -7.33 4.46 -3.82
CA VAL A 60 -8.63 4.42 -4.46
C VAL A 60 -9.14 5.82 -4.76
N ASP A 61 -9.24 6.65 -3.74
CA ASP A 61 -9.72 8.02 -3.89
C ASP A 61 -8.65 9.02 -3.43
N SER A 62 -7.84 9.49 -4.38
CA SER A 62 -6.78 10.45 -4.06
C SER A 62 -7.12 11.83 -4.63
N SER A 63 -7.94 12.58 -3.90
CA SER A 63 -8.34 13.91 -4.32
C SER A 63 -7.54 14.98 -3.58
N LYS A 64 -6.38 15.33 -4.11
CA LYS A 64 -5.52 16.33 -3.51
C LYS A 64 -5.11 15.92 -2.09
N ILE A 65 -4.81 14.64 -1.92
CA ILE A 65 -4.41 14.11 -0.62
C ILE A 65 -2.90 14.24 -0.43
N SER A 66 -2.46 14.14 0.82
CA SER A 66 -1.05 14.24 1.15
C SER A 66 -0.33 12.92 0.88
N GLY A 67 0.43 12.88 -0.21
CA GLY A 67 1.15 11.67 -0.57
C GLY A 67 2.63 11.92 -0.76
N PRO A 68 3.36 10.89 -1.23
CA PRO A 68 4.80 10.98 -1.47
C PRO A 68 5.13 11.88 -2.65
N SER A 69 5.52 13.11 -2.35
CA SER A 69 5.88 14.08 -3.40
C SER A 69 6.92 13.49 -4.34
N SER A 70 7.00 14.07 -5.55
CA SER A 70 7.95 13.60 -6.55
C SER A 70 9.38 13.94 -6.14
N GLY A 71 10.25 12.93 -6.14
CA GLY A 71 11.63 13.14 -5.76
C GLY A 71 12.44 11.86 -5.76
N GLY A 1 14.43 -10.05 -15.81
CA GLY A 1 14.24 -11.14 -14.89
C GLY A 1 13.46 -10.73 -13.65
N SER A 2 12.99 -11.71 -12.90
CA SER A 2 12.22 -11.46 -11.69
C SER A 2 13.12 -11.49 -10.45
N SER A 3 13.69 -10.34 -10.11
CA SER A 3 14.57 -10.23 -8.95
C SER A 3 13.90 -10.79 -7.70
N GLY A 4 14.60 -11.70 -7.02
CA GLY A 4 14.06 -12.30 -5.82
C GLY A 4 13.61 -11.26 -4.80
N SER A 5 12.30 -11.04 -4.72
CA SER A 5 11.75 -10.07 -3.78
C SER A 5 10.57 -10.66 -3.02
N SER A 6 10.87 -11.38 -1.94
CA SER A 6 9.83 -11.99 -1.12
C SER A 6 8.68 -11.03 -0.88
N GLY A 7 7.47 -11.47 -1.22
CA GLY A 7 6.30 -10.62 -1.04
C GLY A 7 6.17 -10.10 0.38
N ARG A 8 5.57 -8.93 0.52
CA ARG A 8 5.39 -8.32 1.83
C ARG A 8 3.98 -7.75 1.98
N ARG A 9 3.52 -7.63 3.23
CA ARG A 9 2.19 -7.10 3.50
C ARG A 9 2.08 -5.66 2.99
N LEU A 10 0.89 -5.32 2.50
CA LEU A 10 0.64 -3.97 1.99
C LEU A 10 0.92 -2.92 3.05
N PRO A 11 0.50 -3.20 4.30
CA PRO A 11 0.69 -2.29 5.42
C PRO A 11 2.16 -1.90 5.60
N THR A 12 3.05 -2.87 5.46
CA THR A 12 4.48 -2.63 5.62
C THR A 12 5.01 -1.78 4.46
N VAL A 13 4.60 -2.13 3.24
CA VAL A 13 5.03 -1.39 2.06
C VAL A 13 4.57 0.05 2.10
N LEU A 14 3.38 0.28 2.66
CA LEU A 14 2.83 1.62 2.77
C LEU A 14 3.62 2.45 3.77
N LEU A 15 3.95 1.85 4.91
CA LEU A 15 4.70 2.54 5.94
C LEU A 15 6.11 2.88 5.46
N LYS A 16 6.69 1.99 4.68
CA LYS A 16 8.04 2.20 4.14
C LYS A 16 8.01 3.18 2.98
N LEU A 17 6.93 3.14 2.19
CA LEU A 17 6.79 4.03 1.05
C LEU A 17 6.29 5.40 1.48
N ARG A 18 6.31 5.65 2.79
CA ARG A 18 5.86 6.92 3.33
C ARG A 18 4.43 7.22 2.88
N MET A 19 3.66 6.18 2.62
CA MET A 19 2.28 6.33 2.18
C MET A 19 1.35 6.51 3.37
N ALA A 20 1.67 5.84 4.47
CA ALA A 20 0.86 5.92 5.68
C ALA A 20 1.66 6.49 6.85
N GLN A 21 0.98 6.74 7.96
CA GLN A 21 1.64 7.30 9.15
C GLN A 21 2.14 6.18 10.05
N HIS A 22 1.20 5.42 10.62
CA HIS A 22 1.55 4.31 11.51
C HIS A 22 0.96 3.01 11.01
N LEU A 23 1.36 1.91 11.63
CA LEU A 23 0.87 0.58 11.25
C LEU A 23 -0.66 0.55 11.28
N GLN A 24 -1.23 1.04 12.38
CA GLN A 24 -2.68 1.07 12.53
C GLN A 24 -3.33 1.87 11.41
N ALA A 25 -2.66 2.93 10.98
CA ALA A 25 -3.18 3.78 9.92
C ALA A 25 -3.14 3.06 8.57
N ALA A 26 -2.03 2.37 8.31
CA ALA A 26 -1.86 1.64 7.06
C ALA A 26 -2.83 0.45 6.99
N VAL A 27 -2.97 -0.26 8.10
CA VAL A 27 -3.86 -1.42 8.16
C VAL A 27 -5.31 -0.99 7.97
N ALA A 28 -5.70 0.07 8.65
CA ALA A 28 -7.07 0.58 8.55
C ALA A 28 -7.40 1.01 7.12
N PHE A 29 -6.47 1.73 6.49
CA PHE A 29 -6.67 2.19 5.12
C PHE A 29 -6.88 1.02 4.18
N VAL A 30 -6.08 -0.02 4.35
CA VAL A 30 -6.19 -1.21 3.51
C VAL A 30 -7.56 -1.86 3.64
N GLU A 31 -7.96 -2.15 4.87
CA GLU A 31 -9.25 -2.77 5.13
C GLU A 31 -10.39 -1.83 4.78
N GLN A 32 -10.11 -0.53 4.79
CA GLN A 32 -11.10 0.47 4.47
C GLN A 32 -11.19 0.71 2.97
N GLY A 33 -10.54 -0.17 2.20
CA GLY A 33 -10.55 -0.05 0.76
C GLY A 33 -10.08 1.31 0.29
N HIS A 34 -9.16 1.92 1.05
CA HIS A 34 -8.62 3.23 0.71
C HIS A 34 -7.45 3.11 -0.25
N VAL A 35 -6.84 1.92 -0.29
CA VAL A 35 -5.71 1.67 -1.17
C VAL A 35 -5.95 0.46 -2.07
N ARG A 36 -5.50 0.54 -3.30
CA ARG A 36 -5.67 -0.55 -4.26
C ARG A 36 -4.36 -0.87 -4.98
N VAL A 37 -4.25 -2.09 -5.49
CA VAL A 37 -3.04 -2.52 -6.20
C VAL A 37 -3.36 -2.90 -7.63
N GLY A 38 -2.86 -2.12 -8.58
CA GLY A 38 -3.10 -2.39 -9.98
C GLY A 38 -4.58 -2.51 -10.31
N PRO A 39 -4.91 -3.34 -11.31
CA PRO A 39 -6.29 -3.55 -11.73
C PRO A 39 -7.10 -4.33 -10.70
N ASP A 40 -6.48 -4.61 -9.56
CA ASP A 40 -7.15 -5.34 -8.49
C ASP A 40 -7.19 -4.52 -7.21
N VAL A 41 -8.37 -4.41 -6.61
CA VAL A 41 -8.55 -3.64 -5.39
C VAL A 41 -8.35 -4.53 -4.16
N VAL A 42 -7.30 -4.23 -3.40
CA VAL A 42 -6.99 -5.00 -2.19
C VAL A 42 -7.72 -4.42 -0.98
N THR A 43 -8.36 -5.29 -0.21
CA THR A 43 -9.09 -4.88 0.98
C THR A 43 -8.62 -5.64 2.22
N ASP A 44 -7.35 -6.06 2.21
CA ASP A 44 -6.78 -6.79 3.33
C ASP A 44 -5.29 -6.49 3.46
N PRO A 45 -4.86 -6.22 4.71
CA PRO A 45 -3.46 -5.91 5.01
C PRO A 45 -2.55 -7.13 4.84
N ALA A 46 -3.14 -8.31 4.87
CA ALA A 46 -2.39 -9.55 4.72
C ALA A 46 -2.00 -9.78 3.26
N PHE A 47 -2.32 -8.82 2.40
CA PHE A 47 -2.00 -8.92 0.98
C PHE A 47 -0.51 -8.73 0.74
N LEU A 48 0.10 -9.70 0.07
CA LEU A 48 1.53 -9.64 -0.23
C LEU A 48 1.79 -8.88 -1.53
N VAL A 49 2.83 -8.05 -1.52
CA VAL A 49 3.18 -7.27 -2.70
C VAL A 49 4.64 -7.50 -3.10
N THR A 50 4.89 -7.52 -4.40
CA THR A 50 6.24 -7.74 -4.92
C THR A 50 6.83 -6.44 -5.45
N ARG A 51 8.14 -6.44 -5.66
CA ARG A 51 8.84 -5.26 -6.16
C ARG A 51 8.16 -4.72 -7.42
N SER A 52 7.75 -5.63 -8.29
CA SER A 52 7.09 -5.26 -9.54
C SER A 52 5.72 -4.65 -9.26
N MET A 53 5.17 -4.94 -8.09
CA MET A 53 3.87 -4.43 -7.70
C MET A 53 4.00 -3.17 -6.85
N GLU A 54 5.16 -3.02 -6.21
CA GLU A 54 5.42 -1.86 -5.37
C GLU A 54 5.19 -0.56 -6.15
N ASP A 55 5.27 -0.65 -7.47
CA ASP A 55 5.07 0.52 -8.32
C ASP A 55 3.62 0.63 -8.76
N PHE A 56 2.88 -0.47 -8.63
CA PHE A 56 1.48 -0.49 -9.03
C PHE A 56 0.57 -0.22 -7.82
N VAL A 57 1.10 0.52 -6.86
CA VAL A 57 0.35 0.86 -5.65
C VAL A 57 -0.19 2.28 -5.72
N THR A 58 -1.52 2.41 -5.63
CA THR A 58 -2.17 3.71 -5.69
C THR A 58 -3.33 3.79 -4.72
N TRP A 59 -3.72 5.00 -4.34
CA TRP A 59 -4.82 5.21 -3.42
C TRP A 59 -6.15 5.20 -4.16
N VAL A 60 -7.12 4.46 -3.61
CA VAL A 60 -8.44 4.36 -4.21
C VAL A 60 -9.05 5.74 -4.42
N ASP A 61 -9.12 6.52 -3.35
CA ASP A 61 -9.69 7.87 -3.42
C ASP A 61 -8.58 8.92 -3.52
N SER A 62 -7.56 8.77 -2.68
CA SER A 62 -6.45 9.71 -2.67
C SER A 62 -6.91 11.12 -2.32
N SER A 63 -7.96 11.20 -1.51
CA SER A 63 -8.51 12.49 -1.09
C SER A 63 -7.41 13.40 -0.56
N LYS A 64 -6.94 13.12 0.64
CA LYS A 64 -5.89 13.92 1.25
C LYS A 64 -4.55 13.70 0.55
N ILE A 65 -4.29 12.45 0.18
CA ILE A 65 -3.04 12.11 -0.51
C ILE A 65 -2.74 13.12 -1.62
N SER A 66 -1.59 13.79 -1.51
CA SER A 66 -1.17 14.77 -2.49
C SER A 66 -1.54 14.31 -3.90
N GLY A 67 -1.00 13.15 -4.30
CA GLY A 67 -1.28 12.62 -5.62
C GLY A 67 -0.02 12.39 -6.42
N PRO A 68 -0.16 11.78 -7.60
CA PRO A 68 0.97 11.48 -8.49
C PRO A 68 1.56 12.74 -9.11
N SER A 69 2.57 12.57 -9.96
CA SER A 69 3.22 13.69 -10.62
C SER A 69 2.24 14.42 -11.53
N SER A 70 1.71 13.71 -12.52
CA SER A 70 0.77 14.28 -13.47
C SER A 70 -0.46 14.82 -12.75
N GLY A 71 -0.67 16.13 -12.84
CA GLY A 71 -1.82 16.75 -12.19
C GLY A 71 -1.59 18.22 -11.89
N GLY A 1 21.10 -11.45 -3.48
CA GLY A 1 19.83 -11.45 -4.17
C GLY A 1 18.96 -12.64 -3.82
N SER A 2 17.74 -12.37 -3.37
CA SER A 2 16.82 -13.44 -2.99
C SER A 2 16.17 -14.07 -4.22
N SER A 3 16.23 -15.40 -4.30
CA SER A 3 15.66 -16.12 -5.42
C SER A 3 14.20 -16.48 -5.16
N GLY A 4 13.30 -15.52 -5.41
CA GLY A 4 11.89 -15.76 -5.18
C GLY A 4 11.33 -14.89 -4.07
N SER A 5 11.23 -13.59 -4.34
CA SER A 5 10.71 -12.66 -3.34
C SER A 5 9.23 -12.94 -3.06
N SER A 6 8.99 -13.73 -2.01
CA SER A 6 7.62 -14.09 -1.64
C SER A 6 6.70 -12.87 -1.75
N GLY A 7 6.96 -11.86 -0.94
CA GLY A 7 6.16 -10.65 -0.97
C GLY A 7 6.05 -10.00 0.40
N ARG A 8 5.55 -8.76 0.43
CA ARG A 8 5.40 -8.03 1.68
C ARG A 8 3.97 -7.51 1.83
N ARG A 9 3.51 -7.44 3.07
CA ARG A 9 2.16 -6.96 3.36
C ARG A 9 1.98 -5.52 2.88
N LEU A 10 0.77 -5.19 2.45
CA LEU A 10 0.47 -3.85 1.96
C LEU A 10 0.79 -2.81 3.03
N PRO A 11 0.43 -3.11 4.28
CA PRO A 11 0.67 -2.21 5.42
C PRO A 11 2.13 -1.78 5.51
N THR A 12 3.04 -2.73 5.32
CA THR A 12 4.47 -2.45 5.38
C THR A 12 4.91 -1.59 4.20
N VAL A 13 4.42 -1.92 3.01
CA VAL A 13 4.76 -1.19 1.80
C VAL A 13 4.35 0.28 1.92
N LEU A 14 3.21 0.52 2.56
CA LEU A 14 2.72 1.87 2.74
C LEU A 14 3.59 2.66 3.72
N LEU A 15 3.90 2.03 4.85
CA LEU A 15 4.73 2.67 5.86
C LEU A 15 6.12 2.97 5.33
N LYS A 16 6.61 2.10 4.46
CA LYS A 16 7.94 2.28 3.86
C LYS A 16 7.89 3.32 2.75
N LEU A 17 6.81 3.32 1.99
CA LEU A 17 6.64 4.27 0.89
C LEU A 17 6.13 5.61 1.41
N ARG A 18 6.26 5.83 2.71
CA ARG A 18 5.82 7.07 3.32
C ARG A 18 4.39 7.41 2.88
N MET A 19 3.62 6.39 2.55
CA MET A 19 2.24 6.58 2.12
C MET A 19 1.29 6.63 3.32
N ALA A 20 1.66 5.90 4.37
CA ALA A 20 0.85 5.87 5.58
C ALA A 20 1.60 6.44 6.78
N GLN A 21 0.91 6.59 7.90
CA GLN A 21 1.52 7.12 9.11
C GLN A 21 2.11 6.00 9.96
N HIS A 22 1.24 5.19 10.56
CA HIS A 22 1.68 4.08 11.40
C HIS A 22 1.06 2.77 10.94
N LEU A 23 1.45 1.68 11.57
CA LEU A 23 0.94 0.35 11.23
C LEU A 23 -0.59 0.32 11.32
N GLN A 24 -1.11 0.89 12.41
CA GLN A 24 -2.57 0.92 12.61
C GLN A 24 -3.24 1.72 11.52
N ALA A 25 -2.59 2.79 11.06
CA ALA A 25 -3.14 3.64 10.01
C ALA A 25 -3.16 2.91 8.67
N ALA A 26 -2.05 2.25 8.36
CA ALA A 26 -1.95 1.51 7.10
C ALA A 26 -2.91 0.33 7.06
N VAL A 27 -3.00 -0.38 8.18
CA VAL A 27 -3.89 -1.54 8.28
C VAL A 27 -5.35 -1.12 8.13
N ALA A 28 -5.75 -0.09 8.86
CA ALA A 28 -7.12 0.42 8.80
C ALA A 28 -7.48 0.87 7.39
N PHE A 29 -6.54 1.56 6.74
CA PHE A 29 -6.76 2.05 5.39
C PHE A 29 -7.04 0.90 4.43
N VAL A 30 -6.28 -0.18 4.57
CA VAL A 30 -6.45 -1.35 3.72
C VAL A 30 -7.85 -1.93 3.85
N GLU A 31 -8.29 -2.15 5.09
CA GLU A 31 -9.61 -2.70 5.35
C GLU A 31 -10.70 -1.72 4.93
N GLN A 32 -10.37 -0.43 4.96
CA GLN A 32 -11.33 0.61 4.59
C GLN A 32 -11.32 0.83 3.09
N GLY A 33 -10.77 -0.13 2.35
CA GLY A 33 -10.72 -0.02 0.90
C GLY A 33 -10.30 1.36 0.44
N HIS A 34 -9.28 1.91 1.07
CA HIS A 34 -8.78 3.24 0.73
C HIS A 34 -7.59 3.14 -0.22
N VAL A 35 -6.93 1.98 -0.22
CA VAL A 35 -5.77 1.76 -1.07
C VAL A 35 -5.98 0.54 -1.98
N ARG A 36 -5.49 0.63 -3.21
CA ARG A 36 -5.62 -0.45 -4.16
C ARG A 36 -4.28 -0.75 -4.84
N VAL A 37 -4.15 -1.97 -5.37
CA VAL A 37 -2.93 -2.37 -6.03
C VAL A 37 -3.19 -2.76 -7.49
N GLY A 38 -2.70 -1.94 -8.41
CA GLY A 38 -2.90 -2.20 -9.82
C GLY A 38 -4.36 -2.36 -10.19
N PRO A 39 -4.64 -3.19 -11.20
CA PRO A 39 -6.01 -3.45 -11.66
C PRO A 39 -6.83 -4.25 -10.66
N ASP A 40 -6.22 -4.53 -9.51
CA ASP A 40 -6.89 -5.28 -8.45
C ASP A 40 -6.97 -4.47 -7.16
N VAL A 41 -8.16 -4.40 -6.59
CA VAL A 41 -8.38 -3.65 -5.36
C VAL A 41 -8.19 -4.55 -4.14
N VAL A 42 -7.24 -4.19 -3.28
CA VAL A 42 -6.96 -4.96 -2.07
C VAL A 42 -7.69 -4.38 -0.87
N THR A 43 -8.43 -5.22 -0.17
CA THR A 43 -9.18 -4.79 1.01
C THR A 43 -8.62 -5.43 2.28
N ASP A 44 -7.48 -6.11 2.15
CA ASP A 44 -6.86 -6.76 3.29
C ASP A 44 -5.37 -6.40 3.36
N PRO A 45 -4.88 -6.18 4.59
CA PRO A 45 -3.47 -5.83 4.82
C PRO A 45 -2.53 -7.00 4.56
N ALA A 46 -2.97 -8.20 4.90
CA ALA A 46 -2.17 -9.40 4.69
C ALA A 46 -1.75 -9.53 3.23
N PHE A 47 -2.39 -8.75 2.37
CA PHE A 47 -2.08 -8.78 0.94
C PHE A 47 -0.58 -8.63 0.70
N LEU A 48 0.01 -9.58 -0.01
CA LEU A 48 1.44 -9.55 -0.31
C LEU A 48 1.71 -8.78 -1.59
N VAL A 49 2.76 -7.97 -1.60
CA VAL A 49 3.13 -7.19 -2.77
C VAL A 49 4.58 -7.42 -3.15
N THR A 50 4.83 -7.67 -4.43
CA THR A 50 6.18 -7.91 -4.92
C THR A 50 6.78 -6.64 -5.50
N ARG A 51 8.11 -6.63 -5.66
CA ARG A 51 8.81 -5.47 -6.20
C ARG A 51 8.09 -4.94 -7.44
N SER A 52 7.91 -5.80 -8.44
CA SER A 52 7.25 -5.42 -9.67
C SER A 52 5.84 -4.89 -9.39
N MET A 53 5.33 -5.18 -8.21
CA MET A 53 4.00 -4.73 -7.82
C MET A 53 4.08 -3.50 -6.90
N GLU A 54 5.25 -3.30 -6.30
CA GLU A 54 5.45 -2.17 -5.41
C GLU A 54 5.11 -0.86 -6.10
N ASP A 55 5.42 -0.77 -7.39
CA ASP A 55 5.14 0.43 -8.17
C ASP A 55 3.67 0.48 -8.57
N PHE A 56 3.02 -0.67 -8.57
CA PHE A 56 1.61 -0.76 -8.94
C PHE A 56 0.72 -0.41 -7.76
N VAL A 57 1.28 0.30 -6.79
CA VAL A 57 0.54 0.71 -5.60
C VAL A 57 -0.02 2.12 -5.74
N THR A 58 -1.35 2.23 -5.64
CA THR A 58 -2.01 3.53 -5.78
C THR A 58 -3.15 3.66 -4.77
N TRP A 59 -3.52 4.91 -4.47
CA TRP A 59 -4.60 5.16 -3.53
C TRP A 59 -5.95 5.10 -4.22
N VAL A 60 -6.89 4.39 -3.58
CA VAL A 60 -8.24 4.25 -4.14
C VAL A 60 -8.79 5.59 -4.59
N ASP A 61 -8.54 6.62 -3.80
CA ASP A 61 -9.02 7.97 -4.11
C ASP A 61 -7.94 9.00 -3.84
N SER A 62 -7.36 9.55 -4.90
CA SER A 62 -6.31 10.55 -4.77
C SER A 62 -6.68 11.82 -5.54
N SER A 63 -7.57 12.62 -4.96
CA SER A 63 -8.00 13.86 -5.60
C SER A 63 -7.29 15.06 -4.99
N LYS A 64 -6.12 15.39 -5.55
CA LYS A 64 -5.34 16.51 -5.06
C LYS A 64 -5.00 16.35 -3.58
N ILE A 65 -4.75 15.11 -3.18
CA ILE A 65 -4.41 14.81 -1.79
C ILE A 65 -2.91 14.96 -1.55
N SER A 66 -2.13 14.87 -2.62
CA SER A 66 -0.68 14.98 -2.53
C SER A 66 -0.23 16.41 -2.80
N GLY A 67 -0.07 17.17 -1.72
CA GLY A 67 0.36 18.56 -1.87
C GLY A 67 1.72 18.68 -2.53
N PRO A 68 2.38 19.84 -2.32
CA PRO A 68 3.70 20.10 -2.90
C PRO A 68 4.80 19.26 -2.26
N SER A 69 4.42 18.49 -1.23
CA SER A 69 5.36 17.64 -0.53
C SER A 69 6.21 16.84 -1.52
N SER A 70 7.52 16.81 -1.28
CA SER A 70 8.43 16.08 -2.15
C SER A 70 8.07 14.60 -2.21
N GLY A 71 7.49 14.18 -3.34
CA GLY A 71 7.11 12.79 -3.49
C GLY A 71 5.88 12.63 -4.36
N GLY A 1 14.25 -11.75 -15.21
CA GLY A 1 12.95 -12.40 -15.24
C GLY A 1 12.05 -11.94 -14.11
N SER A 2 12.15 -12.62 -12.96
CA SER A 2 11.34 -12.28 -11.80
C SER A 2 12.16 -11.54 -10.76
N SER A 3 11.67 -10.39 -10.32
CA SER A 3 12.37 -9.59 -9.32
C SER A 3 11.89 -9.94 -7.92
N GLY A 4 12.78 -10.55 -7.13
CA GLY A 4 12.44 -10.94 -5.78
C GLY A 4 11.92 -12.35 -5.69
N SER A 5 11.74 -12.84 -4.47
CA SER A 5 11.25 -14.20 -4.25
C SER A 5 9.88 -14.18 -3.59
N SER A 6 9.82 -13.57 -2.41
CA SER A 6 8.56 -13.48 -1.65
C SER A 6 8.06 -12.05 -1.60
N GLY A 7 6.83 -11.87 -1.13
CA GLY A 7 6.25 -10.54 -1.04
C GLY A 7 6.06 -10.10 0.40
N ARG A 8 5.63 -8.85 0.58
CA ARG A 8 5.42 -8.31 1.92
C ARG A 8 4.00 -7.75 2.05
N ARG A 9 3.53 -7.64 3.29
CA ARG A 9 2.20 -7.12 3.56
C ARG A 9 2.06 -5.69 3.05
N LEU A 10 0.87 -5.37 2.55
CA LEU A 10 0.59 -4.03 2.02
C LEU A 10 0.86 -2.96 3.07
N PRO A 11 0.44 -3.24 4.32
CA PRO A 11 0.62 -2.32 5.44
C PRO A 11 2.08 -1.88 5.61
N THR A 12 2.98 -2.85 5.48
CA THR A 12 4.41 -2.57 5.62
C THR A 12 4.92 -1.73 4.45
N VAL A 13 4.51 -2.10 3.24
CA VAL A 13 4.92 -1.38 2.04
C VAL A 13 4.42 0.05 2.05
N LEU A 14 3.21 0.24 2.58
CA LEU A 14 2.61 1.57 2.66
C LEU A 14 3.36 2.46 3.63
N LEU A 15 3.70 1.91 4.79
CA LEU A 15 4.43 2.66 5.80
C LEU A 15 5.83 3.04 5.30
N LYS A 16 6.42 2.16 4.50
CA LYS A 16 7.75 2.40 3.96
C LYS A 16 7.69 3.40 2.81
N LEU A 17 6.64 3.29 1.99
CA LEU A 17 6.46 4.19 0.85
C LEU A 17 5.89 5.53 1.30
N ARG A 18 5.89 5.76 2.60
CA ARG A 18 5.38 7.01 3.16
C ARG A 18 3.93 7.23 2.74
N MET A 19 3.21 6.14 2.50
CA MET A 19 1.82 6.22 2.08
C MET A 19 0.89 6.35 3.29
N ALA A 20 1.34 5.81 4.43
CA ALA A 20 0.56 5.85 5.66
C ALA A 20 1.38 6.44 6.80
N GLN A 21 0.76 6.53 7.97
CA GLN A 21 1.44 7.08 9.15
C GLN A 21 2.08 5.97 9.97
N HIS A 22 1.25 5.13 10.59
CA HIS A 22 1.75 4.03 11.40
C HIS A 22 1.13 2.70 10.95
N LEU A 23 1.60 1.61 11.55
CA LEU A 23 1.09 0.28 11.21
C LEU A 23 -0.43 0.24 11.32
N GLN A 24 -0.96 0.83 12.39
CA GLN A 24 -2.40 0.85 12.61
C GLN A 24 -3.10 1.65 11.52
N ALA A 25 -2.49 2.76 11.12
CA ALA A 25 -3.06 3.61 10.08
C ALA A 25 -3.07 2.90 8.73
N ALA A 26 -1.95 2.28 8.37
CA ALA A 26 -1.85 1.57 7.11
C ALA A 26 -2.83 0.41 7.05
N VAL A 27 -2.93 -0.32 8.15
CA VAL A 27 -3.84 -1.46 8.23
C VAL A 27 -5.30 -1.02 8.09
N ALA A 28 -5.66 0.04 8.81
CA ALA A 28 -7.02 0.57 8.76
C ALA A 28 -7.38 1.01 7.35
N PHE A 29 -6.43 1.64 6.67
CA PHE A 29 -6.64 2.12 5.31
C PHE A 29 -6.90 0.96 4.35
N VAL A 30 -6.15 -0.12 4.54
CA VAL A 30 -6.29 -1.31 3.70
C VAL A 30 -7.69 -1.91 3.82
N GLU A 31 -8.12 -2.15 5.06
CA GLU A 31 -9.43 -2.72 5.32
C GLU A 31 -10.53 -1.73 4.95
N GLN A 32 -10.23 -0.45 5.10
CA GLN A 32 -11.21 0.60 4.79
C GLN A 32 -11.25 0.89 3.30
N GLY A 33 -10.64 -0.01 2.51
CA GLY A 33 -10.63 0.17 1.07
C GLY A 33 -10.19 1.55 0.66
N HIS A 34 -9.04 1.99 1.18
CA HIS A 34 -8.51 3.31 0.86
C HIS A 34 -7.34 3.21 -0.13
N VAL A 35 -6.68 2.05 -0.13
CA VAL A 35 -5.56 1.83 -1.03
C VAL A 35 -5.81 0.63 -1.93
N ARG A 36 -5.45 0.76 -3.20
CA ARG A 36 -5.62 -0.33 -4.17
C ARG A 36 -4.32 -0.63 -4.89
N VAL A 37 -4.22 -1.84 -5.42
CA VAL A 37 -3.02 -2.27 -6.15
C VAL A 37 -3.35 -2.64 -7.60
N GLY A 38 -2.85 -1.82 -8.53
CA GLY A 38 -3.10 -2.09 -9.93
C GLY A 38 -4.58 -2.19 -10.25
N PRO A 39 -4.91 -3.01 -11.26
CA PRO A 39 -6.31 -3.21 -11.69
C PRO A 39 -7.12 -3.99 -10.65
N ASP A 40 -6.49 -4.30 -9.52
CA ASP A 40 -7.15 -5.04 -8.46
C ASP A 40 -7.17 -4.24 -7.17
N VAL A 41 -8.36 -4.13 -6.56
CA VAL A 41 -8.50 -3.37 -5.32
C VAL A 41 -8.31 -4.28 -4.10
N VAL A 42 -7.20 -4.08 -3.39
CA VAL A 42 -6.91 -4.88 -2.21
C VAL A 42 -7.58 -4.30 -0.97
N THR A 43 -8.27 -5.16 -0.23
CA THR A 43 -8.96 -4.74 0.98
C THR A 43 -8.48 -5.53 2.19
N ASP A 44 -7.28 -6.08 2.10
CA ASP A 44 -6.71 -6.87 3.19
C ASP A 44 -5.23 -6.54 3.37
N PRO A 45 -4.83 -6.30 4.63
CA PRO A 45 -3.44 -5.97 4.97
C PRO A 45 -2.51 -7.17 4.79
N ALA A 46 -3.07 -8.37 4.87
CA ALA A 46 -2.28 -9.58 4.71
C ALA A 46 -1.88 -9.79 3.26
N PHE A 47 -2.22 -8.84 2.40
CA PHE A 47 -1.90 -8.93 0.99
C PHE A 47 -0.40 -8.77 0.77
N LEU A 48 0.20 -9.74 0.09
CA LEU A 48 1.63 -9.71 -0.20
C LEU A 48 1.91 -8.96 -1.50
N VAL A 49 2.93 -8.11 -1.48
CA VAL A 49 3.31 -7.33 -2.65
C VAL A 49 4.81 -7.41 -2.90
N THR A 50 5.18 -7.54 -4.16
CA THR A 50 6.59 -7.62 -4.54
C THR A 50 7.08 -6.30 -5.13
N ARG A 51 8.40 -6.14 -5.20
CA ARG A 51 8.99 -4.93 -5.74
C ARG A 51 8.41 -4.61 -7.12
N SER A 52 8.12 -5.65 -7.89
CA SER A 52 7.56 -5.48 -9.23
C SER A 52 6.09 -5.11 -9.16
N MET A 53 5.45 -5.45 -8.04
CA MET A 53 4.04 -5.16 -7.85
C MET A 53 3.86 -3.84 -7.09
N GLU A 54 4.90 -3.43 -6.38
CA GLU A 54 4.85 -2.19 -5.61
C GLU A 54 4.69 -0.98 -6.54
N ASP A 55 5.29 -1.06 -7.72
CA ASP A 55 5.21 0.02 -8.69
C ASP A 55 3.78 0.22 -9.17
N PHE A 56 2.91 -0.73 -8.83
CA PHE A 56 1.52 -0.66 -9.23
C PHE A 56 0.62 -0.27 -8.05
N VAL A 57 1.20 0.48 -7.11
CA VAL A 57 0.45 0.91 -5.92
C VAL A 57 -0.12 2.31 -6.12
N THR A 58 -1.43 2.44 -5.97
CA THR A 58 -2.10 3.72 -6.13
C THR A 58 -3.22 3.88 -5.10
N TRP A 59 -3.59 5.14 -4.85
CA TRP A 59 -4.65 5.42 -3.89
C TRP A 59 -6.02 5.32 -4.54
N VAL A 60 -6.96 4.67 -3.85
CA VAL A 60 -8.31 4.50 -4.37
C VAL A 60 -8.81 5.77 -5.04
N ASP A 61 -8.69 6.89 -4.34
CA ASP A 61 -9.13 8.18 -4.86
C ASP A 61 -7.95 8.96 -5.45
N SER A 62 -6.89 9.10 -4.66
CA SER A 62 -5.70 9.81 -5.09
C SER A 62 -6.05 11.24 -5.52
N SER A 63 -6.85 11.92 -4.70
CA SER A 63 -7.26 13.28 -4.99
C SER A 63 -6.82 14.24 -3.88
N LYS A 64 -7.05 13.83 -2.64
CA LYS A 64 -6.66 14.65 -1.49
C LYS A 64 -5.38 14.13 -0.85
N ILE A 65 -4.43 13.73 -1.69
CA ILE A 65 -3.16 13.22 -1.20
C ILE A 65 -2.20 14.35 -0.84
N SER A 66 -2.66 15.26 0.03
CA SER A 66 -1.86 16.38 0.46
C SER A 66 -0.68 15.92 1.30
N GLY A 67 0.51 15.91 0.69
CA GLY A 67 1.70 15.50 1.40
C GLY A 67 2.93 16.28 0.99
N PRO A 68 3.83 16.53 1.95
CA PRO A 68 5.07 17.28 1.69
C PRO A 68 6.06 16.50 0.84
N SER A 69 5.92 15.18 0.85
CA SER A 69 6.81 14.32 0.08
C SER A 69 7.13 14.94 -1.28
N SER A 70 8.29 14.60 -1.83
CA SER A 70 8.71 15.13 -3.12
C SER A 70 9.03 13.99 -4.09
N GLY A 71 8.73 14.23 -5.36
CA GLY A 71 8.99 13.21 -6.38
C GLY A 71 7.72 12.62 -6.94
N GLY A 1 10.84 -19.01 1.41
CA GLY A 1 9.85 -19.33 0.40
C GLY A 1 9.96 -20.76 -0.08
N SER A 2 9.03 -21.60 0.35
CA SER A 2 9.02 -23.01 -0.03
C SER A 2 9.10 -23.15 -1.55
N SER A 3 8.33 -22.33 -2.26
CA SER A 3 8.30 -22.37 -3.72
C SER A 3 9.28 -21.36 -4.30
N GLY A 4 9.27 -20.14 -3.77
CA GLY A 4 10.16 -19.11 -4.25
C GLY A 4 10.48 -18.09 -3.19
N SER A 5 9.90 -16.90 -3.32
CA SER A 5 10.13 -15.82 -2.36
C SER A 5 8.86 -15.50 -1.58
N SER A 6 8.98 -14.59 -0.61
CA SER A 6 7.85 -14.20 0.21
C SER A 6 7.50 -12.73 0.00
N GLY A 7 6.28 -12.46 -0.43
CA GLY A 7 5.85 -11.10 -0.66
C GLY A 7 5.80 -10.27 0.62
N ARG A 8 5.60 -8.97 0.47
CA ARG A 8 5.54 -8.08 1.63
C ARG A 8 4.12 -7.53 1.82
N ARG A 9 3.68 -7.47 3.07
CA ARG A 9 2.35 -6.98 3.39
C ARG A 9 2.19 -5.53 2.92
N LEU A 10 1.00 -5.21 2.42
CA LEU A 10 0.71 -3.85 1.94
C LEU A 10 1.00 -2.82 3.03
N PRO A 11 0.60 -3.14 4.27
CA PRO A 11 0.80 -2.26 5.41
C PRO A 11 2.26 -1.86 5.60
N THR A 12 3.16 -2.83 5.44
CA THR A 12 4.58 -2.58 5.58
C THR A 12 5.11 -1.72 4.44
N VAL A 13 4.70 -2.05 3.22
CA VAL A 13 5.12 -1.30 2.04
C VAL A 13 4.61 0.13 2.08
N LEU A 14 3.41 0.31 2.62
CA LEU A 14 2.81 1.63 2.72
C LEU A 14 3.58 2.51 3.70
N LEU A 15 3.93 1.95 4.85
CA LEU A 15 4.68 2.68 5.86
C LEU A 15 6.03 3.14 5.32
N LYS A 16 6.70 2.26 4.59
CA LYS A 16 8.00 2.57 4.02
C LYS A 16 7.86 3.56 2.86
N LEU A 17 6.76 3.44 2.12
CA LEU A 17 6.50 4.32 0.99
C LEU A 17 5.90 5.64 1.45
N ARG A 18 6.04 5.94 2.74
CA ARG A 18 5.51 7.17 3.31
C ARG A 18 4.05 7.36 2.93
N MET A 19 3.36 6.25 2.65
CA MET A 19 1.95 6.29 2.28
C MET A 19 1.07 6.38 3.51
N ALA A 20 1.52 5.79 4.61
CA ALA A 20 0.77 5.81 5.86
C ALA A 20 1.61 6.36 7.00
N GLN A 21 0.97 6.63 8.13
CA GLN A 21 1.66 7.16 9.30
C GLN A 21 2.20 6.03 10.17
N HIS A 22 1.30 5.19 10.67
CA HIS A 22 1.69 4.07 11.51
C HIS A 22 1.05 2.77 11.03
N LEU A 23 1.49 1.65 11.59
CA LEU A 23 0.96 0.35 11.21
C LEU A 23 -0.56 0.33 11.29
N GLN A 24 -1.09 0.83 12.41
CA GLN A 24 -2.54 0.87 12.61
C GLN A 24 -3.22 1.68 11.52
N ALA A 25 -2.56 2.73 11.07
CA ALA A 25 -3.10 3.59 10.00
C ALA A 25 -3.08 2.87 8.66
N ALA A 26 -1.97 2.22 8.36
CA ALA A 26 -1.83 1.50 7.09
C ALA A 26 -2.80 0.33 7.03
N VAL A 27 -2.92 -0.40 8.13
CA VAL A 27 -3.83 -1.55 8.19
C VAL A 27 -5.28 -1.12 8.05
N ALA A 28 -5.65 -0.06 8.78
CA ALA A 28 -7.01 0.46 8.73
C ALA A 28 -7.38 0.90 7.32
N PHE A 29 -6.47 1.60 6.66
CA PHE A 29 -6.70 2.08 5.30
C PHE A 29 -6.96 0.92 4.35
N VAL A 30 -6.16 -0.14 4.49
CA VAL A 30 -6.29 -1.32 3.65
C VAL A 30 -7.69 -1.93 3.77
N GLU A 31 -8.09 -2.20 5.01
CA GLU A 31 -9.40 -2.78 5.27
C GLU A 31 -10.52 -1.82 4.88
N GLN A 32 -10.20 -0.53 4.89
CA GLN A 32 -11.18 0.50 4.54
C GLN A 32 -11.25 0.69 3.03
N GLY A 33 -10.64 -0.23 2.29
CA GLY A 33 -10.65 -0.14 0.84
C GLY A 33 -10.26 1.23 0.34
N HIS A 34 -9.23 1.81 0.96
CA HIS A 34 -8.76 3.14 0.58
C HIS A 34 -7.57 3.03 -0.38
N VAL A 35 -6.84 1.93 -0.28
CA VAL A 35 -5.68 1.71 -1.13
C VAL A 35 -5.89 0.49 -2.05
N ARG A 36 -5.58 0.67 -3.32
CA ARG A 36 -5.73 -0.41 -4.30
C ARG A 36 -4.41 -0.72 -4.99
N VAL A 37 -4.27 -1.95 -5.47
CA VAL A 37 -3.05 -2.37 -6.15
C VAL A 37 -3.34 -2.77 -7.59
N GLY A 38 -2.83 -1.99 -8.54
CA GLY A 38 -3.04 -2.28 -9.94
C GLY A 38 -4.52 -2.39 -10.29
N PRO A 39 -4.82 -3.24 -11.28
CA PRO A 39 -6.20 -3.46 -11.73
C PRO A 39 -7.04 -4.21 -10.71
N ASP A 40 -6.44 -4.48 -9.55
CA ASP A 40 -7.13 -5.20 -8.48
C ASP A 40 -7.17 -4.36 -7.21
N VAL A 41 -8.35 -4.26 -6.60
CA VAL A 41 -8.52 -3.50 -5.38
C VAL A 41 -8.29 -4.36 -4.15
N VAL A 42 -7.22 -4.07 -3.41
CA VAL A 42 -6.90 -4.82 -2.21
C VAL A 42 -7.66 -4.30 -1.00
N THR A 43 -8.30 -5.20 -0.26
CA THR A 43 -9.07 -4.83 0.91
C THR A 43 -8.57 -5.56 2.16
N ASP A 44 -7.31 -5.98 2.12
CA ASP A 44 -6.71 -6.70 3.24
C ASP A 44 -5.23 -6.34 3.38
N PRO A 45 -4.79 -6.11 4.63
CA PRO A 45 -3.40 -5.76 4.91
C PRO A 45 -2.45 -6.94 4.70
N ALA A 46 -2.93 -8.14 5.01
CA ALA A 46 -2.12 -9.34 4.84
C ALA A 46 -1.75 -9.56 3.38
N PHE A 47 -2.32 -8.74 2.50
CA PHE A 47 -2.05 -8.84 1.06
C PHE A 47 -0.55 -8.72 0.79
N LEU A 48 -0.01 -9.69 0.06
CA LEU A 48 1.41 -9.69 -0.27
C LEU A 48 1.68 -8.86 -1.52
N VAL A 49 2.76 -8.09 -1.49
CA VAL A 49 3.14 -7.25 -2.62
C VAL A 49 4.59 -7.49 -3.03
N THR A 50 4.80 -7.73 -4.32
CA THR A 50 6.14 -7.97 -4.84
C THR A 50 6.78 -6.69 -5.35
N ARG A 51 8.10 -6.69 -5.48
CA ARG A 51 8.83 -5.52 -5.95
C ARG A 51 8.13 -4.90 -7.16
N SER A 52 7.89 -5.72 -8.18
CA SER A 52 7.24 -5.26 -9.40
C SER A 52 5.81 -4.82 -9.11
N MET A 53 5.25 -5.32 -8.03
CA MET A 53 3.89 -4.98 -7.64
C MET A 53 3.87 -3.74 -6.74
N GLU A 54 5.04 -3.39 -6.21
CA GLU A 54 5.16 -2.23 -5.34
C GLU A 54 5.00 -0.93 -6.13
N ASP A 55 5.24 -1.01 -7.44
CA ASP A 55 5.13 0.15 -8.30
C ASP A 55 3.70 0.33 -8.79
N PHE A 56 2.89 -0.71 -8.63
CA PHE A 56 1.49 -0.68 -9.06
C PHE A 56 0.57 -0.35 -7.88
N VAL A 57 1.08 0.44 -6.93
CA VAL A 57 0.31 0.83 -5.76
C VAL A 57 -0.17 2.27 -5.88
N THR A 58 -1.49 2.45 -5.83
CA THR A 58 -2.08 3.77 -5.93
C THR A 58 -3.29 3.91 -5.00
N TRP A 59 -3.63 5.14 -4.66
CA TRP A 59 -4.75 5.41 -3.77
C TRP A 59 -6.07 5.44 -4.55
N VAL A 60 -7.11 4.86 -3.97
CA VAL A 60 -8.41 4.83 -4.62
C VAL A 60 -8.86 6.24 -5.03
N ASP A 61 -8.82 7.16 -4.08
CA ASP A 61 -9.21 8.54 -4.35
C ASP A 61 -8.04 9.50 -4.12
N SER A 62 -7.49 10.02 -5.21
CA SER A 62 -6.37 10.95 -5.12
C SER A 62 -6.71 12.29 -5.77
N SER A 63 -7.17 13.23 -4.95
CA SER A 63 -7.54 14.55 -5.44
C SER A 63 -6.75 15.64 -4.73
N LYS A 64 -5.66 16.08 -5.33
CA LYS A 64 -4.81 17.12 -4.76
C LYS A 64 -4.42 16.76 -3.33
N ILE A 65 -4.00 15.51 -3.13
CA ILE A 65 -3.60 15.04 -1.81
C ILE A 65 -2.30 15.71 -1.37
N SER A 66 -2.39 16.54 -0.33
CA SER A 66 -1.22 17.25 0.18
C SER A 66 -0.33 16.30 0.99
N GLY A 67 0.83 16.80 1.40
CA GLY A 67 1.76 15.99 2.16
C GLY A 67 3.13 15.93 1.53
N PRO A 68 3.94 14.94 1.94
CA PRO A 68 5.30 14.74 1.42
C PRO A 68 5.30 14.28 -0.03
N SER A 69 5.87 15.09 -0.91
CA SER A 69 5.94 14.78 -2.33
C SER A 69 7.30 14.18 -2.68
N SER A 70 7.29 13.16 -3.54
CA SER A 70 8.52 12.51 -3.96
C SER A 70 8.64 12.49 -5.48
N GLY A 71 7.59 12.01 -6.14
CA GLY A 71 7.59 11.95 -7.59
C GLY A 71 6.57 10.98 -8.13
N GLY A 1 17.43 -12.23 -2.20
CA GLY A 1 16.21 -13.01 -2.11
C GLY A 1 16.29 -14.13 -1.09
N SER A 2 15.15 -14.55 -0.57
CA SER A 2 15.11 -15.61 0.44
C SER A 2 14.35 -16.82 -0.10
N SER A 3 14.43 -17.93 0.63
CA SER A 3 13.76 -19.16 0.22
C SER A 3 12.70 -19.56 1.25
N GLY A 4 11.44 -19.27 0.93
CA GLY A 4 10.35 -19.60 1.83
C GLY A 4 9.18 -18.65 1.70
N SER A 5 9.45 -17.36 1.80
CA SER A 5 8.41 -16.35 1.69
C SER A 5 8.58 -15.52 0.42
N SER A 6 7.48 -14.97 -0.08
CA SER A 6 7.50 -14.15 -1.29
C SER A 6 6.54 -12.98 -1.17
N GLY A 7 7.06 -11.77 -1.37
CA GLY A 7 6.23 -10.58 -1.29
C GLY A 7 6.16 -10.02 0.12
N ARG A 8 5.54 -8.86 0.27
CA ARG A 8 5.40 -8.21 1.57
C ARG A 8 4.00 -7.64 1.75
N ARG A 9 3.57 -7.53 2.99
CA ARG A 9 2.25 -6.99 3.30
C ARG A 9 2.11 -5.55 2.81
N LEU A 10 0.91 -5.20 2.37
CA LEU A 10 0.65 -3.86 1.87
C LEU A 10 0.94 -2.80 2.94
N PRO A 11 0.54 -3.10 4.18
CA PRO A 11 0.74 -2.21 5.31
C PRO A 11 2.21 -1.82 5.49
N THR A 12 3.10 -2.78 5.33
CA THR A 12 4.53 -2.54 5.47
C THR A 12 5.06 -1.69 4.32
N VAL A 13 4.63 -2.02 3.10
CA VAL A 13 5.05 -1.29 1.92
C VAL A 13 4.62 0.17 1.99
N LEU A 14 3.45 0.40 2.57
CA LEU A 14 2.91 1.75 2.70
C LEU A 14 3.72 2.55 3.70
N LEU A 15 4.05 1.94 4.84
CA LEU A 15 4.82 2.60 5.88
C LEU A 15 6.19 3.01 5.37
N LYS A 16 6.84 2.10 4.64
CA LYS A 16 8.16 2.38 4.08
C LYS A 16 8.08 3.38 2.93
N LEU A 17 7.00 3.29 2.16
CA LEU A 17 6.79 4.19 1.03
C LEU A 17 6.25 5.54 1.50
N ARG A 18 6.33 5.78 2.81
CA ARG A 18 5.85 7.03 3.38
C ARG A 18 4.42 7.33 2.93
N MET A 19 3.69 6.28 2.57
CA MET A 19 2.31 6.43 2.11
C MET A 19 1.36 6.59 3.31
N ALA A 20 1.61 5.83 4.36
CA ALA A 20 0.79 5.90 5.56
C ALA A 20 1.55 6.52 6.72
N GLN A 21 0.90 6.57 7.88
CA GLN A 21 1.52 7.15 9.07
C GLN A 21 2.12 6.06 9.96
N HIS A 22 1.25 5.23 10.54
CA HIS A 22 1.70 4.14 11.41
C HIS A 22 1.14 2.81 10.94
N LEU A 23 1.44 1.74 11.67
CA LEU A 23 0.96 0.41 11.34
C LEU A 23 -0.57 0.36 11.36
N GLN A 24 -1.14 0.85 12.45
CA GLN A 24 -2.59 0.86 12.60
C GLN A 24 -3.26 1.63 11.47
N ALA A 25 -2.61 2.71 11.04
CA ALA A 25 -3.13 3.54 9.96
C ALA A 25 -3.11 2.79 8.63
N ALA A 26 -1.97 2.19 8.32
CA ALA A 26 -1.82 1.44 7.08
C ALA A 26 -2.83 0.29 7.00
N VAL A 27 -3.01 -0.41 8.12
CA VAL A 27 -3.94 -1.53 8.18
C VAL A 27 -5.37 -1.05 8.01
N ALA A 28 -5.72 0.03 8.71
CA ALA A 28 -7.07 0.58 8.64
C ALA A 28 -7.39 1.04 7.22
N PHE A 29 -6.45 1.74 6.60
CA PHE A 29 -6.64 2.24 5.24
C PHE A 29 -6.92 1.09 4.28
N VAL A 30 -6.16 0.01 4.41
CA VAL A 30 -6.33 -1.15 3.55
C VAL A 30 -7.68 -1.81 3.77
N GLU A 31 -8.09 -1.90 5.02
CA GLU A 31 -9.37 -2.52 5.37
C GLU A 31 -10.53 -1.66 4.86
N GLN A 32 -10.36 -0.34 4.90
CA GLN A 32 -11.38 0.58 4.44
C GLN A 32 -11.31 0.76 2.93
N GLY A 33 -10.69 -0.19 2.25
CA GLY A 33 -10.56 -0.11 0.80
C GLY A 33 -10.16 1.27 0.34
N HIS A 34 -9.12 1.83 0.96
CA HIS A 34 -8.64 3.16 0.60
C HIS A 34 -7.48 3.07 -0.38
N VAL A 35 -6.81 1.92 -0.40
CA VAL A 35 -5.68 1.69 -1.29
C VAL A 35 -5.87 0.44 -2.13
N ARG A 36 -5.45 0.51 -3.39
CA ARG A 36 -5.58 -0.62 -4.30
C ARG A 36 -4.25 -0.93 -4.98
N VAL A 37 -4.11 -2.16 -5.46
CA VAL A 37 -2.88 -2.58 -6.13
C VAL A 37 -3.15 -2.95 -7.58
N GLY A 38 -2.63 -2.13 -8.50
CA GLY A 38 -2.83 -2.39 -9.91
C GLY A 38 -4.29 -2.50 -10.29
N PRO A 39 -4.59 -3.33 -11.31
CA PRO A 39 -5.96 -3.56 -11.78
C PRO A 39 -6.79 -4.33 -10.78
N ASP A 40 -6.22 -4.62 -9.62
CA ASP A 40 -6.91 -5.36 -8.57
C ASP A 40 -6.97 -4.55 -7.28
N VAL A 41 -8.15 -4.50 -6.67
CA VAL A 41 -8.34 -3.76 -5.43
C VAL A 41 -8.11 -4.66 -4.22
N VAL A 42 -7.25 -4.20 -3.32
CA VAL A 42 -6.94 -4.96 -2.11
C VAL A 42 -7.64 -4.36 -0.89
N THR A 43 -8.17 -5.23 -0.03
CA THR A 43 -8.86 -4.79 1.17
C THR A 43 -8.21 -5.37 2.42
N ASP A 44 -7.55 -6.51 2.26
CA ASP A 44 -6.89 -7.16 3.38
C ASP A 44 -5.45 -6.65 3.55
N PRO A 45 -5.09 -6.30 4.79
CA PRO A 45 -3.75 -5.79 5.10
C PRO A 45 -2.67 -6.87 4.98
N ALA A 46 -3.10 -8.13 4.98
CA ALA A 46 -2.17 -9.24 4.87
C ALA A 46 -1.85 -9.54 3.42
N PHE A 47 -2.31 -8.66 2.52
CA PHE A 47 -2.07 -8.84 1.09
C PHE A 47 -0.59 -8.64 0.76
N LEU A 48 0.02 -9.66 0.18
CA LEU A 48 1.43 -9.59 -0.18
C LEU A 48 1.61 -8.95 -1.56
N VAL A 49 2.63 -8.11 -1.68
CA VAL A 49 2.91 -7.44 -2.94
C VAL A 49 4.35 -7.65 -3.38
N THR A 50 4.56 -7.81 -4.68
CA THR A 50 5.90 -8.02 -5.23
C THR A 50 6.56 -6.70 -5.58
N ARG A 51 7.88 -6.64 -5.41
CA ARG A 51 8.65 -5.44 -5.72
C ARG A 51 8.15 -4.81 -7.02
N SER A 52 7.57 -5.62 -7.89
CA SER A 52 7.06 -5.14 -9.16
C SER A 52 5.73 -4.41 -8.99
N MET A 53 4.86 -4.98 -8.16
CA MET A 53 3.55 -4.39 -7.91
C MET A 53 3.67 -3.19 -6.98
N GLU A 54 4.70 -3.21 -6.13
CA GLU A 54 4.92 -2.12 -5.18
C GLU A 54 4.78 -0.77 -5.86
N ASP A 55 5.27 -0.68 -7.09
CA ASP A 55 5.19 0.56 -7.86
C ASP A 55 3.77 0.79 -8.38
N PHE A 56 3.04 -0.29 -8.56
CA PHE A 56 1.66 -0.21 -9.05
C PHE A 56 0.68 0.02 -7.90
N VAL A 57 1.17 0.64 -6.82
CA VAL A 57 0.34 0.92 -5.66
C VAL A 57 -0.23 2.33 -5.72
N THR A 58 -1.55 2.44 -5.67
CA THR A 58 -2.22 3.73 -5.72
C THR A 58 -3.40 3.77 -4.76
N TRP A 59 -3.80 4.98 -4.37
CA TRP A 59 -4.92 5.15 -3.46
C TRP A 59 -6.24 5.15 -4.21
N VAL A 60 -7.18 4.32 -3.76
CA VAL A 60 -8.49 4.21 -4.39
C VAL A 60 -9.02 5.60 -4.77
N ASP A 61 -9.37 6.38 -3.76
CA ASP A 61 -9.89 7.72 -3.99
C ASP A 61 -9.11 8.76 -3.18
N SER A 62 -8.09 9.33 -3.81
CA SER A 62 -7.25 10.34 -3.15
C SER A 62 -7.30 11.66 -3.90
N SER A 63 -8.47 11.98 -4.45
CA SER A 63 -8.65 13.22 -5.20
C SER A 63 -8.51 14.44 -4.28
N LYS A 64 -9.38 14.51 -3.27
CA LYS A 64 -9.36 15.62 -2.32
C LYS A 64 -8.00 15.72 -1.64
N ILE A 65 -7.37 14.57 -1.43
CA ILE A 65 -6.06 14.53 -0.78
C ILE A 65 -5.08 15.50 -1.45
N SER A 66 -4.42 16.31 -0.63
CA SER A 66 -3.46 17.29 -1.14
C SER A 66 -3.98 17.94 -2.42
N GLY A 67 -5.26 18.32 -2.40
CA GLY A 67 -5.85 18.96 -3.56
C GLY A 67 -5.42 20.40 -3.71
N PRO A 68 -6.08 21.13 -4.62
CA PRO A 68 -5.77 22.54 -4.89
C PRO A 68 -6.15 23.45 -3.72
N SER A 69 -6.87 22.88 -2.75
CA SER A 69 -7.30 23.65 -1.58
C SER A 69 -6.23 24.64 -1.15
N SER A 70 -6.57 25.92 -1.12
CA SER A 70 -5.63 26.96 -0.72
C SER A 70 -6.23 27.84 0.37
N GLY A 71 -5.45 28.08 1.42
CA GLY A 71 -5.90 28.89 2.53
C GLY A 71 -5.21 28.56 3.82
N GLY A 1 13.10 -12.70 5.90
CA GLY A 1 13.23 -14.13 6.05
C GLY A 1 13.71 -14.82 4.79
N SER A 2 12.98 -14.59 3.70
CA SER A 2 13.33 -15.20 2.41
C SER A 2 14.33 -14.32 1.65
N SER A 3 15.35 -14.95 1.09
CA SER A 3 16.37 -14.23 0.34
C SER A 3 15.80 -13.66 -0.96
N GLY A 4 15.86 -12.34 -1.10
CA GLY A 4 15.34 -11.71 -2.30
C GLY A 4 13.90 -11.25 -2.14
N SER A 5 13.40 -10.53 -3.12
CA SER A 5 12.03 -10.04 -3.09
C SER A 5 11.04 -11.14 -3.45
N SER A 6 10.12 -11.42 -2.53
CA SER A 6 9.12 -12.46 -2.75
C SER A 6 7.71 -11.90 -2.56
N GLY A 7 7.52 -11.18 -1.46
CA GLY A 7 6.22 -10.60 -1.17
C GLY A 7 6.09 -10.11 0.25
N ARG A 8 5.50 -8.93 0.42
CA ARG A 8 5.33 -8.34 1.74
C ARG A 8 3.93 -7.75 1.90
N ARG A 9 3.47 -7.64 3.15
CA ARG A 9 2.16 -7.09 3.43
C ARG A 9 2.04 -5.66 2.93
N LEU A 10 0.85 -5.29 2.46
CA LEU A 10 0.62 -3.95 1.94
C LEU A 10 0.93 -2.90 3.01
N PRO A 11 0.53 -3.18 4.26
CA PRO A 11 0.76 -2.27 5.39
C PRO A 11 2.22 -1.89 5.53
N THR A 12 3.11 -2.87 5.37
CA THR A 12 4.53 -2.64 5.50
C THR A 12 5.05 -1.80 4.33
N VAL A 13 4.62 -2.13 3.12
CA VAL A 13 5.03 -1.42 1.93
C VAL A 13 4.60 0.04 2.00
N LEU A 14 3.44 0.30 2.59
CA LEU A 14 2.92 1.65 2.72
C LEU A 14 3.77 2.47 3.69
N LEU A 15 4.07 1.88 4.84
CA LEU A 15 4.87 2.56 5.87
C LEU A 15 6.26 2.89 5.32
N LYS A 16 6.78 2.02 4.47
CA LYS A 16 8.11 2.22 3.88
C LYS A 16 8.03 3.23 2.73
N LEU A 17 6.94 3.20 1.98
CA LEU A 17 6.74 4.10 0.86
C LEU A 17 6.21 5.45 1.34
N ARG A 18 6.41 5.75 2.61
CA ARG A 18 5.94 6.99 3.19
C ARG A 18 4.50 7.29 2.77
N MET A 19 3.74 6.24 2.52
CA MET A 19 2.35 6.38 2.10
C MET A 19 1.42 6.36 3.31
N ALA A 20 1.91 5.83 4.42
CA ALA A 20 1.11 5.74 5.64
C ALA A 20 1.89 6.29 6.84
N GLN A 21 1.17 6.64 7.89
CA GLN A 21 1.79 7.18 9.10
C GLN A 21 2.31 6.05 10.00
N HIS A 22 1.39 5.20 10.44
CA HIS A 22 1.74 4.08 11.31
C HIS A 22 1.07 2.79 10.83
N LEU A 23 1.48 1.67 11.42
CA LEU A 23 0.92 0.37 11.06
C LEU A 23 -0.61 0.39 11.16
N GLN A 24 -1.11 0.95 12.26
CA GLN A 24 -2.55 1.03 12.47
C GLN A 24 -3.23 1.83 11.37
N ALA A 25 -2.56 2.90 10.93
CA ALA A 25 -3.10 3.74 9.87
C ALA A 25 -3.12 3.01 8.54
N ALA A 26 -2.02 2.34 8.22
CA ALA A 26 -1.92 1.59 6.97
C ALA A 26 -2.89 0.42 6.96
N VAL A 27 -2.98 -0.30 8.08
CA VAL A 27 -3.87 -1.45 8.19
C VAL A 27 -5.32 -1.03 8.03
N ALA A 28 -5.71 0.05 8.71
CA ALA A 28 -7.07 0.56 8.64
C ALA A 28 -7.42 0.98 7.22
N PHE A 29 -6.50 1.67 6.56
CA PHE A 29 -6.71 2.13 5.19
C PHE A 29 -7.03 0.97 4.27
N VAL A 30 -6.25 -0.11 4.40
CA VAL A 30 -6.44 -1.30 3.56
C VAL A 30 -7.83 -1.89 3.76
N GLU A 31 -8.23 -2.03 5.03
CA GLU A 31 -9.54 -2.59 5.34
C GLU A 31 -10.66 -1.63 4.93
N GLN A 32 -10.34 -0.34 4.90
CA GLN A 32 -11.31 0.68 4.52
C GLN A 32 -11.37 0.84 3.00
N GLY A 33 -10.72 -0.07 2.29
CA GLY A 33 -10.72 -0.02 0.84
C GLY A 33 -10.29 1.34 0.31
N HIS A 34 -9.25 1.91 0.94
CA HIS A 34 -8.75 3.22 0.53
C HIS A 34 -7.52 3.06 -0.37
N VAL A 35 -6.89 1.90 -0.30
CA VAL A 35 -5.70 1.63 -1.10
C VAL A 35 -5.89 0.40 -1.98
N ARG A 36 -5.39 0.47 -3.21
CA ARG A 36 -5.52 -0.64 -4.15
C ARG A 36 -4.19 -0.90 -4.86
N VAL A 37 -4.04 -2.12 -5.38
CA VAL A 37 -2.82 -2.50 -6.08
C VAL A 37 -3.11 -2.85 -7.53
N GLY A 38 -2.64 -2.01 -8.45
CA GLY A 38 -2.87 -2.26 -9.86
C GLY A 38 -4.33 -2.43 -10.20
N PRO A 39 -4.62 -3.25 -11.22
CA PRO A 39 -5.99 -3.53 -11.66
C PRO A 39 -6.78 -4.35 -10.66
N ASP A 40 -6.16 -4.64 -9.51
CA ASP A 40 -6.79 -5.41 -8.47
C ASP A 40 -6.86 -4.62 -7.17
N VAL A 41 -8.04 -4.55 -6.58
CA VAL A 41 -8.25 -3.82 -5.33
C VAL A 41 -8.06 -4.74 -4.12
N VAL A 42 -7.26 -4.29 -3.17
CA VAL A 42 -7.00 -5.07 -1.96
C VAL A 42 -7.74 -4.49 -0.76
N THR A 43 -8.42 -5.37 -0.02
CA THR A 43 -9.18 -4.94 1.16
C THR A 43 -8.59 -5.54 2.43
N ASP A 44 -7.64 -6.46 2.27
CA ASP A 44 -7.01 -7.11 3.40
C ASP A 44 -5.54 -6.70 3.51
N PRO A 45 -5.12 -6.36 4.74
CA PRO A 45 -3.73 -5.94 5.01
C PRO A 45 -2.74 -7.08 4.87
N ALA A 46 -3.26 -8.31 4.84
CA ALA A 46 -2.42 -9.49 4.72
C ALA A 46 -2.03 -9.74 3.26
N PHE A 47 -2.37 -8.79 2.40
CA PHE A 47 -2.05 -8.90 0.98
C PHE A 47 -0.56 -8.73 0.74
N LEU A 48 0.03 -9.67 0.01
CA LEU A 48 1.45 -9.64 -0.29
C LEU A 48 1.71 -8.88 -1.59
N VAL A 49 2.76 -8.06 -1.60
CA VAL A 49 3.11 -7.29 -2.78
C VAL A 49 4.60 -7.42 -3.10
N THR A 50 4.92 -7.51 -4.39
CA THR A 50 6.30 -7.64 -4.83
C THR A 50 6.83 -6.32 -5.37
N ARG A 51 8.15 -6.15 -5.32
CA ARG A 51 8.79 -4.93 -5.81
C ARG A 51 8.16 -4.49 -7.13
N SER A 52 7.63 -5.44 -7.89
CA SER A 52 7.01 -5.16 -9.17
C SER A 52 5.66 -4.47 -8.98
N MET A 53 4.91 -4.93 -7.98
CA MET A 53 3.60 -4.37 -7.70
C MET A 53 3.72 -3.12 -6.82
N GLU A 54 4.79 -3.06 -6.04
CA GLU A 54 5.03 -1.92 -5.16
C GLU A 54 4.87 -0.61 -5.91
N ASP A 55 5.25 -0.62 -7.19
CA ASP A 55 5.16 0.58 -8.02
C ASP A 55 3.74 0.78 -8.54
N PHE A 56 2.96 -0.31 -8.54
CA PHE A 56 1.58 -0.26 -9.01
C PHE A 56 0.62 0.01 -7.85
N VAL A 57 1.14 0.64 -6.80
CA VAL A 57 0.33 0.96 -5.63
C VAL A 57 -0.23 2.37 -5.71
N THR A 58 -1.56 2.47 -5.68
CA THR A 58 -2.22 3.78 -5.76
C THR A 58 -3.44 3.82 -4.85
N TRP A 59 -3.86 5.02 -4.48
CA TRP A 59 -5.02 5.21 -3.60
C TRP A 59 -6.31 5.18 -4.41
N VAL A 60 -7.32 4.51 -3.87
CA VAL A 60 -8.61 4.40 -4.54
C VAL A 60 -9.05 5.75 -5.11
N ASP A 61 -8.54 6.83 -4.51
CA ASP A 61 -8.86 8.17 -4.97
C ASP A 61 -7.69 9.12 -4.76
N SER A 62 -7.05 9.52 -5.86
CA SER A 62 -5.91 10.42 -5.79
C SER A 62 -6.28 11.82 -6.30
N SER A 63 -6.75 12.67 -5.39
CA SER A 63 -7.15 14.02 -5.76
C SER A 63 -6.31 15.05 -5.01
N LYS A 64 -5.23 15.50 -5.65
CA LYS A 64 -4.34 16.49 -5.04
C LYS A 64 -3.85 16.02 -3.66
N ILE A 65 -3.64 14.71 -3.54
CA ILE A 65 -3.18 14.14 -2.29
C ILE A 65 -1.69 14.38 -2.09
N SER A 66 -0.89 13.99 -3.09
CA SER A 66 0.55 14.15 -3.03
C SER A 66 0.92 15.64 -2.92
N GLY A 67 1.90 15.94 -2.07
CA GLY A 67 2.32 17.31 -1.89
C GLY A 67 3.73 17.55 -2.39
N PRO A 68 4.73 17.31 -1.51
CA PRO A 68 6.14 17.49 -1.84
C PRO A 68 6.64 16.44 -2.83
N SER A 69 6.77 16.84 -4.10
CA SER A 69 7.23 15.93 -5.14
C SER A 69 8.64 16.30 -5.59
N SER A 70 9.65 15.79 -4.87
CA SER A 70 11.04 16.07 -5.19
C SER A 70 11.38 15.61 -6.61
N GLY A 71 11.02 14.36 -6.91
CA GLY A 71 11.29 13.81 -8.22
C GLY A 71 11.30 12.30 -8.23
N GLY A 1 17.68 -4.57 4.15
CA GLY A 1 17.34 -4.06 5.46
C GLY A 1 16.53 -5.05 6.27
N SER A 2 15.46 -4.57 6.88
CA SER A 2 14.60 -5.42 7.70
C SER A 2 13.44 -5.97 6.87
N SER A 3 13.71 -7.05 6.14
CA SER A 3 12.69 -7.67 5.29
C SER A 3 12.48 -9.12 5.70
N GLY A 4 11.46 -9.75 5.11
CA GLY A 4 11.16 -11.14 5.41
C GLY A 4 11.24 -12.03 4.19
N SER A 5 10.36 -11.80 3.23
CA SER A 5 10.33 -12.59 2.01
C SER A 5 9.99 -11.73 0.80
N SER A 6 10.21 -12.27 -0.39
CA SER A 6 9.92 -11.54 -1.63
C SER A 6 8.62 -10.75 -1.51
N GLY A 7 7.59 -11.39 -0.95
CA GLY A 7 6.31 -10.74 -0.79
C GLY A 7 6.13 -10.16 0.60
N ARG A 8 5.67 -8.92 0.67
CA ARG A 8 5.45 -8.25 1.95
C ARG A 8 4.03 -7.70 2.04
N ARG A 9 3.51 -7.61 3.26
CA ARG A 9 2.16 -7.10 3.48
C ARG A 9 2.04 -5.66 3.00
N LEU A 10 0.84 -5.29 2.56
CA LEU A 10 0.59 -3.94 2.08
C LEU A 10 0.90 -2.91 3.15
N PRO A 11 0.49 -3.20 4.40
CA PRO A 11 0.72 -2.30 5.54
C PRO A 11 2.19 -1.94 5.69
N THR A 12 3.07 -2.92 5.53
CA THR A 12 4.50 -2.69 5.66
C THR A 12 5.03 -1.85 4.50
N VAL A 13 4.59 -2.18 3.29
CA VAL A 13 5.02 -1.46 2.10
C VAL A 13 4.59 0.00 2.16
N LEU A 14 3.41 0.24 2.74
CA LEU A 14 2.87 1.60 2.86
C LEU A 14 3.70 2.42 3.85
N LEU A 15 4.00 1.82 5.00
CA LEU A 15 4.78 2.50 6.03
C LEU A 15 6.17 2.87 5.50
N LYS A 16 6.71 2.01 4.63
CA LYS A 16 8.03 2.26 4.05
C LYS A 16 7.94 3.25 2.90
N LEU A 17 6.84 3.17 2.15
CA LEU A 17 6.64 4.07 1.01
C LEU A 17 6.12 5.42 1.46
N ARG A 18 6.25 5.70 2.76
CA ARG A 18 5.79 6.97 3.32
C ARG A 18 4.36 7.27 2.88
N MET A 19 3.58 6.22 2.64
CA MET A 19 2.20 6.37 2.21
C MET A 19 1.24 6.34 3.41
N ALA A 20 1.69 5.72 4.50
CA ALA A 20 0.88 5.62 5.71
C ALA A 20 1.65 6.13 6.93
N GLN A 21 0.94 6.73 7.86
CA GLN A 21 1.56 7.26 9.07
C GLN A 21 2.20 6.14 9.89
N HIS A 22 1.36 5.32 10.53
CA HIS A 22 1.84 4.21 11.34
C HIS A 22 1.25 2.89 10.85
N LEU A 23 1.63 1.80 11.52
CA LEU A 23 1.13 0.47 11.16
C LEU A 23 -0.38 0.40 11.27
N GLN A 24 -0.91 0.88 12.40
CA GLN A 24 -2.36 0.88 12.62
C GLN A 24 -3.08 1.69 11.55
N ALA A 25 -2.47 2.81 11.16
CA ALA A 25 -3.06 3.68 10.15
C ALA A 25 -3.09 2.98 8.78
N ALA A 26 -1.97 2.38 8.41
CA ALA A 26 -1.86 1.69 7.13
C ALA A 26 -2.84 0.52 7.07
N VAL A 27 -2.93 -0.23 8.16
CA VAL A 27 -3.82 -1.39 8.22
C VAL A 27 -5.26 -0.98 8.03
N ALA A 28 -5.66 0.11 8.69
CA ALA A 28 -7.02 0.62 8.58
C ALA A 28 -7.35 1.03 7.15
N PHE A 29 -6.41 1.76 6.53
CA PHE A 29 -6.60 2.22 5.16
C PHE A 29 -6.83 1.05 4.21
N VAL A 30 -6.04 -0.01 4.37
CA VAL A 30 -6.16 -1.20 3.53
C VAL A 30 -7.53 -1.83 3.67
N GLU A 31 -7.95 -2.04 4.92
CA GLU A 31 -9.25 -2.65 5.19
C GLU A 31 -10.38 -1.69 4.81
N GLN A 32 -10.10 -0.39 4.85
CA GLN A 32 -11.10 0.61 4.51
C GLN A 32 -11.16 0.82 3.00
N GLY A 33 -10.69 -0.17 2.25
CA GLY A 33 -10.71 -0.08 0.80
C GLY A 33 -10.27 1.29 0.30
N HIS A 34 -9.24 1.85 0.93
CA HIS A 34 -8.73 3.15 0.54
C HIS A 34 -7.54 3.01 -0.41
N VAL A 35 -6.87 1.87 -0.35
CA VAL A 35 -5.72 1.61 -1.20
C VAL A 35 -5.97 0.41 -2.12
N ARG A 36 -5.55 0.53 -3.37
CA ARG A 36 -5.73 -0.54 -4.34
C ARG A 36 -4.41 -0.86 -5.05
N VAL A 37 -4.30 -2.09 -5.56
CA VAL A 37 -3.09 -2.51 -6.26
C VAL A 37 -3.41 -2.91 -7.69
N GLY A 38 -2.90 -2.13 -8.64
CA GLY A 38 -3.14 -2.42 -10.05
C GLY A 38 -4.61 -2.52 -10.38
N PRO A 39 -4.93 -3.36 -11.38
CA PRO A 39 -6.33 -3.57 -11.81
C PRO A 39 -7.15 -4.32 -10.77
N ASP A 40 -6.53 -4.61 -9.63
CA ASP A 40 -7.21 -5.32 -8.56
C ASP A 40 -7.25 -4.49 -7.28
N VAL A 41 -8.42 -4.41 -6.66
CA VAL A 41 -8.60 -3.64 -5.44
C VAL A 41 -8.36 -4.51 -4.21
N VAL A 42 -7.31 -4.18 -3.46
CA VAL A 42 -6.98 -4.93 -2.25
C VAL A 42 -7.74 -4.41 -1.05
N THR A 43 -8.39 -5.31 -0.32
CA THR A 43 -9.16 -4.94 0.85
C THR A 43 -8.71 -5.72 2.08
N ASP A 44 -7.39 -5.93 2.19
CA ASP A 44 -6.82 -6.66 3.31
C ASP A 44 -5.33 -6.39 3.45
N PRO A 45 -4.87 -6.19 4.69
CA PRO A 45 -3.46 -5.90 4.98
C PRO A 45 -2.57 -7.12 4.73
N ALA A 46 -3.15 -8.31 4.84
CA ALA A 46 -2.41 -9.55 4.63
C ALA A 46 -1.99 -9.70 3.17
N PHE A 47 -2.40 -8.74 2.35
CA PHE A 47 -2.07 -8.76 0.93
C PHE A 47 -0.57 -8.60 0.71
N LEU A 48 0.03 -9.56 0.02
CA LEU A 48 1.46 -9.53 -0.26
C LEU A 48 1.76 -8.76 -1.53
N VAL A 49 2.81 -7.95 -1.51
CA VAL A 49 3.20 -7.16 -2.68
C VAL A 49 4.67 -7.39 -3.02
N THR A 50 4.96 -7.42 -4.32
CA THR A 50 6.32 -7.62 -4.79
C THR A 50 6.90 -6.34 -5.38
N ARG A 51 8.22 -6.18 -5.27
CA ARG A 51 8.89 -5.01 -5.80
C ARG A 51 8.26 -4.56 -7.11
N SER A 52 7.74 -5.52 -7.87
CA SER A 52 7.12 -5.22 -9.15
C SER A 52 5.77 -4.52 -8.96
N MET A 53 4.99 -5.02 -8.01
CA MET A 53 3.68 -4.44 -7.72
C MET A 53 3.82 -3.16 -6.91
N GLU A 54 4.91 -3.06 -6.15
CA GLU A 54 5.16 -1.88 -5.32
C GLU A 54 4.88 -0.60 -6.11
N ASP A 55 5.31 -0.57 -7.36
CA ASP A 55 5.10 0.60 -8.21
C ASP A 55 3.65 0.68 -8.66
N PHE A 56 2.96 -0.47 -8.68
CA PHE A 56 1.57 -0.52 -9.09
C PHE A 56 0.64 -0.27 -7.91
N VAL A 57 1.11 0.50 -6.93
CA VAL A 57 0.33 0.81 -5.75
C VAL A 57 -0.21 2.24 -5.80
N THR A 58 -1.53 2.37 -5.75
CA THR A 58 -2.17 3.67 -5.80
C THR A 58 -3.38 3.73 -4.85
N TRP A 59 -3.75 4.94 -4.46
CA TRP A 59 -4.89 5.13 -3.57
C TRP A 59 -6.20 5.14 -4.34
N VAL A 60 -7.14 4.31 -3.91
CA VAL A 60 -8.44 4.22 -4.57
C VAL A 60 -8.95 5.60 -4.97
N ASP A 61 -8.77 6.57 -4.08
CA ASP A 61 -9.21 7.94 -4.33
C ASP A 61 -8.09 8.93 -4.01
N SER A 62 -7.25 9.21 -5.02
CA SER A 62 -6.13 10.14 -4.83
C SER A 62 -6.46 11.50 -5.44
N SER A 63 -7.71 11.93 -5.25
CA SER A 63 -8.14 13.22 -5.78
C SER A 63 -8.01 14.32 -4.74
N LYS A 64 -8.47 14.03 -3.52
CA LYS A 64 -8.39 14.99 -2.43
C LYS A 64 -6.96 15.16 -1.94
N ILE A 65 -6.20 14.06 -1.94
CA ILE A 65 -4.82 14.08 -1.51
C ILE A 65 -4.13 15.37 -1.93
N SER A 66 -3.53 16.07 -0.97
CA SER A 66 -2.84 17.32 -1.26
C SER A 66 -1.55 17.44 -0.44
N GLY A 67 -0.41 17.34 -1.11
CA GLY A 67 0.86 17.44 -0.43
C GLY A 67 1.79 16.30 -0.77
N PRO A 68 2.50 16.43 -1.91
CA PRO A 68 3.43 15.40 -2.38
C PRO A 68 4.68 15.30 -1.51
N SER A 69 4.89 14.14 -0.90
CA SER A 69 6.04 13.92 -0.03
C SER A 69 7.31 13.73 -0.86
N SER A 70 8.32 14.55 -0.57
CA SER A 70 9.58 14.47 -1.29
C SER A 70 10.30 13.16 -0.97
N GLY A 71 10.46 12.33 -1.99
CA GLY A 71 11.13 11.05 -1.81
C GLY A 71 10.17 9.93 -1.48
N GLY A 1 23.31 -5.18 1.36
CA GLY A 1 22.31 -4.76 0.40
C GLY A 1 21.19 -5.77 0.26
N SER A 2 19.96 -5.28 0.15
CA SER A 2 18.80 -6.15 0.00
C SER A 2 18.72 -6.71 -1.41
N SER A 3 18.22 -7.94 -1.52
CA SER A 3 18.09 -8.60 -2.82
C SER A 3 17.26 -9.88 -2.70
N GLY A 4 16.20 -9.96 -3.49
CA GLY A 4 15.34 -11.14 -3.46
C GLY A 4 14.39 -11.13 -2.28
N SER A 5 13.10 -11.22 -2.56
CA SER A 5 12.08 -11.22 -1.53
C SER A 5 10.93 -12.15 -1.88
N SER A 6 10.03 -12.35 -0.93
CA SER A 6 8.88 -13.24 -1.13
C SER A 6 7.57 -12.51 -0.83
N GLY A 7 7.41 -11.34 -1.42
CA GLY A 7 6.21 -10.56 -1.21
C GLY A 7 6.04 -10.13 0.23
N ARG A 8 5.58 -8.89 0.43
CA ARG A 8 5.38 -8.37 1.77
C ARG A 8 3.98 -7.78 1.92
N ARG A 9 3.52 -7.68 3.17
CA ARG A 9 2.19 -7.13 3.44
C ARG A 9 2.09 -5.68 2.96
N LEU A 10 0.91 -5.33 2.46
CA LEU A 10 0.67 -3.97 1.97
C LEU A 10 0.95 -2.94 3.04
N PRO A 11 0.51 -3.23 4.28
CA PRO A 11 0.71 -2.34 5.42
C PRO A 11 2.18 -1.96 5.62
N THR A 12 3.06 -2.94 5.48
CA THR A 12 4.49 -2.71 5.64
C THR A 12 5.04 -1.86 4.50
N VAL A 13 4.63 -2.19 3.27
CA VAL A 13 5.08 -1.46 2.10
C VAL A 13 4.63 0.00 2.15
N LEU A 14 3.44 0.23 2.70
CA LEU A 14 2.89 1.57 2.81
C LEU A 14 3.68 2.41 3.81
N LEU A 15 3.98 1.81 4.96
CA LEU A 15 4.74 2.49 6.01
C LEU A 15 6.14 2.87 5.51
N LYS A 16 6.72 2.00 4.69
CA LYS A 16 8.05 2.26 4.14
C LYS A 16 7.98 3.20 2.95
N LEU A 17 6.89 3.13 2.20
CA LEU A 17 6.70 3.99 1.03
C LEU A 17 6.17 5.36 1.45
N ARG A 18 6.29 5.67 2.74
CA ARG A 18 5.83 6.95 3.26
C ARG A 18 4.41 7.25 2.78
N MET A 19 3.65 6.18 2.49
CA MET A 19 2.27 6.33 2.02
C MET A 19 1.32 6.53 3.20
N ALA A 20 1.60 5.84 4.30
CA ALA A 20 0.76 5.93 5.50
C ALA A 20 1.53 6.55 6.65
N GLN A 21 0.85 6.75 7.77
CA GLN A 21 1.47 7.34 8.95
C GLN A 21 2.02 6.27 9.87
N HIS A 22 1.13 5.52 10.51
CA HIS A 22 1.53 4.45 11.42
C HIS A 22 0.96 3.11 10.97
N LEU A 23 1.38 2.04 11.65
CA LEU A 23 0.90 0.70 11.33
C LEU A 23 -0.63 0.64 11.36
N GLN A 24 -1.20 1.17 12.44
CA GLN A 24 -2.66 1.18 12.60
C GLN A 24 -3.33 1.90 11.44
N ALA A 25 -2.68 2.96 10.96
CA ALA A 25 -3.21 3.75 9.85
C ALA A 25 -3.18 2.96 8.54
N ALA A 26 -2.02 2.37 8.26
CA ALA A 26 -1.85 1.59 7.04
C ALA A 26 -2.80 0.39 7.02
N VAL A 27 -2.92 -0.28 8.16
CA VAL A 27 -3.80 -1.44 8.28
C VAL A 27 -5.26 -1.05 8.11
N ALA A 28 -5.67 0.00 8.83
CA ALA A 28 -7.05 0.48 8.76
C ALA A 28 -7.41 0.89 7.34
N PHE A 29 -6.51 1.62 6.69
CA PHE A 29 -6.74 2.09 5.32
C PHE A 29 -6.95 0.92 4.38
N VAL A 30 -6.11 -0.11 4.53
CA VAL A 30 -6.21 -1.30 3.69
C VAL A 30 -7.57 -1.98 3.83
N GLU A 31 -7.99 -2.18 5.08
CA GLU A 31 -9.27 -2.82 5.36
C GLU A 31 -10.43 -1.89 4.98
N GLN A 32 -10.17 -0.59 5.04
CA GLN A 32 -11.19 0.40 4.70
C GLN A 32 -11.32 0.57 3.19
N GLY A 33 -10.51 -0.17 2.45
CA GLY A 33 -10.54 -0.09 1.00
C GLY A 33 -10.13 1.28 0.49
N HIS A 34 -9.11 1.85 1.10
CA HIS A 34 -8.62 3.16 0.70
C HIS A 34 -7.48 3.04 -0.31
N VAL A 35 -6.73 1.94 -0.21
CA VAL A 35 -5.61 1.70 -1.11
C VAL A 35 -5.89 0.52 -2.04
N ARG A 36 -5.46 0.63 -3.29
CA ARG A 36 -5.66 -0.43 -4.27
C ARG A 36 -4.37 -0.76 -5.00
N VAL A 37 -4.27 -1.99 -5.49
CA VAL A 37 -3.08 -2.43 -6.22
C VAL A 37 -3.41 -2.79 -7.66
N GLY A 38 -2.91 -1.99 -8.59
CA GLY A 38 -3.15 -2.24 -10.00
C GLY A 38 -4.64 -2.32 -10.32
N PRO A 39 -4.98 -3.13 -11.33
CA PRO A 39 -6.38 -3.31 -11.75
C PRO A 39 -7.21 -4.06 -10.72
N ASP A 40 -6.59 -4.38 -9.59
CA ASP A 40 -7.28 -5.09 -8.52
C ASP A 40 -7.27 -4.29 -7.22
N VAL A 41 -8.44 -4.17 -6.60
CA VAL A 41 -8.56 -3.42 -5.36
C VAL A 41 -8.35 -4.33 -4.14
N VAL A 42 -7.25 -4.10 -3.43
CA VAL A 42 -6.94 -4.89 -2.25
C VAL A 42 -7.61 -4.32 -1.00
N THR A 43 -8.31 -5.18 -0.28
CA THR A 43 -9.01 -4.77 0.94
C THR A 43 -8.58 -5.61 2.13
N ASP A 44 -7.32 -6.03 2.13
CA ASP A 44 -6.78 -6.83 3.23
C ASP A 44 -5.30 -6.55 3.43
N PRO A 45 -4.89 -6.36 4.69
CA PRO A 45 -3.50 -6.07 5.05
C PRO A 45 -2.59 -7.28 4.85
N ALA A 46 -3.20 -8.47 4.82
CA ALA A 46 -2.44 -9.70 4.63
C ALA A 46 -2.06 -9.89 3.17
N PHE A 47 -2.28 -8.87 2.36
CA PHE A 47 -1.96 -8.92 0.94
C PHE A 47 -0.47 -8.76 0.71
N LEU A 48 0.12 -9.71 -0.01
CA LEU A 48 1.55 -9.67 -0.29
C LEU A 48 1.82 -8.91 -1.60
N VAL A 49 2.86 -8.09 -1.59
CA VAL A 49 3.23 -7.31 -2.77
C VAL A 49 4.70 -7.51 -3.12
N THR A 50 4.99 -7.55 -4.42
CA THR A 50 6.36 -7.73 -4.89
C THR A 50 7.00 -6.41 -5.28
N ARG A 51 8.32 -6.37 -5.27
CA ARG A 51 9.05 -5.16 -5.63
C ARG A 51 8.55 -4.59 -6.96
N SER A 52 8.07 -5.46 -7.83
CA SER A 52 7.57 -5.05 -9.13
C SER A 52 6.11 -4.62 -9.04
N MET A 53 5.39 -5.20 -8.07
CA MET A 53 3.98 -4.87 -7.88
C MET A 53 3.83 -3.57 -7.09
N GLU A 54 4.80 -3.28 -6.24
CA GLU A 54 4.77 -2.06 -5.44
C GLU A 54 4.61 -0.83 -6.31
N ASP A 55 5.21 -0.87 -7.50
CA ASP A 55 5.12 0.23 -8.45
C ASP A 55 3.69 0.47 -8.89
N PHE A 56 2.86 -0.57 -8.77
CA PHE A 56 1.46 -0.47 -9.17
C PHE A 56 0.57 -0.18 -7.96
N VAL A 57 1.11 0.56 -7.00
CA VAL A 57 0.37 0.93 -5.80
C VAL A 57 -0.18 2.34 -5.89
N THR A 58 -1.50 2.46 -5.79
CA THR A 58 -2.16 3.76 -5.87
C THR A 58 -3.33 3.84 -4.90
N TRP A 59 -3.71 5.06 -4.55
CA TRP A 59 -4.83 5.27 -3.62
C TRP A 59 -6.16 5.25 -4.36
N VAL A 60 -7.14 4.56 -3.78
CA VAL A 60 -8.47 4.46 -4.37
C VAL A 60 -9.03 5.84 -4.71
N ASP A 61 -8.91 6.77 -3.77
CA ASP A 61 -9.40 8.13 -3.97
C ASP A 61 -8.30 9.15 -3.69
N SER A 62 -7.85 9.83 -4.74
CA SER A 62 -6.79 10.83 -4.61
C SER A 62 -7.25 12.18 -5.16
N SER A 63 -8.49 12.55 -4.85
CA SER A 63 -9.05 13.82 -5.32
C SER A 63 -8.55 14.97 -4.48
N LYS A 64 -8.56 14.79 -3.16
CA LYS A 64 -8.11 15.82 -2.25
C LYS A 64 -6.59 15.79 -2.09
N ILE A 65 -6.02 14.60 -2.15
CA ILE A 65 -4.57 14.43 -2.02
C ILE A 65 -3.83 15.50 -2.82
N SER A 66 -2.99 16.25 -2.12
CA SER A 66 -2.21 17.32 -2.75
C SER A 66 -0.96 17.65 -1.94
N GLY A 67 0.16 17.84 -2.64
CA GLY A 67 1.40 18.17 -1.96
C GLY A 67 2.49 18.60 -2.92
N PRO A 68 3.75 18.50 -2.47
CA PRO A 68 4.91 18.87 -3.28
C PRO A 68 5.14 17.91 -4.44
N SER A 69 4.39 16.82 -4.46
CA SER A 69 4.52 15.81 -5.50
C SER A 69 4.70 16.47 -6.87
N SER A 70 5.38 15.77 -7.77
CA SER A 70 5.63 16.29 -9.12
C SER A 70 4.90 15.45 -10.16
N GLY A 71 3.91 16.06 -10.80
CA GLY A 71 3.15 15.35 -11.82
C GLY A 71 2.14 16.25 -12.51
N GLY A 1 7.90 -19.48 13.95
CA GLY A 1 6.58 -19.96 13.56
C GLY A 1 6.03 -19.23 12.36
N SER A 2 4.88 -18.59 12.53
CA SER A 2 4.24 -17.84 11.45
C SER A 2 5.26 -17.03 10.67
N SER A 3 5.29 -17.22 9.36
CA SER A 3 6.22 -16.50 8.50
C SER A 3 5.80 -16.61 7.03
N GLY A 4 5.71 -15.46 6.36
CA GLY A 4 5.31 -15.44 4.98
C GLY A 4 6.34 -16.10 4.08
N SER A 5 5.86 -16.78 3.04
CA SER A 5 6.74 -17.46 2.10
C SER A 5 7.55 -16.45 1.29
N SER A 6 6.86 -15.53 0.65
CA SER A 6 7.51 -14.50 -0.17
C SER A 6 6.63 -13.26 -0.30
N GLY A 7 7.25 -12.12 -0.55
CA GLY A 7 6.52 -10.88 -0.68
C GLY A 7 6.42 -10.12 0.62
N ARG A 8 5.80 -8.93 0.56
CA ARG A 8 5.64 -8.10 1.75
C ARG A 8 4.21 -7.58 1.86
N ARG A 9 3.71 -7.52 3.09
CA ARG A 9 2.35 -7.03 3.33
C ARG A 9 2.19 -5.59 2.86
N LEU A 10 0.97 -5.24 2.46
CA LEU A 10 0.69 -3.89 1.99
C LEU A 10 0.96 -2.86 3.08
N PRO A 11 0.55 -3.18 4.31
CA PRO A 11 0.74 -2.30 5.47
C PRO A 11 2.20 -1.91 5.66
N THR A 12 3.10 -2.88 5.52
CA THR A 12 4.52 -2.64 5.67
C THR A 12 5.07 -1.77 4.53
N VAL A 13 4.66 -2.09 3.31
CA VAL A 13 5.10 -1.33 2.15
C VAL A 13 4.59 0.10 2.18
N LEU A 14 3.38 0.27 2.69
CA LEU A 14 2.77 1.60 2.79
C LEU A 14 3.53 2.47 3.78
N LEU A 15 3.86 1.89 4.94
CA LEU A 15 4.58 2.62 5.97
C LEU A 15 5.98 3.01 5.49
N LYS A 16 6.59 2.14 4.70
CA LYS A 16 7.93 2.38 4.17
C LYS A 16 7.86 3.31 2.96
N LEU A 17 6.80 3.19 2.18
CA LEU A 17 6.61 4.01 0.99
C LEU A 17 6.06 5.38 1.36
N ARG A 18 6.13 5.71 2.64
CA ARG A 18 5.64 7.00 3.13
C ARG A 18 4.19 7.22 2.71
N MET A 19 3.46 6.13 2.55
CA MET A 19 2.05 6.20 2.16
C MET A 19 1.14 6.34 3.37
N ALA A 20 1.51 5.66 4.45
CA ALA A 20 0.73 5.71 5.68
C ALA A 20 1.54 6.33 6.82
N GLN A 21 0.88 6.51 7.97
CA GLN A 21 1.53 7.10 9.12
C GLN A 21 2.10 6.01 10.04
N HIS A 22 1.20 5.23 10.64
CA HIS A 22 1.61 4.14 11.53
C HIS A 22 1.03 2.82 11.08
N LEU A 23 1.41 1.75 11.76
CA LEU A 23 0.91 0.41 11.43
C LEU A 23 -0.61 0.37 11.46
N GLN A 24 -1.19 0.96 12.50
CA GLN A 24 -2.64 0.99 12.63
C GLN A 24 -3.28 1.79 11.51
N ALA A 25 -2.61 2.87 11.10
CA ALA A 25 -3.11 3.73 10.03
C ALA A 25 -3.09 2.99 8.69
N ALA A 26 -1.97 2.37 8.37
CA ALA A 26 -1.82 1.63 7.12
C ALA A 26 -2.79 0.45 7.07
N VAL A 27 -2.88 -0.27 8.18
CA VAL A 27 -3.77 -1.43 8.26
C VAL A 27 -5.22 -1.02 8.13
N ALA A 28 -5.61 0.01 8.87
CA ALA A 28 -6.98 0.51 8.84
C ALA A 28 -7.36 0.99 7.44
N PHE A 29 -6.42 1.64 6.77
CA PHE A 29 -6.66 2.15 5.42
C PHE A 29 -6.90 1.00 4.45
N VAL A 30 -6.14 -0.08 4.59
CA VAL A 30 -6.27 -1.23 3.72
C VAL A 30 -7.66 -1.85 3.83
N GLU A 31 -8.08 -2.15 5.06
CA GLU A 31 -9.38 -2.74 5.31
C GLU A 31 -10.50 -1.80 4.88
N GLN A 32 -10.22 -0.50 4.92
CA GLN A 32 -11.19 0.51 4.52
C GLN A 32 -11.21 0.69 3.01
N GLY A 33 -10.54 -0.21 2.30
CA GLY A 33 -10.50 -0.15 0.85
C GLY A 33 -10.07 1.23 0.35
N HIS A 34 -9.12 1.84 1.05
CA HIS A 34 -8.62 3.16 0.67
C HIS A 34 -7.43 3.04 -0.27
N VAL A 35 -6.76 1.89 -0.24
CA VAL A 35 -5.62 1.65 -1.11
C VAL A 35 -5.84 0.44 -2.01
N ARG A 36 -5.49 0.59 -3.29
CA ARG A 36 -5.65 -0.48 -4.26
C ARG A 36 -4.33 -0.80 -4.95
N VAL A 37 -4.22 -2.01 -5.48
CA VAL A 37 -3.02 -2.45 -6.17
C VAL A 37 -3.31 -2.82 -7.62
N GLY A 38 -2.80 -2.01 -8.55
CA GLY A 38 -3.02 -2.28 -9.95
C GLY A 38 -4.49 -2.39 -10.30
N PRO A 39 -4.80 -3.21 -11.31
CA PRO A 39 -6.18 -3.42 -11.77
C PRO A 39 -7.02 -4.19 -10.74
N ASP A 40 -6.42 -4.49 -9.60
CA ASP A 40 -7.10 -5.23 -8.54
C ASP A 40 -7.14 -4.41 -7.26
N VAL A 41 -8.33 -4.29 -6.68
CA VAL A 41 -8.50 -3.53 -5.44
C VAL A 41 -8.35 -4.44 -4.22
N VAL A 42 -7.26 -4.25 -3.49
CA VAL A 42 -7.00 -5.06 -2.29
C VAL A 42 -7.72 -4.49 -1.08
N THR A 43 -8.41 -5.36 -0.34
CA THR A 43 -9.15 -4.93 0.84
C THR A 43 -8.67 -5.69 2.08
N ASP A 44 -7.37 -5.92 2.17
CA ASP A 44 -6.79 -6.63 3.30
C ASP A 44 -5.30 -6.30 3.45
N PRO A 45 -4.88 -6.04 4.70
CA PRO A 45 -3.49 -5.71 5.00
C PRO A 45 -2.56 -6.90 4.84
N ALA A 46 -3.12 -8.10 4.93
CA ALA A 46 -2.34 -9.32 4.79
C ALA A 46 -1.98 -9.58 3.33
N PHE A 47 -2.31 -8.62 2.46
CA PHE A 47 -2.02 -8.75 1.05
C PHE A 47 -0.53 -8.63 0.78
N LEU A 48 0.02 -9.60 0.06
CA LEU A 48 1.44 -9.61 -0.26
C LEU A 48 1.71 -8.83 -1.55
N VAL A 49 2.80 -8.07 -1.54
CA VAL A 49 3.17 -7.28 -2.70
C VAL A 49 4.64 -7.48 -3.06
N THR A 50 4.92 -7.57 -4.36
CA THR A 50 6.28 -7.77 -4.83
C THR A 50 6.89 -6.46 -5.32
N ARG A 51 8.22 -6.44 -5.43
CA ARG A 51 8.92 -5.24 -5.89
C ARG A 51 8.34 -4.74 -7.21
N SER A 52 7.88 -5.67 -8.04
CA SER A 52 7.31 -5.33 -9.33
C SER A 52 5.90 -4.77 -9.17
N MET A 53 5.16 -5.31 -8.20
CA MET A 53 3.80 -4.87 -7.95
C MET A 53 3.79 -3.60 -7.11
N GLU A 54 4.93 -3.28 -6.50
CA GLU A 54 5.05 -2.09 -5.67
C GLU A 54 4.79 -0.83 -6.49
N ASP A 55 5.32 -0.79 -7.71
CA ASP A 55 5.15 0.35 -8.60
C ASP A 55 3.71 0.43 -9.10
N PHE A 56 2.89 -0.52 -8.69
CA PHE A 56 1.49 -0.57 -9.10
C PHE A 56 0.56 -0.26 -7.92
N VAL A 57 1.09 0.44 -6.92
CA VAL A 57 0.32 0.80 -5.74
C VAL A 57 -0.19 2.23 -5.83
N THR A 58 -1.50 2.39 -5.78
CA THR A 58 -2.12 3.72 -5.86
C THR A 58 -3.32 3.81 -4.92
N TRP A 59 -3.67 5.04 -4.56
CA TRP A 59 -4.81 5.28 -3.67
C TRP A 59 -6.12 5.30 -4.45
N VAL A 60 -7.17 4.79 -3.83
CA VAL A 60 -8.48 4.75 -4.47
C VAL A 60 -8.92 6.14 -4.91
N ASP A 61 -8.66 7.14 -4.07
CA ASP A 61 -9.02 8.51 -4.37
C ASP A 61 -7.92 9.47 -3.93
N SER A 62 -7.23 10.06 -4.90
CA SER A 62 -6.15 11.00 -4.61
C SER A 62 -6.55 12.42 -5.00
N SER A 63 -7.53 12.96 -4.28
CA SER A 63 -8.01 14.31 -4.55
C SER A 63 -7.19 15.34 -3.77
N LYS A 64 -7.44 15.43 -2.47
CA LYS A 64 -6.72 16.37 -1.61
C LYS A 64 -5.26 15.97 -1.46
N ILE A 65 -5.02 14.67 -1.33
CA ILE A 65 -3.67 14.15 -1.18
C ILE A 65 -2.67 15.00 -1.97
N SER A 66 -1.79 15.69 -1.26
CA SER A 66 -0.79 16.55 -1.89
C SER A 66 0.57 16.39 -1.21
N GLY A 67 1.56 15.98 -1.98
CA GLY A 67 2.90 15.80 -1.44
C GLY A 67 3.93 15.49 -2.50
N PRO A 68 5.06 14.89 -2.08
CA PRO A 68 6.15 14.53 -3.00
C PRO A 68 5.76 13.38 -3.92
N SER A 69 5.81 13.63 -5.23
CA SER A 69 5.47 12.62 -6.21
C SER A 69 6.37 11.40 -6.08
N SER A 70 7.67 11.64 -5.95
CA SER A 70 8.64 10.56 -5.81
C SER A 70 8.64 9.67 -7.05
N GLY A 71 8.55 10.30 -8.22
CA GLY A 71 8.54 9.53 -9.46
C GLY A 71 9.93 9.11 -9.89
N GLY A 1 8.61 -5.77 8.60
CA GLY A 1 9.52 -6.79 8.11
C GLY A 1 9.40 -8.09 8.88
N SER A 2 10.54 -8.71 9.19
CA SER A 2 10.56 -9.97 9.92
C SER A 2 9.86 -11.07 9.12
N SER A 3 10.16 -11.12 7.83
CA SER A 3 9.56 -12.12 6.95
C SER A 3 10.62 -13.09 6.44
N GLY A 4 10.17 -14.12 5.72
CA GLY A 4 11.09 -15.11 5.18
C GLY A 4 10.90 -15.33 3.69
N SER A 5 9.65 -15.45 3.27
CA SER A 5 9.34 -15.67 1.86
C SER A 5 9.18 -14.35 1.13
N SER A 6 9.07 -14.43 -0.20
CA SER A 6 8.92 -13.23 -1.02
C SER A 6 7.56 -12.59 -0.79
N GLY A 7 7.45 -11.31 -1.13
CA GLY A 7 6.19 -10.60 -0.96
C GLY A 7 6.03 -10.05 0.43
N ARG A 8 5.54 -8.81 0.53
CA ARG A 8 5.34 -8.16 1.82
C ARG A 8 3.91 -7.63 1.94
N ARG A 9 3.43 -7.53 3.17
CA ARG A 9 2.09 -7.03 3.42
C ARG A 9 1.93 -5.61 2.92
N LEU A 10 0.72 -5.27 2.45
CA LEU A 10 0.44 -3.94 1.93
C LEU A 10 0.77 -2.88 2.97
N PRO A 11 0.38 -3.15 4.23
CA PRO A 11 0.63 -2.22 5.34
C PRO A 11 2.09 -1.80 5.44
N THR A 12 3.00 -2.75 5.27
CA THR A 12 4.42 -2.48 5.33
C THR A 12 4.88 -1.65 4.13
N VAL A 13 4.40 -2.02 2.95
CA VAL A 13 4.76 -1.31 1.73
C VAL A 13 4.33 0.15 1.81
N LEU A 14 3.20 0.40 2.45
CA LEU A 14 2.69 1.76 2.59
C LEU A 14 3.54 2.57 3.56
N LEU A 15 3.88 1.96 4.68
CA LEU A 15 4.70 2.63 5.69
C LEU A 15 6.07 3.00 5.13
N LYS A 16 6.61 2.15 4.26
CA LYS A 16 7.90 2.40 3.64
C LYS A 16 7.79 3.50 2.58
N LEU A 17 6.71 3.48 1.83
CA LEU A 17 6.49 4.48 0.78
C LEU A 17 5.88 5.75 1.37
N ARG A 18 6.08 5.96 2.67
CA ARG A 18 5.55 7.13 3.34
C ARG A 18 4.08 7.36 2.99
N MET A 19 3.40 6.28 2.62
CA MET A 19 2.00 6.36 2.25
C MET A 19 1.12 6.46 3.49
N ALA A 20 1.55 5.82 4.57
CA ALA A 20 0.81 5.82 5.82
C ALA A 20 1.65 6.38 6.96
N GLN A 21 1.01 6.68 8.09
CA GLN A 21 1.70 7.22 9.25
C GLN A 21 2.26 6.09 10.12
N HIS A 22 1.36 5.27 10.65
CA HIS A 22 1.77 4.15 11.50
C HIS A 22 1.20 2.84 10.97
N LEU A 23 1.53 1.74 11.65
CA LEU A 23 1.06 0.42 11.26
C LEU A 23 -0.46 0.35 11.33
N GLN A 24 -1.02 0.83 12.43
CA GLN A 24 -2.46 0.81 12.62
C GLN A 24 -3.17 1.62 11.54
N ALA A 25 -2.53 2.72 11.13
CA ALA A 25 -3.10 3.59 10.11
C ALA A 25 -3.13 2.89 8.75
N ALA A 26 -2.02 2.25 8.38
CA ALA A 26 -1.93 1.54 7.12
C ALA A 26 -2.92 0.38 7.07
N VAL A 27 -3.02 -0.36 8.17
CA VAL A 27 -3.92 -1.50 8.26
C VAL A 27 -5.38 -1.06 8.09
N ALA A 28 -5.75 0.00 8.80
CA ALA A 28 -7.10 0.52 8.73
C ALA A 28 -7.45 1.00 7.32
N PHE A 29 -6.49 1.67 6.68
CA PHE A 29 -6.68 2.18 5.34
C PHE A 29 -7.02 1.05 4.37
N VAL A 30 -6.29 -0.05 4.48
CA VAL A 30 -6.51 -1.21 3.62
C VAL A 30 -7.91 -1.78 3.81
N GLU A 31 -8.29 -2.02 5.06
CA GLU A 31 -9.60 -2.56 5.39
C GLU A 31 -10.70 -1.58 5.01
N GLN A 32 -10.37 -0.28 5.04
CA GLN A 32 -11.34 0.76 4.71
C GLN A 32 -11.34 1.03 3.20
N GLY A 33 -10.87 0.05 2.44
CA GLY A 33 -10.83 0.21 0.99
C GLY A 33 -10.32 1.56 0.56
N HIS A 34 -9.15 1.94 1.07
CA HIS A 34 -8.56 3.23 0.73
C HIS A 34 -7.36 3.06 -0.20
N VAL A 35 -6.72 1.90 -0.11
CA VAL A 35 -5.55 1.61 -0.95
C VAL A 35 -5.84 0.43 -1.88
N ARG A 36 -5.32 0.51 -3.10
CA ARG A 36 -5.51 -0.55 -4.08
C ARG A 36 -4.20 -0.87 -4.79
N VAL A 37 -4.13 -2.08 -5.35
CA VAL A 37 -2.92 -2.51 -6.07
C VAL A 37 -3.24 -2.83 -7.52
N GLY A 38 -2.74 -2.01 -8.44
CA GLY A 38 -2.98 -2.22 -9.85
C GLY A 38 -4.46 -2.31 -10.18
N PRO A 39 -4.79 -3.10 -11.21
CA PRO A 39 -6.17 -3.30 -11.65
C PRO A 39 -7.00 -4.10 -10.65
N ASP A 40 -6.38 -4.43 -9.52
CA ASP A 40 -7.05 -5.20 -8.47
C ASP A 40 -7.07 -4.43 -7.16
N VAL A 41 -8.26 -4.30 -6.58
CA VAL A 41 -8.41 -3.59 -5.32
C VAL A 41 -8.28 -4.54 -4.13
N VAL A 42 -7.33 -4.23 -3.23
CA VAL A 42 -7.11 -5.06 -2.05
C VAL A 42 -7.79 -4.46 -0.83
N THR A 43 -8.46 -5.30 -0.05
CA THR A 43 -9.16 -4.85 1.14
C THR A 43 -8.47 -5.37 2.40
N ASP A 44 -7.73 -6.48 2.25
CA ASP A 44 -7.02 -7.07 3.38
C ASP A 44 -5.55 -6.66 3.38
N PRO A 45 -5.02 -6.34 4.56
CA PRO A 45 -3.62 -5.92 4.71
C PRO A 45 -2.65 -7.07 4.50
N ALA A 46 -3.12 -8.29 4.70
CA ALA A 46 -2.30 -9.48 4.54
C ALA A 46 -1.84 -9.62 3.09
N PHE A 47 -2.37 -8.76 2.22
CA PHE A 47 -2.02 -8.79 0.80
C PHE A 47 -0.51 -8.64 0.62
N LEU A 48 0.10 -9.58 -0.09
CA LEU A 48 1.54 -9.54 -0.34
C LEU A 48 1.85 -8.77 -1.62
N VAL A 49 2.91 -7.97 -1.57
CA VAL A 49 3.32 -7.17 -2.72
C VAL A 49 4.75 -7.50 -3.13
N THR A 50 4.99 -7.56 -4.44
CA THR A 50 6.31 -7.87 -4.96
C THR A 50 7.01 -6.60 -5.45
N ARG A 51 8.34 -6.67 -5.53
CA ARG A 51 9.13 -5.53 -5.98
C ARG A 51 8.55 -4.94 -7.26
N SER A 52 8.01 -5.80 -8.11
CA SER A 52 7.42 -5.36 -9.38
C SER A 52 6.04 -4.75 -9.15
N MET A 53 5.37 -5.19 -8.09
CA MET A 53 4.04 -4.67 -7.76
C MET A 53 4.14 -3.39 -6.96
N GLU A 54 5.25 -3.22 -6.24
CA GLU A 54 5.46 -2.03 -5.43
C GLU A 54 5.10 -0.77 -6.20
N ASP A 55 5.48 -0.73 -7.47
CA ASP A 55 5.20 0.42 -8.32
C ASP A 55 3.73 0.47 -8.70
N PHE A 56 3.09 -0.69 -8.68
CA PHE A 56 1.67 -0.79 -9.03
C PHE A 56 0.79 -0.48 -7.82
N VAL A 57 1.31 0.36 -6.92
CA VAL A 57 0.58 0.74 -5.72
C VAL A 57 0.00 2.14 -5.84
N THR A 58 -1.33 2.24 -5.73
CA THR A 58 -2.00 3.54 -5.84
C THR A 58 -3.16 3.62 -4.86
N TRP A 59 -3.55 4.85 -4.53
CA TRP A 59 -4.66 5.07 -3.60
C TRP A 59 -6.00 5.00 -4.32
N VAL A 60 -6.98 4.39 -3.66
CA VAL A 60 -8.32 4.25 -4.24
C VAL A 60 -8.80 5.56 -4.84
N ASP A 61 -9.06 6.54 -3.98
CA ASP A 61 -9.52 7.85 -4.43
C ASP A 61 -8.44 8.91 -4.22
N SER A 62 -8.05 9.11 -2.97
CA SER A 62 -7.04 10.09 -2.63
C SER A 62 -7.35 11.44 -3.27
N SER A 63 -8.64 11.80 -3.28
CA SER A 63 -9.07 13.07 -3.87
C SER A 63 -9.52 14.04 -2.78
N LYS A 64 -10.44 13.59 -1.94
CA LYS A 64 -10.95 14.42 -0.85
C LYS A 64 -10.42 13.94 0.49
N ILE A 65 -9.24 13.34 0.49
CA ILE A 65 -8.62 12.85 1.71
C ILE A 65 -7.47 13.73 2.14
N SER A 66 -7.79 14.91 2.67
CA SER A 66 -6.76 15.85 3.12
C SER A 66 -6.01 15.30 4.32
N GLY A 67 -5.02 16.04 4.78
CA GLY A 67 -4.23 15.61 5.93
C GLY A 67 -2.75 15.89 5.75
N PRO A 68 -2.00 15.84 6.87
CA PRO A 68 -0.55 16.09 6.86
C PRO A 68 0.22 14.97 6.17
N SER A 69 0.32 15.04 4.84
CA SER A 69 1.03 14.04 4.07
C SER A 69 2.39 13.72 4.70
N SER A 70 3.18 14.77 4.93
CA SER A 70 4.50 14.60 5.52
C SER A 70 5.05 15.95 5.99
N GLY A 71 6.13 15.89 6.78
CA GLY A 71 6.72 17.11 7.29
C GLY A 71 6.84 17.11 8.81
N GLY A 1 6.66 -10.96 8.84
CA GLY A 1 7.79 -11.73 8.38
C GLY A 1 9.10 -10.98 8.51
N SER A 2 10.14 -11.66 8.99
CA SER A 2 11.44 -11.05 9.17
C SER A 2 12.24 -11.08 7.87
N SER A 3 12.31 -12.25 7.24
CA SER A 3 13.04 -12.41 5.99
C SER A 3 12.69 -13.75 5.33
N GLY A 4 12.26 -13.68 4.08
CA GLY A 4 11.91 -14.89 3.35
C GLY A 4 11.91 -14.69 1.85
N SER A 5 10.81 -15.03 1.20
CA SER A 5 10.70 -14.89 -0.24
C SER A 5 10.03 -13.56 -0.61
N SER A 6 10.15 -13.18 -1.87
CA SER A 6 9.57 -11.93 -2.36
C SER A 6 8.10 -11.84 -1.98
N GLY A 7 7.66 -10.65 -1.57
CA GLY A 7 6.28 -10.45 -1.19
C GLY A 7 6.13 -10.01 0.25
N ARG A 8 5.59 -8.81 0.45
CA ARG A 8 5.40 -8.28 1.79
C ARG A 8 3.98 -7.73 1.96
N ARG A 9 3.54 -7.62 3.20
CA ARG A 9 2.21 -7.11 3.50
C ARG A 9 2.05 -5.68 2.99
N LEU A 10 0.85 -5.36 2.50
CA LEU A 10 0.56 -4.03 1.99
C LEU A 10 0.84 -2.96 3.04
N PRO A 11 0.44 -3.24 4.29
CA PRO A 11 0.63 -2.32 5.41
C PRO A 11 2.09 -1.89 5.56
N THR A 12 3.00 -2.84 5.42
CA THR A 12 4.42 -2.57 5.54
C THR A 12 4.92 -1.72 4.37
N VAL A 13 4.49 -2.08 3.16
CA VAL A 13 4.89 -1.35 1.96
C VAL A 13 4.45 0.11 2.03
N LEU A 14 3.29 0.34 2.64
CA LEU A 14 2.76 1.69 2.77
C LEU A 14 3.58 2.50 3.75
N LEU A 15 3.88 1.91 4.90
CA LEU A 15 4.67 2.58 5.93
C LEU A 15 6.05 2.94 5.41
N LYS A 16 6.64 2.05 4.61
CA LYS A 16 7.96 2.27 4.05
C LYS A 16 7.89 3.28 2.89
N LEU A 17 6.79 3.26 2.16
CA LEU A 17 6.60 4.17 1.04
C LEU A 17 6.05 5.51 1.51
N ARG A 18 6.20 5.79 2.81
CA ARG A 18 5.72 7.03 3.39
C ARG A 18 4.29 7.33 2.96
N MET A 19 3.55 6.27 2.64
CA MET A 19 2.16 6.41 2.21
C MET A 19 1.21 6.36 3.41
N ALA A 20 1.71 5.81 4.52
CA ALA A 20 0.91 5.70 5.73
C ALA A 20 1.66 6.26 6.93
N GLN A 21 0.91 6.71 7.93
CA GLN A 21 1.51 7.28 9.14
C GLN A 21 2.09 6.19 10.02
N HIS A 22 1.23 5.34 10.57
CA HIS A 22 1.67 4.24 11.43
C HIS A 22 1.03 2.93 11.01
N LEU A 23 1.47 1.83 11.62
CA LEU A 23 0.94 0.51 11.31
C LEU A 23 -0.58 0.50 11.40
N GLN A 24 -1.10 1.01 12.51
CA GLN A 24 -2.55 1.06 12.71
C GLN A 24 -3.24 1.86 11.61
N ALA A 25 -2.57 2.91 11.15
CA ALA A 25 -3.12 3.75 10.09
C ALA A 25 -3.11 3.03 8.75
N ALA A 26 -2.00 2.38 8.45
CA ALA A 26 -1.85 1.64 7.20
C ALA A 26 -2.82 0.45 7.14
N VAL A 27 -2.92 -0.27 8.26
CA VAL A 27 -3.81 -1.42 8.35
C VAL A 27 -5.26 -1.02 8.14
N ALA A 28 -5.68 0.05 8.81
CA ALA A 28 -7.05 0.53 8.69
C ALA A 28 -7.34 0.99 7.26
N PHE A 29 -6.36 1.62 6.63
CA PHE A 29 -6.51 2.12 5.27
C PHE A 29 -6.81 0.96 4.31
N VAL A 30 -6.08 -0.14 4.48
CA VAL A 30 -6.27 -1.31 3.63
C VAL A 30 -7.66 -1.91 3.81
N GLU A 31 -8.07 -2.04 5.06
CA GLU A 31 -9.38 -2.62 5.38
C GLU A 31 -10.50 -1.66 4.95
N GLN A 32 -10.20 -0.36 4.96
CA GLN A 32 -11.18 0.65 4.58
C GLN A 32 -11.23 0.81 3.06
N GLY A 33 -10.73 -0.19 2.35
CA GLY A 33 -10.73 -0.14 0.89
C GLY A 33 -10.34 1.22 0.37
N HIS A 34 -9.31 1.82 0.96
CA HIS A 34 -8.84 3.14 0.55
C HIS A 34 -7.64 3.01 -0.39
N VAL A 35 -6.91 1.90 -0.26
CA VAL A 35 -5.74 1.66 -1.09
C VAL A 35 -5.95 0.46 -2.00
N ARG A 36 -5.46 0.57 -3.24
CA ARG A 36 -5.59 -0.51 -4.21
C ARG A 36 -4.26 -0.76 -4.93
N VAL A 37 -4.11 -1.97 -5.45
CA VAL A 37 -2.90 -2.36 -6.16
C VAL A 37 -3.20 -2.74 -7.61
N GLY A 38 -2.73 -1.91 -8.53
CA GLY A 38 -2.96 -2.18 -9.95
C GLY A 38 -4.43 -2.35 -10.27
N PRO A 39 -4.72 -3.18 -11.29
CA PRO A 39 -6.10 -3.43 -11.73
C PRO A 39 -6.88 -4.24 -10.70
N ASP A 40 -6.25 -4.52 -9.57
CA ASP A 40 -6.90 -5.28 -8.51
C ASP A 40 -6.96 -4.48 -7.20
N VAL A 41 -8.14 -4.43 -6.59
CA VAL A 41 -8.33 -3.70 -5.35
C VAL A 41 -8.08 -4.58 -4.14
N VAL A 42 -7.23 -4.13 -3.24
CA VAL A 42 -6.91 -4.88 -2.03
C VAL A 42 -7.68 -4.34 -0.83
N THR A 43 -8.22 -5.26 -0.03
CA THR A 43 -8.98 -4.87 1.16
C THR A 43 -8.39 -5.51 2.42
N ASP A 44 -7.45 -6.42 2.22
CA ASP A 44 -6.80 -7.10 3.34
C ASP A 44 -5.33 -6.67 3.46
N PRO A 45 -4.91 -6.35 4.69
CA PRO A 45 -3.53 -5.93 4.96
C PRO A 45 -2.53 -7.08 4.80
N ALA A 46 -3.03 -8.30 4.85
CA ALA A 46 -2.19 -9.48 4.71
C ALA A 46 -1.76 -9.69 3.26
N PHE A 47 -2.27 -8.82 2.38
CA PHE A 47 -1.94 -8.92 0.96
C PHE A 47 -0.44 -8.78 0.73
N LEU A 48 0.13 -9.71 -0.02
CA LEU A 48 1.56 -9.69 -0.32
C LEU A 48 1.82 -9.00 -1.66
N VAL A 49 2.73 -8.03 -1.64
CA VAL A 49 3.10 -7.30 -2.85
C VAL A 49 4.56 -7.51 -3.21
N THR A 50 4.84 -7.60 -4.51
CA THR A 50 6.20 -7.80 -4.99
C THR A 50 6.78 -6.51 -5.55
N ARG A 51 8.10 -6.41 -5.54
CA ARG A 51 8.79 -5.23 -6.05
C ARG A 51 8.15 -4.75 -7.36
N SER A 52 7.79 -5.70 -8.22
CA SER A 52 7.18 -5.38 -9.50
C SER A 52 5.78 -4.82 -9.30
N MET A 53 5.10 -5.29 -8.26
CA MET A 53 3.75 -4.84 -7.96
C MET A 53 3.76 -3.72 -6.93
N GLU A 54 4.96 -3.38 -6.45
CA GLU A 54 5.11 -2.33 -5.45
C GLU A 54 4.97 -0.95 -6.10
N ASP A 55 5.26 -0.87 -7.39
CA ASP A 55 5.17 0.38 -8.12
C ASP A 55 3.77 0.59 -8.68
N PHE A 56 2.93 -0.44 -8.56
CA PHE A 56 1.56 -0.36 -9.05
C PHE A 56 0.60 -0.05 -7.91
N VAL A 57 1.12 0.56 -6.86
CA VAL A 57 0.31 0.91 -5.70
C VAL A 57 -0.20 2.35 -5.79
N THR A 58 -1.52 2.51 -5.79
CA THR A 58 -2.12 3.83 -5.87
C THR A 58 -3.36 3.93 -4.98
N TRP A 59 -3.72 5.15 -4.62
CA TRP A 59 -4.90 5.38 -3.77
C TRP A 59 -6.17 5.42 -4.60
N VAL A 60 -7.20 4.72 -4.11
CA VAL A 60 -8.48 4.67 -4.81
C VAL A 60 -8.81 6.01 -5.45
N ASP A 61 -8.38 7.09 -4.81
CA ASP A 61 -8.63 8.44 -5.32
C ASP A 61 -7.51 9.39 -4.90
N SER A 62 -6.66 9.75 -5.87
CA SER A 62 -5.54 10.66 -5.60
C SER A 62 -5.81 12.04 -6.19
N SER A 63 -6.50 12.88 -5.41
CA SER A 63 -6.83 14.23 -5.86
C SER A 63 -6.07 15.27 -5.04
N LYS A 64 -4.84 15.55 -5.45
CA LYS A 64 -4.01 16.52 -4.75
C LYS A 64 -3.76 16.10 -3.30
N ILE A 65 -3.42 14.82 -3.12
CA ILE A 65 -3.15 14.29 -1.79
C ILE A 65 -1.99 15.02 -1.14
N SER A 66 -2.23 15.57 0.05
CA SER A 66 -1.20 16.30 0.78
C SER A 66 -1.06 15.75 2.21
N GLY A 67 -0.04 16.22 2.91
CA GLY A 67 0.19 15.78 4.27
C GLY A 67 1.41 16.43 4.90
N PRO A 68 1.34 16.65 6.22
CA PRO A 68 2.44 17.27 6.98
C PRO A 68 3.66 16.37 7.08
N SER A 69 4.84 16.96 7.08
CA SER A 69 6.09 16.20 7.18
C SER A 69 6.04 15.25 8.37
N SER A 70 5.48 15.71 9.47
CA SER A 70 5.36 14.89 10.67
C SER A 70 4.40 13.73 10.46
N GLY A 71 4.88 12.52 10.71
CA GLY A 71 4.05 11.34 10.54
C GLY A 71 3.84 10.99 9.08
N GLY A 1 22.58 -8.53 6.96
CA GLY A 1 23.09 -9.65 6.18
C GLY A 1 22.35 -9.83 4.86
N SER A 2 22.29 -11.07 4.39
CA SER A 2 21.61 -11.36 3.14
C SER A 2 20.14 -11.69 3.38
N SER A 3 19.32 -10.65 3.43
CA SER A 3 17.88 -10.83 3.66
C SER A 3 17.14 -11.00 2.34
N GLY A 4 16.40 -12.11 2.22
CA GLY A 4 15.66 -12.39 1.01
C GLY A 4 14.28 -12.95 1.29
N SER A 5 13.30 -12.06 1.42
CA SER A 5 11.93 -12.48 1.71
C SER A 5 11.10 -12.51 0.43
N SER A 6 9.92 -13.10 0.51
CA SER A 6 9.03 -13.20 -0.64
C SER A 6 7.73 -12.43 -0.39
N GLY A 7 7.56 -11.33 -1.12
CA GLY A 7 6.36 -10.53 -0.97
C GLY A 7 6.24 -9.92 0.42
N ARG A 8 5.61 -8.75 0.51
CA ARG A 8 5.43 -8.08 1.78
C ARG A 8 4.00 -7.58 1.94
N ARG A 9 3.54 -7.51 3.18
CA ARG A 9 2.18 -7.05 3.47
C ARG A 9 1.98 -5.62 2.98
N LEU A 10 0.77 -5.34 2.49
CA LEU A 10 0.45 -4.00 1.99
C LEU A 10 0.75 -2.95 3.05
N PRO A 11 0.39 -3.24 4.31
CA PRO A 11 0.62 -2.32 5.42
C PRO A 11 2.07 -1.85 5.52
N THR A 12 3.00 -2.79 5.32
CA THR A 12 4.42 -2.48 5.37
C THR A 12 4.84 -1.62 4.18
N VAL A 13 4.34 -1.96 3.00
CA VAL A 13 4.66 -1.22 1.79
C VAL A 13 4.23 0.23 1.91
N LEU A 14 3.10 0.47 2.57
CA LEU A 14 2.59 1.81 2.76
C LEU A 14 3.45 2.61 3.73
N LEU A 15 3.79 1.98 4.85
CA LEU A 15 4.62 2.62 5.86
C LEU A 15 5.99 3.00 5.30
N LYS A 16 6.58 2.07 4.54
CA LYS A 16 7.88 2.31 3.92
C LYS A 16 7.81 3.41 2.87
N LEU A 17 6.72 3.43 2.12
CA LEU A 17 6.53 4.44 1.08
C LEU A 17 5.99 5.73 1.67
N ARG A 18 6.11 5.87 2.99
CA ARG A 18 5.65 7.07 3.68
C ARG A 18 4.23 7.42 3.26
N MET A 19 3.45 6.40 2.90
CA MET A 19 2.07 6.61 2.47
C MET A 19 1.13 6.54 3.66
N ALA A 20 1.56 5.90 4.74
CA ALA A 20 0.76 5.79 5.95
C ALA A 20 1.52 6.29 7.17
N GLN A 21 0.81 7.00 8.04
CA GLN A 21 1.42 7.56 9.25
C GLN A 21 2.06 6.45 10.08
N HIS A 22 1.31 5.39 10.33
CA HIS A 22 1.81 4.26 11.11
C HIS A 22 1.12 2.97 10.70
N LEU A 23 1.53 1.86 11.30
CA LEU A 23 0.96 0.56 11.00
C LEU A 23 -0.55 0.56 11.21
N GLN A 24 -0.99 1.24 12.27
CA GLN A 24 -2.41 1.32 12.59
C GLN A 24 -3.18 1.97 11.44
N ALA A 25 -2.63 3.04 10.90
CA ALA A 25 -3.26 3.75 9.79
C ALA A 25 -3.19 2.93 8.50
N ALA A 26 -2.01 2.39 8.22
CA ALA A 26 -1.82 1.58 7.01
C ALA A 26 -2.75 0.37 7.01
N VAL A 27 -2.87 -0.28 8.16
CA VAL A 27 -3.73 -1.46 8.29
C VAL A 27 -5.20 -1.09 8.12
N ALA A 28 -5.62 -0.04 8.83
CA ALA A 28 -7.00 0.41 8.75
C ALA A 28 -7.36 0.86 7.34
N PHE A 29 -6.46 1.60 6.72
CA PHE A 29 -6.68 2.10 5.37
C PHE A 29 -6.91 0.94 4.40
N VAL A 30 -6.09 -0.10 4.51
CA VAL A 30 -6.23 -1.26 3.64
C VAL A 30 -7.60 -1.90 3.79
N GLU A 31 -8.02 -2.15 5.02
CA GLU A 31 -9.32 -2.76 5.28
C GLU A 31 -10.44 -1.82 4.90
N GLN A 32 -10.16 -0.51 4.96
CA GLN A 32 -11.16 0.49 4.62
C GLN A 32 -11.17 0.76 3.12
N GLY A 33 -10.74 -0.23 2.34
CA GLY A 33 -10.70 -0.08 0.90
C GLY A 33 -10.28 1.31 0.46
N HIS A 34 -9.21 1.81 1.08
CA HIS A 34 -8.69 3.14 0.75
C HIS A 34 -7.49 3.04 -0.18
N VAL A 35 -6.84 1.87 -0.19
CA VAL A 35 -5.68 1.65 -1.03
C VAL A 35 -5.90 0.48 -1.98
N ARG A 36 -5.48 0.64 -3.23
CA ARG A 36 -5.64 -0.41 -4.23
C ARG A 36 -4.31 -0.70 -4.93
N VAL A 37 -4.19 -1.90 -5.48
CA VAL A 37 -2.97 -2.30 -6.18
C VAL A 37 -3.26 -2.65 -7.64
N GLY A 38 -2.77 -1.80 -8.54
CA GLY A 38 -2.99 -2.04 -9.96
C GLY A 38 -4.45 -2.18 -10.31
N PRO A 39 -4.75 -2.99 -11.34
CA PRO A 39 -6.12 -3.22 -11.79
C PRO A 39 -6.93 -4.04 -10.79
N ASP A 40 -6.32 -4.34 -9.66
CA ASP A 40 -7.00 -5.12 -8.61
C ASP A 40 -7.06 -4.34 -7.31
N VAL A 41 -8.24 -4.27 -6.71
CA VAL A 41 -8.43 -3.56 -5.46
C VAL A 41 -8.22 -4.48 -4.26
N VAL A 42 -7.20 -4.18 -3.47
CA VAL A 42 -6.90 -4.98 -2.29
C VAL A 42 -7.68 -4.50 -1.08
N THR A 43 -8.31 -5.44 -0.38
CA THR A 43 -9.10 -5.11 0.80
C THR A 43 -8.60 -5.87 2.03
N ASP A 44 -7.32 -6.20 2.02
CA ASP A 44 -6.71 -6.94 3.14
C ASP A 44 -5.24 -6.60 3.27
N PRO A 45 -4.79 -6.35 4.52
CA PRO A 45 -3.40 -6.01 4.81
C PRO A 45 -2.46 -7.20 4.60
N ALA A 46 -2.99 -8.41 4.76
CA ALA A 46 -2.20 -9.62 4.59
C ALA A 46 -1.76 -9.79 3.14
N PHE A 47 -2.23 -8.88 2.27
CA PHE A 47 -1.87 -8.94 0.86
C PHE A 47 -0.37 -8.76 0.66
N LEU A 48 0.24 -9.69 -0.07
CA LEU A 48 1.66 -9.64 -0.33
C LEU A 48 1.96 -8.81 -1.58
N VAL A 49 3.01 -8.00 -1.51
CA VAL A 49 3.41 -7.16 -2.63
C VAL A 49 4.87 -7.37 -2.99
N THR A 50 5.13 -7.70 -4.25
CA THR A 50 6.49 -7.93 -4.72
C THR A 50 7.05 -6.68 -5.40
N ARG A 51 8.31 -6.76 -5.81
CA ARG A 51 8.96 -5.64 -6.48
C ARG A 51 8.17 -5.21 -7.71
N SER A 52 7.22 -6.04 -8.14
CA SER A 52 6.41 -5.75 -9.30
C SER A 52 5.13 -5.01 -8.90
N MET A 53 4.54 -5.43 -7.80
CA MET A 53 3.31 -4.81 -7.29
C MET A 53 3.62 -3.47 -6.64
N GLU A 54 4.77 -3.39 -5.97
CA GLU A 54 5.16 -2.16 -5.29
C GLU A 54 4.89 -0.94 -6.16
N ASP A 55 5.36 -1.00 -7.41
CA ASP A 55 5.16 0.10 -8.34
C ASP A 55 3.69 0.26 -8.70
N PHE A 56 2.96 -0.84 -8.70
CA PHE A 56 1.54 -0.84 -9.02
C PHE A 56 0.70 -0.49 -7.79
N VAL A 57 1.25 0.36 -6.93
CA VAL A 57 0.56 0.77 -5.71
C VAL A 57 0.04 2.20 -5.84
N THR A 58 -1.28 2.34 -5.70
CA THR A 58 -1.91 3.66 -5.79
C THR A 58 -3.04 3.79 -4.79
N TRP A 59 -3.39 5.03 -4.46
CA TRP A 59 -4.47 5.30 -3.52
C TRP A 59 -5.82 5.28 -4.20
N VAL A 60 -6.79 4.63 -3.56
CA VAL A 60 -8.14 4.53 -4.11
C VAL A 60 -8.70 5.91 -4.44
N ASP A 61 -8.73 6.79 -3.45
CA ASP A 61 -9.23 8.15 -3.65
C ASP A 61 -8.17 9.18 -3.30
N SER A 62 -7.63 9.08 -2.08
CA SER A 62 -6.61 10.01 -1.62
C SER A 62 -7.15 11.43 -1.57
N SER A 63 -8.34 11.58 -0.99
CA SER A 63 -8.97 12.90 -0.87
C SER A 63 -8.88 13.42 0.55
N LYS A 64 -9.18 12.55 1.51
CA LYS A 64 -9.14 12.92 2.92
C LYS A 64 -8.30 11.93 3.72
N ILE A 65 -7.23 11.44 3.11
CA ILE A 65 -6.35 10.48 3.77
C ILE A 65 -5.22 11.19 4.51
N SER A 66 -4.50 10.44 5.35
CA SER A 66 -3.41 11.00 6.12
C SER A 66 -2.07 10.56 5.56
N GLY A 67 -1.25 11.52 5.14
CA GLY A 67 0.04 11.21 4.58
C GLY A 67 0.95 12.42 4.52
N PRO A 68 1.95 12.38 3.62
CA PRO A 68 2.91 13.47 3.44
C PRO A 68 2.27 14.72 2.84
N SER A 69 0.97 14.65 2.62
CA SER A 69 0.24 15.79 2.04
C SER A 69 0.73 17.10 2.62
N SER A 70 0.95 17.12 3.94
CA SER A 70 1.42 18.33 4.61
C SER A 70 2.44 17.97 5.69
N GLY A 71 3.36 18.90 5.95
CA GLY A 71 4.38 18.67 6.96
C GLY A 71 5.46 19.73 6.95
N GLY A 1 20.07 -1.20 -2.81
CA GLY A 1 19.12 -2.24 -3.18
C GLY A 1 19.32 -3.53 -2.41
N SER A 2 18.26 -4.01 -1.77
CA SER A 2 18.34 -5.24 -1.00
C SER A 2 17.78 -6.42 -1.79
N SER A 3 18.19 -7.63 -1.39
CA SER A 3 17.74 -8.84 -2.07
C SER A 3 17.53 -9.97 -1.07
N GLY A 4 16.60 -10.87 -1.39
CA GLY A 4 16.32 -11.99 -0.51
C GLY A 4 14.83 -12.22 -0.32
N SER A 5 14.09 -11.15 -0.06
CA SER A 5 12.65 -11.25 0.14
C SER A 5 11.92 -11.34 -1.20
N SER A 6 10.63 -11.63 -1.13
CA SER A 6 9.81 -11.75 -2.34
C SER A 6 8.56 -10.87 -2.24
N GLY A 7 7.68 -11.21 -1.31
CA GLY A 7 6.47 -10.43 -1.13
C GLY A 7 6.30 -9.93 0.29
N ARG A 8 5.71 -8.74 0.43
CA ARG A 8 5.49 -8.15 1.74
C ARG A 8 4.06 -7.63 1.87
N ARG A 9 3.58 -7.55 3.11
CA ARG A 9 2.23 -7.06 3.37
C ARG A 9 2.05 -5.64 2.87
N LEU A 10 0.83 -5.30 2.46
CA LEU A 10 0.54 -3.96 1.97
C LEU A 10 0.83 -2.91 3.03
N PRO A 11 0.45 -3.20 4.27
CA PRO A 11 0.66 -2.29 5.41
C PRO A 11 2.13 -1.87 5.54
N THR A 12 3.04 -2.83 5.38
CA THR A 12 4.46 -2.55 5.47
C THR A 12 4.94 -1.69 4.31
N VAL A 13 4.49 -2.04 3.10
CA VAL A 13 4.88 -1.30 1.90
C VAL A 13 4.44 0.15 1.99
N LEU A 14 3.29 0.38 2.62
CA LEU A 14 2.76 1.73 2.77
C LEU A 14 3.61 2.54 3.75
N LEU A 15 3.93 1.94 4.89
CA LEU A 15 4.74 2.60 5.91
C LEU A 15 6.12 2.96 5.36
N LYS A 16 6.70 2.05 4.59
CA LYS A 16 8.02 2.26 3.99
C LYS A 16 7.93 3.28 2.85
N LEU A 17 6.83 3.25 2.11
CA LEU A 17 6.64 4.17 1.00
C LEU A 17 6.11 5.51 1.48
N ARG A 18 6.28 5.78 2.78
CA ARG A 18 5.82 7.03 3.37
C ARG A 18 4.40 7.35 2.90
N MET A 19 3.63 6.31 2.60
CA MET A 19 2.26 6.50 2.15
C MET A 19 1.30 6.52 3.33
N ALA A 20 1.73 5.97 4.45
CA ALA A 20 0.90 5.94 5.66
C ALA A 20 1.64 6.56 6.85
N GLN A 21 0.93 6.78 7.94
CA GLN A 21 1.51 7.37 9.13
C GLN A 21 2.06 6.29 10.05
N HIS A 22 1.18 5.39 10.49
CA HIS A 22 1.58 4.30 11.39
C HIS A 22 0.98 2.98 10.92
N LEU A 23 1.39 1.89 11.57
CA LEU A 23 0.89 0.56 11.23
C LEU A 23 -0.63 0.50 11.34
N GLN A 24 -1.16 1.06 12.41
CA GLN A 24 -2.60 1.07 12.63
C GLN A 24 -3.32 1.79 11.49
N ALA A 25 -2.70 2.84 10.96
CA ALA A 25 -3.28 3.60 9.86
C ALA A 25 -3.26 2.79 8.57
N ALA A 26 -2.10 2.22 8.26
CA ALA A 26 -1.94 1.43 7.04
C ALA A 26 -2.91 0.24 7.03
N VAL A 27 -3.02 -0.42 8.18
CA VAL A 27 -3.90 -1.58 8.31
C VAL A 27 -5.37 -1.17 8.18
N ALA A 28 -5.74 -0.11 8.90
CA ALA A 28 -7.12 0.39 8.86
C ALA A 28 -7.48 0.89 7.47
N PHE A 29 -6.52 1.56 6.82
CA PHE A 29 -6.74 2.10 5.49
C PHE A 29 -7.04 0.98 4.49
N VAL A 30 -6.29 -0.11 4.58
CA VAL A 30 -6.48 -1.25 3.69
C VAL A 30 -7.86 -1.87 3.87
N GLU A 31 -8.27 -2.05 5.12
CA GLU A 31 -9.56 -2.63 5.42
C GLU A 31 -10.69 -1.71 4.96
N GLN A 32 -10.43 -0.41 4.98
CA GLN A 32 -11.43 0.57 4.57
C GLN A 32 -11.41 0.76 3.05
N GLY A 33 -10.74 -0.16 2.35
CA GLY A 33 -10.66 -0.08 0.91
C GLY A 33 -10.21 1.28 0.43
N HIS A 34 -9.19 1.84 1.09
CA HIS A 34 -8.67 3.15 0.72
C HIS A 34 -7.47 3.01 -0.21
N VAL A 35 -6.81 1.86 -0.15
CA VAL A 35 -5.64 1.60 -0.99
C VAL A 35 -5.88 0.41 -1.91
N ARG A 36 -5.43 0.54 -3.16
CA ARG A 36 -5.60 -0.53 -4.14
C ARG A 36 -4.28 -0.80 -4.85
N VAL A 37 -4.16 -2.00 -5.42
CA VAL A 37 -2.95 -2.40 -6.13
C VAL A 37 -3.27 -2.75 -7.59
N GLY A 38 -2.77 -1.93 -8.51
CA GLY A 38 -3.00 -2.17 -9.92
C GLY A 38 -4.48 -2.28 -10.25
N PRO A 39 -4.81 -3.08 -11.28
CA PRO A 39 -6.19 -3.29 -11.71
C PRO A 39 -7.00 -4.10 -10.70
N ASP A 40 -6.38 -4.41 -9.57
CA ASP A 40 -7.04 -5.18 -8.52
C ASP A 40 -7.09 -4.39 -7.22
N VAL A 41 -8.28 -4.30 -6.63
CA VAL A 41 -8.46 -3.58 -5.38
C VAL A 41 -8.25 -4.50 -4.17
N VAL A 42 -7.32 -4.12 -3.30
CA VAL A 42 -7.04 -4.92 -2.11
C VAL A 42 -7.70 -4.32 -0.87
N THR A 43 -8.29 -5.17 -0.05
CA THR A 43 -8.97 -4.72 1.16
C THR A 43 -8.36 -5.37 2.40
N ASP A 44 -7.52 -6.37 2.18
CA ASP A 44 -6.87 -7.08 3.27
C ASP A 44 -5.41 -6.64 3.41
N PRO A 45 -5.01 -6.29 4.64
CA PRO A 45 -3.64 -5.85 4.93
C PRO A 45 -2.63 -6.99 4.82
N ALA A 46 -3.14 -8.22 4.82
CA ALA A 46 -2.28 -9.39 4.72
C ALA A 46 -1.90 -9.68 3.26
N PHE A 47 -2.20 -8.73 2.39
CA PHE A 47 -1.89 -8.88 0.97
C PHE A 47 -0.40 -8.68 0.71
N LEU A 48 0.21 -9.67 0.06
CA LEU A 48 1.63 -9.61 -0.25
C LEU A 48 1.88 -8.89 -1.58
N VAL A 49 2.90 -8.06 -1.61
CA VAL A 49 3.24 -7.31 -2.82
C VAL A 49 4.69 -7.55 -3.23
N THR A 50 4.92 -7.64 -4.54
CA THR A 50 6.27 -7.87 -5.06
C THR A 50 6.92 -6.57 -5.50
N ARG A 51 8.24 -6.51 -5.40
CA ARG A 51 8.99 -5.32 -5.78
C ARG A 51 8.49 -4.76 -7.12
N SER A 52 8.00 -5.65 -7.97
CA SER A 52 7.49 -5.26 -9.28
C SER A 52 6.06 -4.73 -9.17
N MET A 53 5.30 -5.30 -8.24
CA MET A 53 3.92 -4.89 -8.03
C MET A 53 3.86 -3.60 -7.22
N GLU A 54 4.89 -3.36 -6.42
CA GLU A 54 4.94 -2.17 -5.58
C GLU A 54 4.73 -0.91 -6.42
N ASP A 55 5.32 -0.88 -7.61
CA ASP A 55 5.20 0.26 -8.51
C ASP A 55 3.75 0.44 -8.95
N PHE A 56 2.98 -0.63 -8.88
CA PHE A 56 1.58 -0.60 -9.28
C PHE A 56 0.67 -0.35 -8.08
N VAL A 57 1.19 0.39 -7.10
CA VAL A 57 0.42 0.71 -5.90
C VAL A 57 -0.09 2.15 -5.94
N THR A 58 -1.41 2.29 -5.85
CA THR A 58 -2.03 3.62 -5.87
C THR A 58 -3.18 3.70 -4.88
N TRP A 59 -3.53 4.91 -4.48
CA TRP A 59 -4.63 5.13 -3.54
C TRP A 59 -5.97 5.18 -4.26
N VAL A 60 -7.00 4.70 -3.60
CA VAL A 60 -8.35 4.69 -4.18
C VAL A 60 -8.87 6.10 -4.36
N ASP A 61 -8.88 6.87 -3.27
CA ASP A 61 -9.35 8.25 -3.32
C ASP A 61 -8.20 9.24 -3.15
N SER A 62 -7.18 8.83 -2.40
CA SER A 62 -6.02 9.67 -2.17
C SER A 62 -4.97 9.47 -3.25
N SER A 63 -5.43 9.30 -4.49
CA SER A 63 -4.55 9.10 -5.62
C SER A 63 -3.80 10.38 -5.97
N LYS A 64 -4.55 11.39 -6.39
CA LYS A 64 -3.96 12.67 -6.76
C LYS A 64 -3.20 13.28 -5.59
N ILE A 65 -3.83 13.30 -4.42
CA ILE A 65 -3.20 13.85 -3.23
C ILE A 65 -1.71 13.56 -3.20
N SER A 66 -1.35 12.30 -3.43
CA SER A 66 0.05 11.89 -3.44
C SER A 66 0.42 11.25 -4.77
N GLY A 67 1.10 12.02 -5.62
CA GLY A 67 1.51 11.51 -6.92
C GLY A 67 1.93 12.61 -7.87
N PRO A 68 3.20 13.05 -7.76
CA PRO A 68 3.75 14.11 -8.60
C PRO A 68 3.93 13.67 -10.05
N SER A 69 3.60 12.40 -10.32
CA SER A 69 3.73 11.85 -11.67
C SER A 69 3.19 12.83 -12.71
N SER A 70 3.99 13.09 -13.74
CA SER A 70 3.60 14.00 -14.80
C SER A 70 2.28 13.57 -15.44
N GLY A 71 2.25 12.34 -15.95
CA GLY A 71 1.04 11.83 -16.57
C GLY A 71 1.14 11.80 -18.09
N GLY A 1 7.99 -21.47 -11.44
CA GLY A 1 9.03 -20.86 -10.64
C GLY A 1 8.72 -20.89 -9.15
N SER A 2 9.72 -20.57 -8.33
CA SER A 2 9.54 -20.56 -6.89
C SER A 2 9.36 -19.14 -6.36
N SER A 3 8.11 -18.70 -6.30
CA SER A 3 7.80 -17.36 -5.82
C SER A 3 7.14 -17.42 -4.44
N GLY A 4 7.94 -17.24 -3.40
CA GLY A 4 7.42 -17.28 -2.05
C GLY A 4 8.12 -16.29 -1.14
N SER A 5 9.45 -16.38 -1.09
CA SER A 5 10.24 -15.49 -0.24
C SER A 5 9.86 -14.03 -0.48
N SER A 6 9.60 -13.69 -1.73
CA SER A 6 9.24 -12.32 -2.10
C SER A 6 7.76 -12.07 -1.82
N GLY A 7 7.46 -10.89 -1.28
CA GLY A 7 6.08 -10.54 -0.98
C GLY A 7 5.93 -10.01 0.43
N ARG A 8 5.51 -8.75 0.54
CA ARG A 8 5.32 -8.13 1.85
C ARG A 8 3.89 -7.60 2.00
N ARG A 9 3.43 -7.49 3.24
CA ARG A 9 2.09 -7.01 3.51
C ARG A 9 1.91 -5.58 2.99
N LEU A 10 0.70 -5.29 2.52
CA LEU A 10 0.39 -3.97 1.99
C LEU A 10 0.70 -2.88 3.01
N PRO A 11 0.34 -3.14 4.28
CA PRO A 11 0.58 -2.20 5.38
C PRO A 11 2.03 -1.74 5.46
N THR A 12 2.95 -2.69 5.28
CA THR A 12 4.38 -2.39 5.32
C THR A 12 4.81 -1.57 4.12
N VAL A 13 4.33 -1.96 2.94
CA VAL A 13 4.67 -1.26 1.71
C VAL A 13 4.21 0.19 1.76
N LEU A 14 3.08 0.43 2.42
CA LEU A 14 2.54 1.78 2.55
C LEU A 14 3.38 2.62 3.48
N LEU A 15 3.73 2.04 4.63
CA LEU A 15 4.54 2.74 5.62
C LEU A 15 5.92 3.09 5.06
N LYS A 16 6.43 2.24 4.18
CA LYS A 16 7.73 2.45 3.56
C LYS A 16 7.64 3.52 2.47
N LEU A 17 6.54 3.52 1.73
CA LEU A 17 6.33 4.49 0.67
C LEU A 17 5.76 5.79 1.22
N ARG A 18 5.99 6.03 2.51
CA ARG A 18 5.50 7.24 3.16
C ARG A 18 4.02 7.46 2.85
N MET A 19 3.31 6.38 2.59
CA MET A 19 1.88 6.45 2.28
C MET A 19 1.05 6.54 3.56
N ALA A 20 1.51 5.85 4.60
CA ALA A 20 0.81 5.85 5.88
C ALA A 20 1.72 6.35 7.00
N GLN A 21 1.16 6.49 8.19
CA GLN A 21 1.93 6.95 9.35
C GLN A 21 2.43 5.77 10.17
N HIS A 22 1.50 5.01 10.74
CA HIS A 22 1.86 3.85 11.55
C HIS A 22 1.16 2.59 11.04
N LEU A 23 1.50 1.45 11.63
CA LEU A 23 0.91 0.17 11.23
C LEU A 23 -0.61 0.22 11.35
N GLN A 24 -1.10 0.79 12.44
CA GLN A 24 -2.53 0.90 12.68
C GLN A 24 -3.19 1.75 11.60
N ALA A 25 -2.52 2.81 11.19
CA ALA A 25 -3.05 3.70 10.16
C ALA A 25 -3.10 3.01 8.80
N ALA A 26 -2.00 2.35 8.44
CA ALA A 26 -1.91 1.64 7.17
C ALA A 26 -2.89 0.47 7.13
N VAL A 27 -2.97 -0.26 8.23
CA VAL A 27 -3.87 -1.41 8.32
C VAL A 27 -5.32 -1.00 8.15
N ALA A 28 -5.71 0.08 8.83
CA ALA A 28 -7.07 0.59 8.75
C ALA A 28 -7.43 0.99 7.32
N PHE A 29 -6.49 1.66 6.65
CA PHE A 29 -6.69 2.10 5.28
C PHE A 29 -6.94 0.92 4.35
N VAL A 30 -6.17 -0.15 4.55
CA VAL A 30 -6.30 -1.35 3.73
C VAL A 30 -7.70 -1.94 3.85
N GLU A 31 -8.13 -2.19 5.08
CA GLU A 31 -9.46 -2.75 5.33
C GLU A 31 -10.55 -1.76 4.93
N GLN A 32 -10.19 -0.49 4.84
CA GLN A 32 -11.13 0.55 4.48
C GLN A 32 -11.12 0.80 2.96
N GLY A 33 -10.65 -0.20 2.22
CA GLY A 33 -10.59 -0.07 0.77
C GLY A 33 -10.17 1.31 0.32
N HIS A 34 -9.16 1.87 1.00
CA HIS A 34 -8.66 3.19 0.66
C HIS A 34 -7.47 3.11 -0.27
N VAL A 35 -6.79 1.96 -0.26
CA VAL A 35 -5.62 1.74 -1.10
C VAL A 35 -5.83 0.55 -2.02
N ARG A 36 -5.33 0.66 -3.25
CA ARG A 36 -5.45 -0.42 -4.22
C ARG A 36 -4.11 -0.70 -4.90
N VAL A 37 -3.96 -1.91 -5.41
CA VAL A 37 -2.73 -2.31 -6.09
C VAL A 37 -2.99 -2.70 -7.53
N GLY A 38 -2.48 -1.89 -8.46
CA GLY A 38 -2.67 -2.16 -9.87
C GLY A 38 -4.12 -2.31 -10.25
N PRO A 39 -4.41 -3.14 -11.26
CA PRO A 39 -5.77 -3.38 -11.74
C PRO A 39 -6.60 -4.17 -10.73
N ASP A 40 -6.02 -4.45 -9.57
CA ASP A 40 -6.70 -5.20 -8.52
C ASP A 40 -6.79 -4.38 -7.25
N VAL A 41 -8.00 -4.30 -6.68
CA VAL A 41 -8.22 -3.55 -5.46
C VAL A 41 -8.04 -4.44 -4.23
N VAL A 42 -6.98 -4.19 -3.47
CA VAL A 42 -6.69 -4.96 -2.27
C VAL A 42 -7.27 -4.28 -1.02
N THR A 43 -7.96 -5.07 -0.20
CA THR A 43 -8.57 -4.55 1.02
C THR A 43 -8.05 -5.29 2.25
N ASP A 44 -7.25 -6.32 2.02
CA ASP A 44 -6.69 -7.12 3.11
C ASP A 44 -5.27 -6.67 3.43
N PRO A 45 -5.00 -6.42 4.72
CA PRO A 45 -3.68 -5.98 5.20
C PRO A 45 -2.64 -7.09 5.09
N ALA A 46 -3.10 -8.32 4.93
CA ALA A 46 -2.19 -9.46 4.81
C ALA A 46 -1.82 -9.71 3.36
N PHE A 47 -2.21 -8.79 2.48
CA PHE A 47 -1.92 -8.92 1.06
C PHE A 47 -0.42 -8.73 0.80
N LEU A 48 0.19 -9.71 0.13
CA LEU A 48 1.60 -9.65 -0.18
C LEU A 48 1.85 -8.86 -1.45
N VAL A 49 2.90 -8.04 -1.45
CA VAL A 49 3.24 -7.22 -2.61
C VAL A 49 4.66 -7.53 -3.09
N THR A 50 4.79 -7.74 -4.40
CA THR A 50 6.08 -8.05 -4.99
C THR A 50 6.72 -6.80 -5.59
N ARG A 51 7.98 -6.93 -6.02
CA ARG A 51 8.70 -5.81 -6.61
C ARG A 51 7.91 -5.21 -7.77
N SER A 52 6.95 -5.96 -8.28
CA SER A 52 6.13 -5.50 -9.39
C SER A 52 4.91 -4.74 -8.89
N MET A 53 4.32 -5.23 -7.80
CA MET A 53 3.14 -4.60 -7.21
C MET A 53 3.53 -3.34 -6.45
N GLU A 54 4.79 -3.27 -6.02
CA GLU A 54 5.28 -2.11 -5.28
C GLU A 54 5.07 -0.83 -6.07
N ASP A 55 5.59 -0.81 -7.30
CA ASP A 55 5.46 0.35 -8.16
C ASP A 55 4.05 0.47 -8.73
N PHE A 56 3.18 -0.47 -8.34
CA PHE A 56 1.81 -0.48 -8.80
C PHE A 56 0.85 -0.16 -7.66
N VAL A 57 1.36 0.53 -6.64
CA VAL A 57 0.55 0.89 -5.49
C VAL A 57 -0.02 2.30 -5.64
N THR A 58 -1.35 2.40 -5.62
CA THR A 58 -2.02 3.69 -5.74
C THR A 58 -3.23 3.77 -4.83
N TRP A 59 -3.64 5.00 -4.52
CA TRP A 59 -4.79 5.22 -3.65
C TRP A 59 -6.09 5.16 -4.44
N VAL A 60 -7.06 4.41 -3.93
CA VAL A 60 -8.35 4.26 -4.57
C VAL A 60 -8.79 5.58 -5.21
N ASP A 61 -8.70 6.66 -4.45
CA ASP A 61 -9.10 7.97 -4.93
C ASP A 61 -8.01 9.01 -4.62
N SER A 62 -7.36 9.51 -5.66
CA SER A 62 -6.30 10.49 -5.50
C SER A 62 -6.79 11.89 -5.89
N SER A 63 -7.92 12.28 -5.31
CA SER A 63 -8.50 13.59 -5.61
C SER A 63 -7.96 14.64 -4.65
N LYS A 64 -8.18 14.44 -3.36
CA LYS A 64 -7.71 15.38 -2.35
C LYS A 64 -6.81 14.67 -1.33
N ILE A 65 -5.94 13.80 -1.83
CA ILE A 65 -5.02 13.07 -0.96
C ILE A 65 -3.75 13.86 -0.71
N SER A 66 -3.03 13.51 0.34
CA SER A 66 -1.79 14.19 0.70
C SER A 66 -0.67 13.81 -0.26
N GLY A 67 -0.40 14.69 -1.23
CA GLY A 67 0.65 14.42 -2.19
C GLY A 67 0.49 15.24 -3.45
N PRO A 68 1.63 15.61 -4.07
CA PRO A 68 1.63 16.41 -5.30
C PRO A 68 1.12 15.62 -6.50
N SER A 69 1.04 14.31 -6.35
CA SER A 69 0.57 13.44 -7.43
C SER A 69 1.35 13.70 -8.72
N SER A 70 2.66 13.89 -8.57
CA SER A 70 3.52 14.14 -9.72
C SER A 70 4.01 12.84 -10.35
N GLY A 71 3.54 12.57 -11.57
CA GLY A 71 3.93 11.35 -12.26
C GLY A 71 3.32 11.24 -13.64
#